data_6BUI
#
_entry.id   6BUI
#
_cell.length_a   140.182
_cell.length_b   242.062
_cell.length_c   96.235
_cell.angle_alpha   90.000
_cell.angle_beta   90.000
_cell.angle_gamma   90.000
#
_symmetry.space_group_name_H-M   'P 21 21 2'
#
_entity_poly.entity_id   1
_entity_poly.type   'polypeptide(L)'
_entity_poly.pdbx_seq_one_letter_code
;MIDFLKQLPHLEPYGNPFYFIYLGIALLPIFIGLFFKKRFAIYECLVSITFIVLALTGTHASQILALLFYIVWQIIWVYS
YKRYRSQRDNKWVFYLHSFLVVLPLILVKVEPTINGTQSLLNFLGISYLTFRAVGMIIEMRDGVLKEFTLGEFLRFMLFM
PTFTSGPIDRFKRFNEDYQSIPNRDELLNMLEQAVKYIMLGFLYKFVLAQIFGSMLLPPLKAQALSQGGIFNLPTLGVMY
VYGFDLFFDFAGYSMFALAVSNLMGIKSPINFDKPFISRDMKEFWNRWHMSLSFWFRDFVFMRLVIVLMRNKVFKNRNTT
SNVAYIINMMVMGFWHGITWYYIAYGIFHGIGLVINDAWLRKKKTINKDRKKAGLKPLPENKWTKALGIFITFNTVMLSF
LIFSGFLNDLWFTKKLEHHHHHHHH
;
_entity_poly.pdbx_strand_id   C,A,B,D
#
# COMPACT_ATOMS: atom_id res chain seq x y z
N MET A 1 -8.44 -32.78 -17.00
CA MET A 1 -7.91 -33.30 -15.70
C MET A 1 -9.08 -33.52 -14.73
N ILE A 2 -9.74 -32.42 -14.35
CA ILE A 2 -10.97 -32.43 -13.55
C ILE A 2 -12.18 -32.77 -14.45
N ASP A 3 -11.97 -32.59 -15.77
CA ASP A 3 -13.03 -32.64 -16.78
C ASP A 3 -13.49 -34.06 -17.18
N PHE A 4 -12.54 -34.95 -17.47
CA PHE A 4 -12.84 -36.34 -17.94
C PHE A 4 -13.68 -37.18 -16.96
N LEU A 5 -13.32 -37.10 -15.69
CA LEU A 5 -13.91 -37.92 -14.63
C LEU A 5 -15.32 -37.47 -14.22
N LYS A 6 -15.68 -36.24 -14.58
CA LYS A 6 -17.05 -35.71 -14.48
C LYS A 6 -17.91 -36.17 -15.66
N GLN A 7 -17.25 -36.72 -16.69
CA GLN A 7 -17.91 -37.29 -17.86
C GLN A 7 -17.88 -38.84 -17.82
N LEU A 8 -17.67 -39.38 -16.62
CA LEU A 8 -17.67 -40.83 -16.34
C LEU A 8 -18.81 -41.14 -15.35
N PRO A 9 -19.61 -42.21 -15.60
CA PRO A 9 -20.84 -42.49 -14.84
C PRO A 9 -20.64 -42.78 -13.35
N HIS A 10 -21.57 -42.26 -12.54
CA HIS A 10 -21.52 -42.41 -11.09
C HIS A 10 -22.30 -43.63 -10.62
N LEU A 11 -21.62 -44.52 -9.90
CA LEU A 11 -22.26 -45.67 -9.28
C LEU A 11 -22.20 -45.62 -7.76
N GLU A 12 -23.32 -45.21 -7.17
CA GLU A 12 -23.55 -45.28 -5.72
C GLU A 12 -23.31 -46.69 -5.20
N PRO A 13 -22.30 -46.87 -4.30
CA PRO A 13 -21.95 -48.24 -3.86
C PRO A 13 -23.09 -48.91 -3.06
N TYR A 14 -23.51 -50.07 -3.55
CA TYR A 14 -24.72 -50.78 -3.11
C TYR A 14 -25.96 -49.90 -3.21
N GLY A 15 -26.08 -49.17 -4.32
CA GLY A 15 -27.14 -48.18 -4.51
C GLY A 15 -28.47 -48.72 -4.98
N ASN A 16 -28.43 -49.75 -5.81
CA ASN A 16 -29.63 -50.43 -6.32
C ASN A 16 -29.36 -51.94 -6.49
N PRO A 17 -30.39 -52.74 -6.86
CA PRO A 17 -30.16 -54.15 -7.21
C PRO A 17 -29.16 -54.34 -8.35
N PHE A 18 -29.20 -53.44 -9.35
CA PHE A 18 -28.41 -53.54 -10.56
C PHE A 18 -26.89 -53.48 -10.34
N TYR A 19 -26.48 -52.73 -9.31
CA TYR A 19 -25.09 -52.66 -8.85
C TYR A 19 -24.45 -54.03 -8.64
N PHE A 20 -25.24 -54.98 -8.13
CA PHE A 20 -24.76 -56.32 -7.82
C PHE A 20 -24.48 -57.17 -9.04
N ILE A 21 -25.13 -56.87 -10.17
CA ILE A 21 -24.82 -57.52 -11.45
C ILE A 21 -23.37 -57.23 -11.85
N TYR A 22 -23.00 -55.94 -11.90
CA TYR A 22 -21.64 -55.49 -12.25
C TYR A 22 -20.58 -56.03 -11.32
N LEU A 23 -20.78 -55.80 -10.03
CA LEU A 23 -19.85 -56.23 -8.99
C LEU A 23 -19.73 -57.76 -8.93
N GLY A 24 -20.85 -58.45 -9.17
CA GLY A 24 -20.88 -59.91 -9.24
C GLY A 24 -19.98 -60.44 -10.33
N ILE A 25 -20.22 -60.01 -11.56
CA ILE A 25 -19.39 -60.35 -12.73
C ILE A 25 -17.91 -60.06 -12.44
N ALA A 26 -17.64 -58.84 -11.98
CA ALA A 26 -16.33 -58.38 -11.56
C ALA A 26 -15.62 -59.36 -10.62
N LEU A 27 -16.26 -59.73 -9.53
CA LEU A 27 -15.64 -60.54 -8.47
C LEU A 27 -15.57 -62.04 -8.76
N LEU A 28 -16.40 -62.50 -9.70
CA LEU A 28 -16.50 -63.92 -10.06
C LEU A 28 -15.14 -64.62 -10.29
N PRO A 29 -14.22 -64.02 -11.09
CA PRO A 29 -12.90 -64.65 -11.27
C PRO A 29 -12.07 -64.73 -10.00
N ILE A 30 -12.13 -63.68 -9.16
CA ILE A 30 -11.42 -63.64 -7.88
C ILE A 30 -11.85 -64.82 -7.01
N PHE A 31 -13.16 -65.02 -6.93
CA PHE A 31 -13.76 -66.06 -6.10
C PHE A 31 -13.40 -67.47 -6.56
N ILE A 32 -13.61 -67.75 -7.85
CA ILE A 32 -13.20 -69.03 -8.48
C ILE A 32 -11.71 -69.27 -8.22
N GLY A 33 -10.91 -68.19 -8.32
CA GLY A 33 -9.51 -68.21 -7.95
C GLY A 33 -9.23 -68.80 -6.58
N LEU A 34 -9.98 -68.30 -5.59
CA LEU A 34 -9.80 -68.72 -4.19
C LEU A 34 -9.95 -70.22 -3.97
N PHE A 35 -10.61 -70.92 -4.90
CA PHE A 35 -10.75 -72.38 -4.86
C PHE A 35 -9.51 -73.15 -5.25
N PHE A 36 -8.60 -72.48 -5.96
CA PHE A 36 -7.34 -73.09 -6.37
C PHE A 36 -6.16 -72.46 -5.64
N LYS A 37 -6.44 -71.88 -4.48
CA LYS A 37 -5.47 -71.15 -3.63
C LYS A 37 -4.71 -70.02 -4.37
N LYS A 38 -5.31 -69.51 -5.45
CA LYS A 38 -4.71 -68.41 -6.20
C LYS A 38 -5.43 -67.07 -6.00
N ARG A 39 -4.64 -66.00 -6.01
CA ARG A 39 -5.17 -64.64 -6.07
C ARG A 39 -4.59 -63.95 -7.30
N PHE A 40 -5.32 -62.96 -7.84
CA PHE A 40 -4.85 -62.24 -9.01
C PHE A 40 -4.67 -60.76 -8.70
N ALA A 41 -3.52 -60.45 -8.11
CA ALA A 41 -3.21 -59.15 -7.50
C ALA A 41 -3.49 -57.94 -8.40
N ILE A 42 -3.06 -58.00 -9.67
CA ILE A 42 -3.26 -56.90 -10.60
C ILE A 42 -4.75 -56.76 -10.92
N TYR A 43 -5.41 -57.89 -11.20
CA TYR A 43 -6.84 -57.90 -11.48
C TYR A 43 -7.66 -57.39 -10.29
N GLU A 44 -7.29 -57.82 -9.09
CA GLU A 44 -7.88 -57.34 -7.84
C GLU A 44 -7.71 -55.82 -7.68
N CYS A 45 -6.51 -55.33 -7.97
CA CYS A 45 -6.22 -53.89 -7.88
C CYS A 45 -7.01 -53.06 -8.87
N LEU A 46 -7.21 -53.60 -10.06
CA LEU A 46 -7.94 -52.93 -11.12
C LEU A 46 -9.41 -52.77 -10.77
N VAL A 47 -10.02 -53.88 -10.36
CA VAL A 47 -11.46 -53.92 -10.04
C VAL A 47 -11.79 -53.12 -8.76
N SER A 48 -10.84 -53.04 -7.82
CA SER A 48 -10.98 -52.19 -6.62
C SER A 48 -10.94 -50.71 -6.97
N ILE A 49 -9.93 -50.33 -7.74
CA ILE A 49 -9.75 -48.97 -8.24
C ILE A 49 -10.99 -48.46 -9.02
N THR A 50 -11.61 -49.34 -9.81
CA THR A 50 -12.80 -49.02 -10.61
C THR A 50 -13.99 -48.62 -9.74
N PHE A 51 -14.39 -49.50 -8.84
CA PHE A 51 -15.58 -49.29 -8.02
C PHE A 51 -15.43 -48.16 -7.00
N ILE A 52 -14.20 -47.93 -6.51
CA ILE A 52 -13.87 -46.75 -5.68
C ILE A 52 -14.04 -45.48 -6.51
N VAL A 53 -13.41 -45.44 -7.68
CA VAL A 53 -13.50 -44.29 -8.59
C VAL A 53 -14.97 -44.01 -8.96
N LEU A 54 -15.71 -45.05 -9.35
CA LEU A 54 -17.13 -44.90 -9.73
C LEU A 54 -18.02 -44.40 -8.58
N ALA A 55 -17.66 -44.77 -7.35
CA ALA A 55 -18.30 -44.26 -6.13
C ALA A 55 -18.01 -42.79 -5.90
N LEU A 56 -16.87 -42.34 -6.43
CA LEU A 56 -16.34 -41.00 -6.20
C LEU A 56 -16.52 -40.03 -7.38
N THR A 57 -16.94 -40.54 -8.53
CA THR A 57 -17.11 -39.71 -9.73
C THR A 57 -18.52 -39.15 -9.84
N GLY A 58 -18.93 -38.39 -8.83
CA GLY A 58 -20.23 -37.71 -8.86
C GLY A 58 -20.18 -36.43 -9.69
N THR A 59 -21.10 -35.52 -9.41
CA THR A 59 -21.05 -34.17 -9.98
C THR A 59 -19.88 -33.38 -9.36
N HIS A 60 -19.57 -33.71 -8.09
CA HIS A 60 -18.28 -33.35 -7.50
C HIS A 60 -17.30 -34.53 -7.56
N ALA A 61 -16.75 -34.73 -8.77
CA ALA A 61 -15.78 -35.80 -9.07
C ALA A 61 -14.33 -35.39 -8.78
N SER A 62 -14.16 -34.16 -8.28
CA SER A 62 -12.88 -33.61 -7.85
C SER A 62 -12.26 -34.37 -6.67
N GLN A 63 -13.11 -35.02 -5.88
CA GLN A 63 -12.69 -35.78 -4.70
C GLN A 63 -11.75 -36.96 -4.98
N ILE A 64 -11.57 -37.33 -6.25
CA ILE A 64 -10.59 -38.36 -6.61
C ILE A 64 -9.16 -37.85 -6.37
N LEU A 65 -8.96 -36.55 -6.61
CA LEU A 65 -7.71 -35.85 -6.30
C LEU A 65 -7.52 -35.77 -4.80
N ALA A 66 -8.61 -35.50 -4.08
CA ALA A 66 -8.62 -35.44 -2.62
C ALA A 66 -8.22 -36.78 -2.02
N LEU A 67 -8.69 -37.87 -2.66
CA LEU A 67 -8.31 -39.23 -2.29
C LEU A 67 -6.83 -39.50 -2.60
N LEU A 68 -6.42 -39.08 -3.81
CA LEU A 68 -5.03 -39.18 -4.25
C LEU A 68 -4.07 -38.49 -3.30
N PHE A 69 -4.39 -37.25 -2.96
CA PHE A 69 -3.64 -36.45 -1.98
C PHE A 69 -3.52 -37.24 -0.68
N TYR A 70 -4.68 -37.65 -0.17
CA TYR A 70 -4.81 -38.37 1.09
C TYR A 70 -3.92 -39.63 1.12
N ILE A 71 -3.99 -40.45 0.06
CA ILE A 71 -3.20 -41.68 -0.04
C ILE A 71 -1.71 -41.38 0.13
N VAL A 72 -1.22 -40.38 -0.62
CA VAL A 72 0.17 -39.94 -0.55
C VAL A 72 0.51 -39.45 0.87
N TRP A 73 -0.30 -38.50 1.37
CA TRP A 73 -0.18 -37.92 2.71
C TRP A 73 0.00 -38.98 3.81
N GLN A 74 -0.81 -40.03 3.76
CA GLN A 74 -0.76 -41.12 4.73
C GLN A 74 0.50 -41.97 4.59
N ILE A 75 0.91 -42.25 3.34
CA ILE A 75 2.13 -43.01 3.06
C ILE A 75 3.33 -42.34 3.73
N ILE A 76 3.39 -41.00 3.62
CA ILE A 76 4.41 -40.18 4.29
C ILE A 76 4.43 -40.42 5.79
N TRP A 77 3.33 -40.16 6.47
CA TRP A 77 3.33 -40.16 7.92
C TRP A 77 3.39 -41.54 8.56
N VAL A 78 2.88 -42.55 7.85
CA VAL A 78 2.94 -43.95 8.32
C VAL A 78 4.40 -44.44 8.21
N TYR A 79 5.06 -44.13 7.09
CA TYR A 79 6.47 -44.48 6.93
C TYR A 79 7.39 -43.61 7.76
N SER A 80 7.00 -42.35 7.92
CA SER A 80 7.71 -41.40 8.78
C SER A 80 7.85 -41.96 10.19
N TYR A 81 6.76 -42.49 10.74
CA TYR A 81 6.80 -43.09 12.06
C TYR A 81 7.44 -44.49 12.07
N LYS A 82 7.25 -45.26 10.99
CA LYS A 82 7.77 -46.64 10.90
C LYS A 82 9.29 -46.65 10.96
N ARG A 83 9.90 -45.80 10.12
CA ARG A 83 11.35 -45.57 10.05
C ARG A 83 11.88 -45.04 11.39
N TYR A 84 11.12 -44.12 12.01
CA TYR A 84 11.47 -43.52 13.30
C TYR A 84 11.45 -44.52 14.48
N ARG A 85 10.37 -45.29 14.58
CA ARG A 85 10.15 -46.20 15.71
C ARG A 85 11.10 -47.42 15.71
N SER A 86 11.88 -47.58 14.64
CA SER A 86 12.94 -48.60 14.54
C SER A 86 13.99 -48.40 15.64
N GLN A 87 14.42 -47.15 15.82
CA GLN A 87 15.56 -46.79 16.68
C GLN A 87 15.13 -46.08 17.96
N ARG A 88 14.35 -45.01 17.80
CA ARG A 88 13.88 -44.19 18.91
C ARG A 88 12.37 -44.34 19.11
N ASP A 89 11.94 -44.32 20.37
CA ASP A 89 10.52 -44.34 20.74
C ASP A 89 10.21 -43.25 21.77
N ASN A 90 9.53 -42.20 21.31
CA ASN A 90 9.21 -41.05 22.16
C ASN A 90 7.73 -40.74 22.17
N LYS A 91 7.27 -40.23 23.30
CA LYS A 91 5.87 -39.83 23.51
C LYS A 91 5.41 -38.74 22.55
N TRP A 92 6.21 -37.66 22.42
CA TRP A 92 5.79 -36.47 21.68
C TRP A 92 5.87 -36.59 20.16
N VAL A 93 6.79 -37.41 19.67
CA VAL A 93 6.89 -37.73 18.22
C VAL A 93 5.66 -38.54 17.78
N PHE A 94 5.23 -39.45 18.65
CA PHE A 94 4.01 -40.24 18.48
C PHE A 94 2.78 -39.35 18.30
N TYR A 95 2.53 -38.46 19.26
CA TYR A 95 1.39 -37.54 19.22
C TYR A 95 1.34 -36.72 17.94
N LEU A 96 2.49 -36.19 17.53
CA LEU A 96 2.59 -35.34 16.34
C LEU A 96 2.21 -36.09 15.08
N HIS A 97 2.73 -37.32 14.96
CA HIS A 97 2.37 -38.23 13.87
C HIS A 97 0.88 -38.55 13.86
N SER A 98 0.37 -38.97 15.02
CA SER A 98 -1.05 -39.25 15.23
C SER A 98 -1.93 -38.09 14.79
N PHE A 99 -1.58 -36.89 15.25
CA PHE A 99 -2.25 -35.64 14.87
C PHE A 99 -2.26 -35.43 13.38
N LEU A 100 -1.08 -35.57 12.75
CA LEU A 100 -0.90 -35.38 11.31
C LEU A 100 -1.71 -36.37 10.46
N VAL A 101 -1.86 -37.60 10.96
CA VAL A 101 -2.65 -38.64 10.31
C VAL A 101 -4.15 -38.32 10.35
N VAL A 102 -4.61 -37.79 11.49
CA VAL A 102 -6.01 -37.39 11.66
C VAL A 102 -6.30 -35.97 11.16
N LEU A 103 -5.24 -35.22 10.91
CA LEU A 103 -5.33 -33.82 10.48
C LEU A 103 -6.20 -33.56 9.24
N PRO A 104 -6.12 -34.43 8.19
CA PRO A 104 -7.03 -34.22 7.05
C PRO A 104 -8.50 -34.41 7.42
N LEU A 105 -8.79 -35.40 8.27
CA LEU A 105 -10.15 -35.62 8.79
C LEU A 105 -10.66 -34.45 9.63
N ILE A 106 -9.82 -33.95 10.56
CA ILE A 106 -10.16 -32.80 11.43
C ILE A 106 -10.58 -31.61 10.57
N LEU A 107 -9.77 -31.28 9.57
CA LEU A 107 -10.03 -30.19 8.63
C LEU A 107 -11.33 -30.35 7.85
N VAL A 108 -11.67 -31.59 7.47
CA VAL A 108 -12.94 -31.89 6.80
C VAL A 108 -14.12 -31.62 7.73
N LYS A 109 -13.98 -31.99 9.00
CA LYS A 109 -15.02 -31.81 10.03
C LYS A 109 -15.13 -30.37 10.51
N VAL A 110 -13.99 -29.69 10.64
CA VAL A 110 -13.93 -28.30 11.14
C VAL A 110 -14.38 -27.29 10.07
N GLU A 111 -14.30 -27.66 8.81
CA GLU A 111 -14.60 -26.74 7.69
C GLU A 111 -16.03 -26.19 7.61
N PRO A 112 -17.08 -27.03 7.71
CA PRO A 112 -18.43 -26.44 7.64
C PRO A 112 -18.81 -25.61 8.89
N THR A 113 -18.04 -25.74 9.96
CA THR A 113 -18.31 -25.00 11.19
C THR A 113 -17.45 -23.74 11.28
N ILE A 114 -17.05 -23.23 10.12
CA ILE A 114 -16.23 -22.03 10.07
C ILE A 114 -16.55 -21.19 8.83
N ASN A 115 -16.92 -21.87 7.75
CA ASN A 115 -17.25 -21.19 6.50
C ASN A 115 -18.64 -21.59 6.00
N GLY A 116 -19.02 -22.83 6.28
CA GLY A 116 -20.33 -23.34 5.86
C GLY A 116 -20.22 -24.03 4.51
N THR A 117 -19.03 -24.55 4.22
CA THR A 117 -18.73 -25.30 2.99
C THR A 117 -17.86 -26.50 3.33
N GLN A 118 -17.74 -27.42 2.36
CA GLN A 118 -16.89 -28.60 2.50
C GLN A 118 -15.42 -28.25 2.26
N SER A 119 -14.54 -28.96 2.96
CA SER A 119 -13.11 -28.94 2.68
C SER A 119 -12.85 -29.56 1.31
N LEU A 120 -11.86 -29.03 0.60
CA LEU A 120 -11.44 -29.62 -0.67
C LEU A 120 -10.68 -30.94 -0.43
N LEU A 121 -10.29 -31.20 0.82
CA LEU A 121 -9.65 -32.45 1.20
C LEU A 121 -10.59 -33.65 1.29
N ASN A 122 -11.89 -33.35 1.29
CA ASN A 122 -12.95 -34.32 1.53
C ASN A 122 -13.24 -35.24 0.36
N PHE A 123 -13.35 -36.54 0.66
CA PHE A 123 -13.80 -37.57 -0.26
C PHE A 123 -14.63 -38.56 0.52
N LEU A 124 -15.49 -39.32 -0.15
CA LEU A 124 -16.48 -40.16 0.52
C LEU A 124 -15.99 -40.95 1.74
N GLY A 125 -15.13 -41.94 1.54
CA GLY A 125 -14.72 -42.82 2.65
C GLY A 125 -13.87 -42.29 3.82
N ILE A 126 -13.55 -41.00 3.82
CA ILE A 126 -12.48 -40.42 4.65
C ILE A 126 -12.54 -40.74 6.15
N SER A 127 -13.75 -40.65 6.70
CA SER A 127 -13.99 -40.76 8.14
C SER A 127 -13.78 -42.18 8.66
N TYR A 128 -13.92 -43.14 7.75
CA TYR A 128 -13.72 -44.55 8.05
C TYR A 128 -12.31 -45.00 7.68
N LEU A 129 -11.74 -44.36 6.66
CA LEU A 129 -10.37 -44.68 6.24
C LEU A 129 -9.35 -44.29 7.28
N THR A 130 -9.60 -43.16 7.96
CA THR A 130 -8.70 -42.62 8.99
C THR A 130 -8.44 -43.62 10.13
N PHE A 131 -9.46 -44.40 10.50
CA PHE A 131 -9.30 -45.41 11.55
C PHE A 131 -8.23 -46.44 11.21
N ARG A 132 -8.19 -46.82 9.94
CA ARG A 132 -7.24 -47.84 9.47
C ARG A 132 -5.82 -47.30 9.55
N ALA A 133 -5.64 -46.04 9.16
CA ALA A 133 -4.35 -45.33 9.21
C ALA A 133 -3.83 -45.09 10.64
N VAL A 134 -4.66 -44.45 11.48
CA VAL A 134 -4.31 -44.18 12.89
C VAL A 134 -3.94 -45.47 13.58
N GLY A 135 -4.79 -46.47 13.39
CA GLY A 135 -4.60 -47.81 13.94
C GLY A 135 -3.17 -48.30 13.89
N MET A 136 -2.53 -48.11 12.73
CA MET A 136 -1.14 -48.48 12.53
C MET A 136 -0.13 -47.67 13.32
N ILE A 137 -0.30 -46.35 13.36
CA ILE A 137 0.51 -45.46 14.22
C ILE A 137 0.43 -45.91 15.69
N ILE A 138 -0.79 -46.18 16.15
CA ILE A 138 -1.06 -46.72 17.49
C ILE A 138 -0.39 -48.09 17.72
N GLU A 139 -0.57 -49.02 16.78
CA GLU A 139 -0.03 -50.40 16.90
C GLU A 139 1.50 -50.47 16.79
N MET A 140 2.09 -49.55 16.01
CA MET A 140 3.56 -49.40 15.92
C MET A 140 4.15 -48.81 17.18
N ARG A 141 3.43 -47.84 17.77
CA ARG A 141 3.79 -47.21 19.03
C ARG A 141 4.03 -48.23 20.14
N ASP A 142 3.11 -49.18 20.26
CA ASP A 142 3.18 -50.22 21.28
C ASP A 142 4.08 -51.38 20.91
N GLY A 143 4.68 -51.33 19.73
CA GLY A 143 5.62 -52.35 19.25
C GLY A 143 4.99 -53.73 19.07
N VAL A 144 3.68 -53.74 18.82
CA VAL A 144 2.98 -54.96 18.47
C VAL A 144 3.01 -55.16 16.94
N LEU A 145 3.36 -54.11 16.20
CA LEU A 145 3.48 -54.15 14.75
C LEU A 145 4.80 -53.55 14.27
N LYS A 146 5.55 -54.33 13.48
CA LYS A 146 6.87 -53.88 12.98
C LYS A 146 7.00 -53.85 11.45
N GLU A 147 7.14 -55.01 10.81
CA GLU A 147 7.32 -55.10 9.35
C GLU A 147 5.99 -55.14 8.60
N PHE A 148 5.94 -54.43 7.47
CA PHE A 148 4.81 -54.49 6.52
C PHE A 148 5.14 -53.82 5.19
N THR A 149 4.68 -54.45 4.10
CA THR A 149 4.81 -53.91 2.74
C THR A 149 3.96 -52.66 2.57
N LEU A 150 4.40 -51.75 1.70
CA LEU A 150 3.58 -50.64 1.23
C LEU A 150 2.30 -51.18 0.61
N GLY A 151 2.43 -52.29 -0.11
CA GLY A 151 1.31 -53.03 -0.68
C GLY A 151 0.35 -53.53 0.37
N GLU A 152 0.88 -54.27 1.36
CA GLU A 152 0.10 -54.79 2.48
C GLU A 152 -0.71 -53.69 3.17
N PHE A 153 -0.06 -52.56 3.39
CA PHE A 153 -0.66 -51.36 3.97
C PHE A 153 -1.76 -50.77 3.08
N LEU A 154 -1.45 -50.57 1.81
CA LEU A 154 -2.40 -49.96 0.87
C LEU A 154 -3.62 -50.85 0.57
N ARG A 155 -3.40 -52.17 0.52
CA ARG A 155 -4.45 -53.20 0.39
C ARG A 155 -5.48 -53.06 1.49
N PHE A 156 -4.97 -53.16 2.72
CA PHE A 156 -5.76 -53.03 3.93
C PHE A 156 -6.48 -51.70 4.00
N MET A 157 -5.80 -50.62 3.69
CA MET A 157 -6.37 -49.30 3.86
C MET A 157 -7.51 -49.01 2.90
N LEU A 158 -7.26 -49.21 1.60
CA LEU A 158 -8.29 -48.95 0.61
C LEU A 158 -8.97 -50.21 0.07
N PHE A 159 -9.25 -51.16 0.99
CA PHE A 159 -10.07 -52.32 0.71
C PHE A 159 -11.44 -51.82 0.25
N MET A 160 -11.80 -52.19 -0.98
CA MET A 160 -13.00 -51.71 -1.67
C MET A 160 -14.38 -51.88 -1.03
N PRO A 161 -14.72 -53.09 -0.60
CA PRO A 161 -16.09 -53.28 -0.09
C PRO A 161 -16.40 -52.39 1.11
N THR A 162 -15.47 -52.39 2.07
CA THR A 162 -15.61 -51.65 3.32
C THR A 162 -14.98 -50.25 3.23
N PHE A 163 -15.11 -49.64 2.07
CA PHE A 163 -14.49 -48.35 1.85
C PHE A 163 -15.38 -47.17 2.12
N THR A 164 -16.50 -47.12 1.44
CA THR A 164 -17.40 -46.00 1.53
C THR A 164 -17.78 -45.63 2.95
N SER A 165 -18.19 -46.62 3.72
CA SER A 165 -18.58 -46.42 5.09
C SER A 165 -18.57 -47.74 5.84
N GLY A 166 -17.95 -48.74 5.25
CA GLY A 166 -17.91 -50.08 5.81
C GLY A 166 -17.26 -50.33 7.14
N PRO A 167 -17.35 -51.57 7.59
CA PRO A 167 -16.83 -52.03 8.86
C PRO A 167 -15.39 -51.66 9.01
N ILE A 168 -15.06 -51.13 10.17
CA ILE A 168 -13.69 -50.77 10.41
C ILE A 168 -12.98 -52.06 10.71
N ASP A 169 -11.74 -52.13 10.28
CA ASP A 169 -10.89 -53.30 10.47
C ASP A 169 -9.53 -52.87 11.01
N ARG A 170 -8.79 -53.85 11.51
CA ARG A 170 -7.45 -53.62 12.04
C ARG A 170 -6.44 -54.38 11.16
N PHE A 171 -5.22 -53.83 11.05
CA PHE A 171 -4.23 -54.34 10.08
C PHE A 171 -3.88 -55.80 10.27
N LYS A 172 -3.49 -56.15 11.50
CA LYS A 172 -2.93 -57.46 11.80
C LYS A 172 -3.84 -58.63 11.44
N ARG A 173 -5.15 -58.51 11.73
CA ARG A 173 -6.07 -59.58 11.39
C ARG A 173 -6.51 -59.55 9.93
N PHE A 174 -6.61 -58.36 9.33
CA PHE A 174 -6.95 -58.25 7.90
C PHE A 174 -5.87 -58.90 7.06
N ASN A 175 -4.63 -58.58 7.40
CA ASN A 175 -3.49 -59.05 6.64
C ASN A 175 -3.34 -60.56 6.74
N GLU A 176 -3.57 -61.08 7.95
CA GLU A 176 -3.47 -62.51 8.24
C GLU A 176 -4.59 -63.30 7.55
N ASP A 177 -5.76 -62.66 7.40
CA ASP A 177 -6.92 -63.23 6.71
C ASP A 177 -6.65 -63.30 5.22
N TYR A 178 -6.00 -62.25 4.71
CA TYR A 178 -5.65 -62.15 3.29
C TYR A 178 -4.53 -63.11 2.91
N GLN A 179 -3.56 -63.27 3.83
CA GLN A 179 -2.42 -64.18 3.70
C GLN A 179 -2.84 -65.61 3.37
N SER A 180 -3.76 -66.14 4.18
CA SER A 180 -4.18 -67.54 4.10
C SER A 180 -5.60 -67.72 3.57
N ILE A 181 -5.68 -68.18 2.32
CA ILE A 181 -6.92 -68.47 1.60
C ILE A 181 -7.64 -69.66 2.27
N PRO A 182 -8.92 -69.50 2.67
CA PRO A 182 -9.73 -70.56 3.29
C PRO A 182 -10.04 -71.74 2.38
N ASN A 183 -9.95 -72.96 2.94
CA ASN A 183 -10.15 -74.23 2.23
C ASN A 183 -11.53 -74.37 1.54
N ARG A 184 -11.62 -75.31 0.60
CA ARG A 184 -12.73 -75.36 -0.39
C ARG A 184 -14.13 -75.23 0.20
N ASP A 185 -14.43 -76.00 1.24
CA ASP A 185 -15.78 -75.99 1.83
C ASP A 185 -16.04 -74.79 2.74
N GLU A 186 -15.08 -74.48 3.60
CA GLU A 186 -15.08 -73.26 4.44
C GLU A 186 -15.33 -72.00 3.59
N LEU A 187 -14.74 -71.99 2.39
CA LEU A 187 -14.90 -70.93 1.39
C LEU A 187 -16.27 -70.97 0.71
N LEU A 188 -16.77 -72.17 0.48
CA LEU A 188 -18.07 -72.38 -0.14
C LEU A 188 -19.18 -71.96 0.81
N ASN A 189 -18.96 -72.24 2.10
CA ASN A 189 -19.81 -71.79 3.20
C ASN A 189 -19.97 -70.26 3.22
N MET A 190 -18.89 -69.54 2.89
CA MET A 190 -18.91 -68.08 2.77
C MET A 190 -19.84 -67.59 1.66
N LEU A 191 -19.83 -68.31 0.54
CA LEU A 191 -20.69 -67.99 -0.61
C LEU A 191 -22.16 -68.08 -0.25
N GLU A 192 -22.49 -69.11 0.54
CA GLU A 192 -23.84 -69.34 1.06
C GLU A 192 -24.21 -68.16 1.94
N GLN A 193 -23.32 -67.84 2.88
CA GLN A 193 -23.44 -66.71 3.79
C GLN A 193 -23.68 -65.39 3.03
N ALA A 194 -22.97 -65.21 1.92
CA ALA A 194 -23.00 -63.97 1.12
C ALA A 194 -24.36 -63.71 0.47
N VAL A 195 -24.94 -64.73 -0.15
CA VAL A 195 -26.28 -64.63 -0.77
C VAL A 195 -27.34 -64.35 0.30
N LYS A 196 -27.24 -65.10 1.41
CA LYS A 196 -28.07 -64.90 2.59
C LYS A 196 -28.03 -63.42 3.02
N TYR A 197 -26.80 -62.90 3.17
CA TYR A 197 -26.54 -61.50 3.50
C TYR A 197 -27.12 -60.50 2.49
N ILE A 198 -26.92 -60.77 1.20
CA ILE A 198 -27.36 -59.89 0.10
C ILE A 198 -28.88 -59.81 0.06
N MET A 199 -29.53 -60.97 0.08
CA MET A 199 -30.99 -61.06 0.09
C MET A 199 -31.55 -60.30 1.26
N LEU A 200 -31.03 -60.55 2.45
CA LEU A 200 -31.47 -59.82 3.66
C LEU A 200 -31.24 -58.30 3.53
N GLY A 201 -30.05 -57.93 3.06
CA GLY A 201 -29.73 -56.54 2.73
C GLY A 201 -30.75 -55.86 1.84
N PHE A 202 -31.19 -56.58 0.81
CA PHE A 202 -32.24 -56.15 -0.11
C PHE A 202 -33.51 -55.75 0.64
N LEU A 203 -33.92 -56.60 1.58
CA LEU A 203 -35.13 -56.37 2.37
C LEU A 203 -34.97 -55.13 3.23
N TYR A 204 -33.83 -55.03 3.94
CA TYR A 204 -33.55 -53.90 4.82
C TYR A 204 -33.48 -52.59 4.04
N LYS A 205 -32.48 -52.47 3.16
CA LYS A 205 -32.16 -51.21 2.51
C LYS A 205 -33.17 -50.77 1.44
N PHE A 206 -33.55 -51.70 0.56
CA PHE A 206 -34.42 -51.34 -0.57
C PHE A 206 -35.93 -51.36 -0.26
N VAL A 207 -36.33 -52.08 0.80
CA VAL A 207 -37.75 -52.16 1.20
C VAL A 207 -38.06 -51.43 2.52
N LEU A 208 -37.52 -51.91 3.63
CA LEU A 208 -37.86 -51.40 4.97
C LEU A 208 -37.32 -50.00 5.24
N ALA A 209 -36.04 -49.78 4.90
CA ALA A 209 -35.43 -48.45 4.98
C ALA A 209 -36.19 -47.45 4.12
N GLN A 210 -36.73 -47.95 3.00
CA GLN A 210 -37.56 -47.15 2.13
C GLN A 210 -38.93 -46.84 2.75
N ILE A 211 -39.55 -47.84 3.38
CA ILE A 211 -40.86 -47.69 4.05
C ILE A 211 -40.79 -46.66 5.20
N PHE A 212 -39.83 -46.84 6.10
CA PHE A 212 -39.63 -45.92 7.19
C PHE A 212 -39.13 -44.56 6.71
N GLY A 213 -38.01 -44.56 6.00
CA GLY A 213 -37.32 -43.34 5.61
C GLY A 213 -38.08 -42.39 4.70
N SER A 214 -38.70 -42.94 3.67
CA SER A 214 -39.26 -42.10 2.60
C SER A 214 -40.78 -42.20 2.42
N MET A 215 -41.45 -43.06 3.18
CA MET A 215 -42.91 -43.13 3.17
C MET A 215 -43.53 -42.63 4.47
N LEU A 216 -42.94 -42.98 5.60
CA LEU A 216 -43.50 -42.65 6.92
C LEU A 216 -42.88 -41.41 7.59
N LEU A 217 -41.58 -41.20 7.40
CA LEU A 217 -40.86 -40.08 8.04
C LEU A 217 -41.23 -38.66 7.54
N PRO A 218 -41.22 -38.40 6.20
CA PRO A 218 -41.51 -37.02 5.76
C PRO A 218 -42.86 -36.38 6.18
N PRO A 219 -43.97 -37.15 6.27
CA PRO A 219 -45.19 -36.49 6.78
C PRO A 219 -45.22 -36.29 8.30
N LEU A 220 -44.54 -37.17 9.04
CA LEU A 220 -44.45 -37.07 10.49
C LEU A 220 -43.64 -35.87 10.94
N LYS A 221 -42.63 -35.51 10.15
CA LYS A 221 -41.82 -34.31 10.39
C LYS A 221 -42.64 -33.07 10.06
N ALA A 222 -43.43 -33.13 8.99
CA ALA A 222 -44.35 -32.07 8.60
C ALA A 222 -45.43 -31.87 9.66
N GLN A 223 -45.88 -32.97 10.24
CA GLN A 223 -46.86 -32.96 11.33
C GLN A 223 -46.28 -32.29 12.57
N ALA A 224 -45.10 -32.75 13.00
CA ALA A 224 -44.44 -32.26 14.21
C ALA A 224 -43.97 -30.82 14.12
N LEU A 225 -43.61 -30.36 12.92
CA LEU A 225 -43.22 -28.97 12.73
C LEU A 225 -44.41 -28.00 12.78
N SER A 226 -45.53 -28.39 12.17
CA SER A 226 -46.76 -27.58 12.18
C SER A 226 -47.46 -27.57 13.55
N GLN A 227 -47.16 -28.58 14.37
CA GLN A 227 -47.62 -28.64 15.76
C GLN A 227 -46.87 -27.67 16.67
N GLY A 228 -45.54 -27.68 16.62
CA GLY A 228 -44.68 -26.81 17.44
C GLY A 228 -44.51 -27.26 18.88
N GLY A 229 -43.81 -26.46 19.67
CA GLY A 229 -43.50 -26.78 21.08
C GLY A 229 -42.16 -27.48 21.24
N ILE A 230 -41.77 -27.76 22.48
CA ILE A 230 -40.50 -28.47 22.75
C ILE A 230 -40.55 -29.96 22.40
N PHE A 231 -41.76 -30.52 22.51
CA PHE A 231 -42.04 -31.90 22.12
C PHE A 231 -43.52 -32.02 21.75
N ASN A 232 -43.86 -33.05 20.98
CA ASN A 232 -45.27 -33.44 20.71
C ASN A 232 -45.37 -34.88 20.26
N LEU A 233 -46.59 -35.43 20.27
CA LEU A 233 -46.85 -36.83 19.90
C LEU A 233 -46.36 -37.22 18.48
N PRO A 234 -46.46 -36.31 17.48
CA PRO A 234 -45.78 -36.59 16.20
C PRO A 234 -44.25 -36.68 16.29
N THR A 235 -43.64 -35.87 17.16
CA THR A 235 -42.19 -35.89 17.39
C THR A 235 -41.76 -37.21 18.06
N LEU A 236 -42.65 -37.82 18.84
CA LEU A 236 -42.45 -39.18 19.33
C LEU A 236 -42.51 -40.19 18.18
N GLY A 237 -43.33 -39.90 17.17
CA GLY A 237 -43.40 -40.69 15.95
C GLY A 237 -42.10 -40.64 15.17
N VAL A 238 -41.62 -39.42 14.87
CA VAL A 238 -40.33 -39.17 14.19
C VAL A 238 -39.19 -39.92 14.85
N MET A 239 -39.15 -39.87 16.17
CA MET A 239 -38.17 -40.59 16.97
C MET A 239 -38.09 -42.09 16.63
N TYR A 240 -39.21 -42.79 16.70
CA TYR A 240 -39.23 -44.24 16.41
C TYR A 240 -39.00 -44.58 14.95
N VAL A 241 -39.68 -43.86 14.07
CA VAL A 241 -39.60 -44.09 12.62
C VAL A 241 -38.17 -43.87 12.11
N TYR A 242 -37.56 -42.74 12.51
CA TYR A 242 -36.19 -42.42 12.12
C TYR A 242 -35.18 -43.46 12.59
N GLY A 243 -35.30 -43.83 13.87
CA GLY A 243 -34.42 -44.82 14.50
C GLY A 243 -34.36 -46.12 13.73
N PHE A 244 -35.52 -46.61 13.29
CA PHE A 244 -35.61 -47.82 12.48
C PHE A 244 -35.02 -47.66 11.09
N ASP A 245 -35.35 -46.54 10.44
CA ASP A 245 -34.74 -46.16 9.16
C ASP A 245 -33.20 -46.09 9.25
N LEU A 246 -32.68 -45.45 10.30
CA LEU A 246 -31.24 -45.40 10.55
C LEU A 246 -30.67 -46.81 10.70
N PHE A 247 -31.40 -47.68 11.37
CA PHE A 247 -30.97 -49.05 11.54
C PHE A 247 -30.99 -49.83 10.22
N PHE A 248 -32.14 -49.92 9.58
CA PHE A 248 -32.28 -50.76 8.37
C PHE A 248 -31.36 -50.35 7.24
N ASP A 249 -31.17 -49.04 7.04
CA ASP A 249 -30.26 -48.54 6.02
C ASP A 249 -28.80 -48.89 6.34
N PHE A 250 -28.36 -48.66 7.59
CA PHE A 250 -26.97 -48.92 7.94
C PHE A 250 -26.61 -50.40 8.09
N ALA A 251 -27.51 -51.17 8.69
CA ALA A 251 -27.35 -52.62 8.85
C ALA A 251 -27.45 -53.36 7.52
N GLY A 252 -28.30 -52.84 6.63
CA GLY A 252 -28.47 -53.36 5.27
C GLY A 252 -27.20 -53.14 4.45
N TYR A 253 -26.69 -51.91 4.50
CA TYR A 253 -25.39 -51.58 3.93
C TYR A 253 -24.31 -52.52 4.44
N SER A 254 -24.25 -52.70 5.76
CA SER A 254 -23.22 -53.49 6.42
C SER A 254 -23.19 -54.93 5.93
N MET A 255 -24.36 -55.50 5.69
CA MET A 255 -24.48 -56.86 5.19
C MET A 255 -23.96 -56.99 3.76
N PHE A 256 -24.33 -56.04 2.90
CA PHE A 256 -23.78 -55.94 1.55
C PHE A 256 -22.24 -55.95 1.59
N ALA A 257 -21.68 -55.00 2.35
CA ALA A 257 -20.24 -54.90 2.60
C ALA A 257 -19.65 -56.22 3.08
N LEU A 258 -20.30 -56.85 4.04
CA LEU A 258 -19.89 -58.15 4.55
C LEU A 258 -19.90 -59.24 3.50
N ALA A 259 -20.93 -59.22 2.64
CA ALA A 259 -21.12 -60.21 1.58
C ALA A 259 -20.07 -60.07 0.48
N VAL A 260 -19.88 -58.85 -0.01
CA VAL A 260 -18.89 -58.53 -1.04
C VAL A 260 -17.48 -58.84 -0.52
N SER A 261 -17.18 -58.44 0.71
CA SER A 261 -15.95 -58.81 1.40
C SER A 261 -15.73 -60.33 1.40
N ASN A 262 -16.80 -61.09 1.58
CA ASN A 262 -16.76 -62.56 1.60
C ASN A 262 -16.34 -63.17 0.28
N LEU A 263 -16.83 -62.57 -0.81
CA LEU A 263 -16.49 -63.02 -2.16
C LEU A 263 -15.03 -62.70 -2.52
N MET A 264 -14.43 -61.80 -1.74
CA MET A 264 -13.01 -61.49 -1.85
C MET A 264 -12.18 -62.34 -0.88
N GLY A 265 -12.82 -63.27 -0.20
CA GLY A 265 -12.12 -64.26 0.61
C GLY A 265 -11.74 -63.86 2.03
N ILE A 266 -11.95 -62.59 2.38
CA ILE A 266 -11.71 -62.13 3.74
C ILE A 266 -13.02 -61.85 4.47
N LYS A 267 -13.14 -62.38 5.69
CA LYS A 267 -14.34 -62.13 6.50
C LYS A 267 -14.08 -60.95 7.44
N SER A 268 -14.57 -59.78 7.00
CA SER A 268 -14.45 -58.51 7.73
C SER A 268 -15.32 -58.50 8.99
N PRO A 269 -15.04 -57.58 9.97
CA PRO A 269 -15.81 -57.49 11.22
C PRO A 269 -17.31 -57.27 11.03
N ILE A 270 -18.12 -57.75 11.97
CA ILE A 270 -19.58 -57.54 11.91
C ILE A 270 -20.00 -56.23 12.63
N ASN A 271 -21.07 -55.60 12.14
CA ASN A 271 -21.51 -54.29 12.64
C ASN A 271 -22.73 -54.27 13.58
N PHE A 272 -23.65 -55.21 13.40
CA PHE A 272 -24.85 -55.28 14.23
C PHE A 272 -25.13 -56.69 14.72
N ASP A 273 -25.73 -56.78 15.91
CA ASP A 273 -26.14 -58.06 16.50
C ASP A 273 -27.43 -57.88 17.30
N LYS A 274 -28.56 -57.89 16.59
CA LYS A 274 -29.90 -57.63 17.19
C LYS A 274 -29.82 -56.57 18.31
N PRO A 275 -29.50 -55.31 17.96
CA PRO A 275 -29.16 -54.35 19.00
C PRO A 275 -30.35 -53.85 19.85
N PHE A 276 -31.57 -54.10 19.41
CA PHE A 276 -32.75 -53.60 20.10
C PHE A 276 -33.17 -54.43 21.31
N ILE A 277 -32.92 -55.75 21.26
CA ILE A 277 -33.22 -56.66 22.36
C ILE A 277 -32.24 -56.54 23.53
N SER A 278 -31.30 -55.61 23.42
CA SER A 278 -30.37 -55.28 24.49
C SER A 278 -31.11 -54.65 25.67
N ARG A 279 -30.79 -55.16 26.86
CA ARG A 279 -31.45 -54.79 28.11
C ARG A 279 -30.69 -53.67 28.81
N ASP A 280 -29.48 -53.42 28.35
CA ASP A 280 -28.47 -52.63 29.04
C ASP A 280 -27.82 -51.67 28.02
N MET A 281 -27.39 -50.49 28.48
CA MET A 281 -26.60 -49.55 27.66
C MET A 281 -25.25 -50.10 27.28
N LYS A 282 -24.60 -50.78 28.22
CA LYS A 282 -23.35 -51.48 27.99
C LYS A 282 -23.51 -52.61 26.96
N GLU A 283 -24.67 -53.27 26.99
CA GLU A 283 -25.00 -54.34 26.04
C GLU A 283 -25.30 -53.80 24.63
N PHE A 284 -26.01 -52.67 24.56
CA PHE A 284 -26.28 -51.96 23.30
C PHE A 284 -24.99 -51.68 22.52
N TRP A 285 -23.96 -51.20 23.22
CA TRP A 285 -22.68 -50.91 22.60
C TRP A 285 -21.85 -52.16 22.29
N ASN A 286 -22.33 -53.33 22.71
CA ASN A 286 -21.75 -54.58 22.24
C ASN A 286 -22.51 -55.15 21.05
N ARG A 287 -23.50 -54.39 20.57
CA ARG A 287 -24.44 -54.86 19.55
C ARG A 287 -24.71 -53.86 18.42
N TRP A 288 -24.43 -52.58 18.65
CA TRP A 288 -24.67 -51.51 17.66
C TRP A 288 -23.36 -50.94 17.09
N HIS A 289 -23.32 -50.76 15.76
CA HIS A 289 -22.13 -50.27 15.02
C HIS A 289 -20.82 -50.78 15.61
N MET A 290 -20.76 -52.09 15.78
CA MET A 290 -19.76 -52.76 16.59
C MET A 290 -18.31 -52.48 16.17
N SER A 291 -18.03 -52.49 14.87
CA SER A 291 -16.68 -52.21 14.38
C SER A 291 -16.11 -50.88 14.88
N LEU A 292 -16.95 -49.82 14.82
CA LEU A 292 -16.65 -48.50 15.38
C LEU A 292 -16.60 -48.53 16.92
N SER A 293 -17.70 -49.04 17.51
CA SER A 293 -17.85 -49.19 18.94
C SER A 293 -16.62 -49.82 19.60
N PHE A 294 -16.22 -50.99 19.08
CA PHE A 294 -15.08 -51.74 19.58
C PHE A 294 -13.74 -51.04 19.29
N TRP A 295 -13.69 -50.23 18.22
CA TRP A 295 -12.49 -49.47 17.89
C TRP A 295 -12.24 -48.41 18.96
N PHE A 296 -13.25 -47.57 19.23
CA PHE A 296 -13.19 -46.59 20.30
C PHE A 296 -12.93 -47.20 21.67
N ARG A 297 -13.44 -48.41 21.89
CA ARG A 297 -13.21 -49.15 23.12
C ARG A 297 -11.72 -49.42 23.38
N ASP A 298 -10.99 -49.82 22.35
CA ASP A 298 -9.59 -50.22 22.51
C ASP A 298 -8.57 -49.11 22.21
N PHE A 299 -8.93 -48.23 21.28
CA PHE A 299 -8.00 -47.21 20.80
C PHE A 299 -8.28 -45.82 21.35
N VAL A 300 -9.43 -45.60 21.98
CA VAL A 300 -9.72 -44.31 22.61
C VAL A 300 -9.93 -44.47 24.12
N PHE A 301 -10.90 -45.29 24.51
CA PHE A 301 -11.27 -45.45 25.91
C PHE A 301 -10.16 -46.12 26.72
N MET A 302 -9.79 -47.36 26.35
CA MET A 302 -8.78 -48.13 27.06
C MET A 302 -7.47 -47.38 27.18
N ARG A 303 -7.18 -46.59 26.14
CA ARG A 303 -5.94 -45.82 26.07
C ARG A 303 -5.99 -44.56 26.92
N LEU A 304 -7.20 -44.04 27.13
CA LEU A 304 -7.40 -42.91 28.04
C LEU A 304 -7.32 -43.36 29.49
N VAL A 305 -8.00 -44.46 29.82
CA VAL A 305 -7.94 -45.06 31.16
C VAL A 305 -6.49 -45.35 31.59
N ILE A 306 -5.70 -45.93 30.68
CA ILE A 306 -4.28 -46.25 30.91
C ILE A 306 -3.45 -45.00 31.27
N VAL A 307 -3.67 -43.90 30.57
CA VAL A 307 -2.91 -42.67 30.85
C VAL A 307 -3.38 -41.97 32.15
N LEU A 308 -4.66 -42.16 32.51
CA LEU A 308 -5.18 -41.65 33.79
C LEU A 308 -4.70 -42.51 34.98
N MET A 309 -4.48 -43.81 34.75
CA MET A 309 -3.85 -44.71 35.72
C MET A 309 -2.38 -44.33 35.93
N ARG A 310 -1.69 -43.99 34.83
CA ARG A 310 -0.25 -43.69 34.77
C ARG A 310 0.16 -42.56 35.72
N ASN A 311 -0.76 -41.60 35.91
CA ASN A 311 -0.54 -40.45 36.77
C ASN A 311 -1.31 -40.57 38.07
N LYS A 312 -2.20 -41.57 38.15
CA LYS A 312 -3.32 -41.62 39.13
C LYS A 312 -3.87 -40.21 39.45
N VAL A 313 -4.37 -39.57 38.39
CA VAL A 313 -4.88 -38.20 38.40
C VAL A 313 -6.16 -38.05 39.23
N PHE A 314 -7.05 -39.04 39.14
CA PHE A 314 -8.30 -39.03 39.89
C PHE A 314 -8.24 -39.87 41.17
N LYS A 315 -9.11 -39.51 42.11
CA LYS A 315 -9.21 -40.10 43.45
C LYS A 315 -9.35 -41.62 43.47
N ASN A 316 -10.34 -42.14 42.75
CA ASN A 316 -10.74 -43.55 42.84
C ASN A 316 -11.00 -44.22 41.49
N ARG A 317 -11.22 -45.54 41.54
CA ARG A 317 -11.45 -46.40 40.38
C ARG A 317 -12.71 -46.02 39.56
N ASN A 318 -13.65 -45.31 40.18
CA ASN A 318 -14.94 -45.02 39.54
C ASN A 318 -15.00 -43.72 38.75
N THR A 319 -14.27 -42.71 39.21
CA THR A 319 -14.25 -41.42 38.51
C THR A 319 -13.37 -41.45 37.26
N THR A 320 -12.27 -42.19 37.31
CA THR A 320 -11.39 -42.43 36.15
C THR A 320 -12.13 -43.09 34.97
N SER A 321 -13.03 -44.03 35.29
CA SER A 321 -13.89 -44.68 34.30
C SER A 321 -14.90 -43.70 33.74
N ASN A 322 -15.62 -43.05 34.64
CA ASN A 322 -16.75 -42.18 34.31
C ASN A 322 -16.33 -40.96 33.48
N VAL A 323 -15.14 -40.43 33.76
CA VAL A 323 -14.54 -39.38 32.94
C VAL A 323 -14.27 -39.94 31.53
N ALA A 324 -13.57 -41.07 31.48
CA ALA A 324 -13.20 -41.72 30.22
C ALA A 324 -14.39 -42.12 29.36
N TYR A 325 -15.49 -42.56 29.99
CA TYR A 325 -16.76 -42.81 29.29
C TYR A 325 -17.27 -41.54 28.60
N ILE A 326 -17.33 -40.44 29.35
CA ILE A 326 -17.82 -39.17 28.86
C ILE A 326 -16.91 -38.60 27.75
N ILE A 327 -15.59 -38.73 27.93
CA ILE A 327 -14.62 -38.28 26.92
C ILE A 327 -14.73 -39.15 25.67
N ASN A 328 -14.67 -40.48 25.84
CA ASN A 328 -14.76 -41.44 24.73
C ASN A 328 -16.01 -41.25 23.86
N MET A 329 -17.16 -41.08 24.49
CA MET A 329 -18.42 -40.91 23.78
C MET A 329 -18.57 -39.52 23.15
N MET A 330 -17.92 -38.54 23.75
CA MET A 330 -17.88 -37.18 23.23
C MET A 330 -17.02 -37.09 21.97
N VAL A 331 -15.86 -37.75 21.98
CA VAL A 331 -14.96 -37.86 20.82
C VAL A 331 -15.68 -38.58 19.66
N MET A 332 -16.44 -39.62 20.00
CA MET A 332 -17.29 -40.33 19.05
C MET A 332 -18.32 -39.38 18.42
N GLY A 333 -18.94 -38.56 19.26
CA GLY A 333 -19.87 -37.52 18.79
C GLY A 333 -19.20 -36.54 17.85
N PHE A 334 -18.00 -36.10 18.24
CA PHE A 334 -17.17 -35.20 17.43
C PHE A 334 -16.86 -35.78 16.06
N TRP A 335 -16.57 -37.09 16.04
CA TRP A 335 -16.25 -37.82 14.81
C TRP A 335 -17.40 -37.78 13.79
N HIS A 336 -18.64 -37.75 14.29
CA HIS A 336 -19.81 -37.60 13.43
C HIS A 336 -19.92 -36.21 12.79
N GLY A 337 -19.35 -35.22 13.45
CA GLY A 337 -19.39 -33.84 12.97
C GLY A 337 -19.44 -32.88 14.12
N ILE A 338 -19.03 -31.64 13.87
CA ILE A 338 -19.05 -30.61 14.89
C ILE A 338 -20.35 -29.84 14.73
N THR A 339 -21.42 -30.43 15.25
CA THR A 339 -22.70 -29.76 15.42
C THR A 339 -23.11 -29.97 16.87
N TRP A 340 -23.93 -29.06 17.40
CA TRP A 340 -24.39 -29.18 18.78
C TRP A 340 -24.98 -30.57 19.05
N TYR A 341 -25.85 -31.02 18.14
CA TYR A 341 -26.60 -32.26 18.32
C TYR A 341 -25.76 -33.53 18.25
N TYR A 342 -24.67 -33.51 17.48
CA TYR A 342 -23.72 -34.64 17.50
C TYR A 342 -22.98 -34.72 18.82
N ILE A 343 -22.48 -33.58 19.29
CA ILE A 343 -21.82 -33.48 20.60
C ILE A 343 -22.82 -33.80 21.71
N ALA A 344 -24.08 -33.36 21.51
CA ALA A 344 -25.18 -33.67 22.43
C ALA A 344 -25.41 -35.18 22.51
N TYR A 345 -25.58 -35.82 21.35
CA TYR A 345 -25.64 -37.28 21.21
C TYR A 345 -24.47 -37.99 21.93
N GLY A 346 -23.30 -37.35 21.89
CA GLY A 346 -22.10 -37.84 22.57
C GLY A 346 -22.15 -37.84 24.08
N ILE A 347 -22.37 -36.65 24.67
CA ILE A 347 -22.48 -36.50 26.14
C ILE A 347 -23.68 -37.26 26.73
N PHE A 348 -24.73 -37.45 25.91
CA PHE A 348 -25.92 -38.23 26.26
C PHE A 348 -25.55 -39.68 26.54
N HIS A 349 -24.84 -40.30 25.60
CA HIS A 349 -24.41 -41.69 25.74
C HIS A 349 -23.35 -41.90 26.83
N GLY A 350 -22.66 -40.81 27.17
CA GLY A 350 -21.67 -40.79 28.25
C GLY A 350 -22.32 -40.85 29.62
N ILE A 351 -23.18 -39.86 29.89
CA ILE A 351 -23.98 -39.85 31.12
C ILE A 351 -24.89 -41.09 31.17
N GLY A 352 -25.38 -41.51 30.00
CA GLY A 352 -26.14 -42.74 29.84
C GLY A 352 -25.38 -43.95 30.34
N LEU A 353 -24.12 -44.04 29.95
CA LEU A 353 -23.27 -45.16 30.38
C LEU A 353 -22.85 -45.08 31.84
N VAL A 354 -22.59 -43.87 32.34
CA VAL A 354 -22.19 -43.72 33.75
C VAL A 354 -23.34 -44.10 34.68
N ILE A 355 -24.55 -43.65 34.35
CA ILE A 355 -25.78 -44.03 35.07
C ILE A 355 -25.89 -45.55 35.13
N ASN A 356 -25.73 -46.17 33.96
CA ASN A 356 -25.80 -47.62 33.82
C ASN A 356 -24.76 -48.33 34.67
N ASP A 357 -23.51 -47.88 34.58
CA ASP A 357 -22.37 -48.52 35.25
C ASP A 357 -22.50 -48.39 36.76
N ALA A 358 -23.06 -47.25 37.19
CA ALA A 358 -23.34 -46.96 38.60
C ALA A 358 -24.39 -47.89 39.22
N TRP A 359 -25.48 -48.12 38.49
CA TRP A 359 -26.53 -49.06 38.88
C TRP A 359 -26.02 -50.51 39.00
N LEU A 360 -25.14 -50.91 38.08
CA LEU A 360 -24.52 -52.25 38.12
C LEU A 360 -23.69 -52.47 39.37
N ARG A 361 -22.96 -51.44 39.80
CA ARG A 361 -22.22 -51.44 41.06
C ARG A 361 -23.17 -51.50 42.26
N LYS A 362 -24.23 -50.68 42.20
CA LYS A 362 -25.25 -50.60 43.25
C LYS A 362 -26.02 -51.92 43.39
N LYS A 363 -26.47 -52.47 42.26
CA LYS A 363 -27.21 -53.74 42.23
C LYS A 363 -26.37 -54.89 42.77
N LYS A 364 -25.05 -54.82 42.52
CA LYS A 364 -24.10 -55.83 43.03
C LYS A 364 -24.05 -55.82 44.56
N THR A 365 -24.05 -54.63 45.13
CA THR A 365 -23.98 -54.46 46.59
C THR A 365 -25.33 -54.69 47.30
N ILE A 366 -26.44 -54.62 46.56
CA ILE A 366 -27.77 -55.00 47.10
C ILE A 366 -27.85 -56.54 47.22
N ASN A 367 -27.27 -57.24 46.24
CA ASN A 367 -27.18 -58.71 46.26
C ASN A 367 -26.21 -59.20 47.32
N LYS A 368 -25.08 -58.50 47.44
CA LYS A 368 -24.06 -58.71 48.48
C LYS A 368 -24.71 -58.62 49.87
N ASP A 369 -25.54 -57.58 50.07
CA ASP A 369 -26.29 -57.36 51.30
C ASP A 369 -27.36 -58.42 51.56
N ARG A 370 -28.09 -58.80 50.51
CA ARG A 370 -29.12 -59.85 50.58
C ARG A 370 -28.58 -61.23 50.95
N LYS A 371 -27.38 -61.55 50.45
CA LYS A 371 -26.72 -62.84 50.73
C LYS A 371 -26.39 -62.97 52.22
N LYS A 372 -25.86 -61.90 52.80
CA LYS A 372 -25.58 -61.82 54.24
C LYS A 372 -26.87 -61.75 55.05
N ALA A 373 -27.89 -61.10 54.50
CA ALA A 373 -29.23 -60.99 55.11
C ALA A 373 -30.01 -62.30 55.07
N GLY A 374 -29.60 -63.23 54.20
CA GLY A 374 -30.23 -64.53 54.07
C GLY A 374 -31.37 -64.61 53.07
N LEU A 375 -31.74 -63.47 52.48
CA LEU A 375 -32.82 -63.41 51.46
C LEU A 375 -32.34 -63.99 50.13
N LYS A 376 -33.30 -64.23 49.22
CA LYS A 376 -33.00 -64.61 47.83
C LYS A 376 -32.37 -63.43 47.04
N PRO A 377 -31.38 -63.70 46.15
CA PRO A 377 -30.81 -62.63 45.31
C PRO A 377 -31.87 -61.97 44.42
N LEU A 378 -31.74 -60.66 44.24
CA LEU A 378 -32.71 -59.79 43.53
C LEU A 378 -33.28 -60.43 42.25
N PRO A 379 -34.62 -60.37 42.06
CA PRO A 379 -35.33 -61.12 41.00
C PRO A 379 -34.79 -60.95 39.59
N GLU A 380 -34.56 -62.07 38.91
CA GLU A 380 -33.97 -62.07 37.58
C GLU A 380 -34.75 -63.04 36.67
N ASN A 381 -35.93 -62.60 36.26
CA ASN A 381 -36.88 -63.38 35.44
C ASN A 381 -37.08 -62.77 34.05
N LYS A 382 -38.25 -62.99 33.45
CA LYS A 382 -38.58 -62.41 32.14
C LYS A 382 -39.13 -60.98 32.23
N TRP A 383 -39.87 -60.66 33.27
CA TRP A 383 -40.45 -59.32 33.48
C TRP A 383 -39.37 -58.27 33.73
N THR A 384 -38.33 -58.65 34.47
CA THR A 384 -37.17 -57.79 34.73
C THR A 384 -36.37 -57.50 33.45
N LYS A 385 -36.13 -58.55 32.66
CA LYS A 385 -35.54 -58.43 31.32
C LYS A 385 -36.34 -57.44 30.48
N ALA A 386 -37.66 -57.69 30.37
CA ALA A 386 -38.59 -56.85 29.60
C ALA A 386 -38.52 -55.39 29.99
N LEU A 387 -38.42 -55.12 31.29
CA LEU A 387 -38.31 -53.76 31.82
C LEU A 387 -37.03 -53.09 31.32
N GLY A 388 -35.90 -53.79 31.47
CA GLY A 388 -34.59 -53.32 31.02
C GLY A 388 -34.56 -52.94 29.56
N ILE A 389 -35.14 -53.81 28.73
CA ILE A 389 -35.34 -53.57 27.30
C ILE A 389 -36.12 -52.28 27.09
N PHE A 390 -37.25 -52.12 27.78
CA PHE A 390 -38.08 -50.92 27.66
C PHE A 390 -37.31 -49.63 27.95
N ILE A 391 -36.49 -49.65 29.01
CA ILE A 391 -35.63 -48.52 29.39
C ILE A 391 -34.62 -48.17 28.28
N THR A 392 -33.77 -49.15 27.92
CA THR A 392 -32.70 -48.91 26.96
C THR A 392 -33.22 -48.60 25.56
N PHE A 393 -34.23 -49.35 25.11
CA PHE A 393 -34.86 -49.11 23.80
C PHE A 393 -35.30 -47.66 23.68
N ASN A 394 -35.95 -47.15 24.72
CA ASN A 394 -36.41 -45.76 24.72
C ASN A 394 -35.31 -44.73 24.93
N THR A 395 -34.32 -45.05 25.76
CA THR A 395 -33.10 -44.25 25.88
C THR A 395 -32.46 -44.07 24.50
N VAL A 396 -32.27 -45.20 23.84
CA VAL A 396 -31.55 -45.30 22.57
C VAL A 396 -32.31 -44.60 21.44
N MET A 397 -33.63 -44.81 21.38
CA MET A 397 -34.46 -44.14 20.39
C MET A 397 -34.42 -42.62 20.57
N LEU A 398 -34.45 -42.18 21.82
CA LEU A 398 -34.33 -40.75 22.17
C LEU A 398 -33.00 -40.17 21.71
N SER A 399 -31.92 -40.92 21.93
CA SER A 399 -30.58 -40.54 21.46
C SER A 399 -30.57 -40.32 19.94
N PHE A 400 -31.26 -41.18 19.19
CA PHE A 400 -31.35 -41.06 17.74
C PHE A 400 -32.14 -39.83 17.28
N LEU A 401 -33.12 -39.40 18.07
CA LEU A 401 -33.84 -38.15 17.82
C LEU A 401 -32.90 -36.94 17.95
N ILE A 402 -32.01 -36.97 18.95
CA ILE A 402 -30.97 -35.95 19.11
C ILE A 402 -30.06 -35.98 17.87
N PHE A 403 -29.61 -37.19 17.52
CA PHE A 403 -28.64 -37.46 16.45
C PHE A 403 -29.11 -37.05 15.08
N SER A 404 -30.41 -37.18 14.84
CA SER A 404 -31.03 -36.78 13.55
C SER A 404 -30.93 -35.28 13.32
N GLY A 405 -30.92 -34.52 14.41
CA GLY A 405 -30.93 -33.07 14.34
C GLY A 405 -32.29 -32.52 13.91
N PHE A 406 -33.32 -33.34 14.06
CA PHE A 406 -34.69 -32.89 13.85
C PHE A 406 -35.09 -31.92 14.96
N LEU A 407 -34.53 -32.13 16.15
CA LEU A 407 -34.75 -31.24 17.29
C LEU A 407 -34.25 -29.82 17.01
N ASN A 408 -33.13 -29.74 16.28
CA ASN A 408 -32.64 -28.46 15.76
C ASN A 408 -33.65 -27.80 14.82
N ASP A 409 -34.36 -28.60 14.02
CA ASP A 409 -35.42 -28.09 13.13
C ASP A 409 -36.65 -27.65 13.93
N LEU A 410 -37.04 -28.46 14.92
CA LEU A 410 -38.21 -28.21 15.75
C LEU A 410 -38.05 -26.99 16.66
N TRP A 411 -36.82 -26.77 17.15
CA TRP A 411 -36.55 -25.70 18.09
C TRP A 411 -35.96 -24.43 17.47
N PHE A 412 -34.95 -24.60 16.60
CA PHE A 412 -34.10 -23.48 16.18
C PHE A 412 -34.27 -22.90 14.76
N THR A 413 -35.19 -23.47 13.96
CA THR A 413 -35.52 -22.93 12.61
C THR A 413 -36.00 -21.45 12.67
N LYS A 414 -36.32 -20.98 13.88
CA LYS A 414 -36.63 -19.57 14.17
C LYS A 414 -35.42 -18.67 13.93
N MET B 1 10.68 -51.17 1.70
CA MET B 1 10.24 -49.90 1.06
C MET B 1 11.45 -48.97 0.88
N ILE B 2 12.03 -48.55 2.01
CA ILE B 2 13.30 -47.79 2.03
C ILE B 2 14.50 -48.73 1.80
N ASP B 3 14.25 -50.04 1.99
CA ASP B 3 15.18 -51.12 1.61
C ASP B 3 15.27 -51.38 0.09
N PHE B 4 14.13 -51.50 -0.60
CA PHE B 4 14.06 -51.81 -2.03
C PHE B 4 14.80 -50.81 -2.95
N LEU B 5 14.59 -49.52 -2.68
CA LEU B 5 15.11 -48.45 -3.54
C LEU B 5 16.62 -48.20 -3.36
N LYS B 6 17.18 -48.71 -2.25
CA LYS B 6 18.64 -48.79 -2.06
C LYS B 6 19.26 -49.99 -2.81
N GLN B 7 18.40 -50.89 -3.29
CA GLN B 7 18.80 -52.04 -4.11
C GLN B 7 18.43 -51.82 -5.59
N LEU B 8 18.23 -50.56 -5.96
CA LEU B 8 17.93 -50.12 -7.34
C LEU B 8 19.08 -49.20 -7.81
N PRO B 9 19.58 -49.41 -9.06
CA PRO B 9 20.82 -48.74 -9.55
C PRO B 9 20.75 -47.22 -9.64
N HIS B 10 21.86 -46.58 -9.28
CA HIS B 10 21.97 -45.12 -9.29
C HIS B 10 22.52 -44.59 -10.60
N LEU B 11 21.76 -43.71 -11.24
CA LEU B 11 22.20 -43.05 -12.48
C LEU B 11 22.34 -41.54 -12.27
N GLU B 12 23.60 -41.11 -12.09
CA GLU B 12 23.99 -39.70 -12.07
C GLU B 12 23.52 -38.99 -13.35
N PRO B 13 22.63 -37.98 -13.21
CA PRO B 13 22.05 -37.34 -14.40
C PRO B 13 23.08 -36.59 -15.25
N TYR B 14 23.17 -36.98 -16.52
CA TYR B 14 24.23 -36.61 -17.46
C TYR B 14 25.61 -36.94 -16.91
N GLY B 15 25.75 -38.14 -16.34
CA GLY B 15 26.96 -38.57 -15.65
C GLY B 15 28.06 -39.11 -16.55
N ASN B 16 27.67 -39.80 -17.62
CA ASN B 16 28.60 -40.34 -18.61
C ASN B 16 27.99 -40.31 -20.01
N PRO B 17 28.76 -40.68 -21.06
CA PRO B 17 28.18 -40.83 -22.40
C PRO B 17 27.04 -41.85 -22.46
N PHE B 18 27.14 -42.93 -21.69
CA PHE B 18 26.17 -44.04 -21.72
C PHE B 18 24.76 -43.65 -21.29
N TYR B 19 24.66 -42.69 -20.37
CA TYR B 19 23.40 -42.07 -19.94
C TYR B 19 22.52 -41.61 -21.10
N PHE B 20 23.16 -41.09 -22.14
CA PHE B 20 22.45 -40.56 -23.30
C PHE B 20 21.83 -41.62 -24.20
N ILE B 21 22.36 -42.85 -24.15
CA ILE B 21 21.73 -43.99 -24.83
C ILE B 21 20.32 -44.24 -24.26
N TYR B 22 20.24 -44.41 -22.93
CA TYR B 22 18.97 -44.63 -22.21
C TYR B 22 17.97 -43.50 -22.42
N LEU B 23 18.41 -42.29 -22.13
CA LEU B 23 17.58 -41.10 -22.25
C LEU B 23 17.13 -40.84 -23.71
N GLY B 24 18.02 -41.14 -24.64
CA GLY B 24 17.73 -41.05 -26.07
C GLY B 24 16.58 -41.94 -26.47
N ILE B 25 16.74 -43.24 -26.22
CA ILE B 25 15.69 -44.26 -26.44
C ILE B 25 14.36 -43.81 -25.81
N ALA B 26 14.44 -43.47 -24.52
CA ALA B 26 13.32 -42.96 -23.74
C ALA B 26 12.55 -41.86 -24.46
N LEU B 27 13.25 -40.79 -24.85
CA LEU B 27 12.61 -39.60 -25.38
C LEU B 27 12.16 -39.69 -26.84
N LEU B 28 12.75 -40.64 -27.58
CA LEU B 28 12.48 -40.81 -29.01
C LEU B 28 10.98 -40.77 -29.40
N PRO B 29 10.12 -41.58 -28.70
CA PRO B 29 8.67 -41.53 -29.02
C PRO B 29 8.01 -40.18 -28.74
N ILE B 30 8.42 -39.52 -27.65
CA ILE B 30 7.89 -38.19 -27.28
C ILE B 30 8.15 -37.21 -28.43
N PHE B 31 9.37 -37.23 -28.93
CA PHE B 31 9.82 -36.32 -29.98
C PHE B 31 9.10 -36.54 -31.31
N ILE B 32 9.07 -37.79 -31.77
CA ILE B 32 8.31 -38.18 -32.97
C ILE B 32 6.84 -37.74 -32.81
N GLY B 33 6.31 -37.92 -31.61
CA GLY B 33 4.99 -37.43 -31.23
C GLY B 33 4.77 -35.96 -31.57
N LEU B 34 5.73 -35.12 -31.16
CA LEU B 34 5.65 -33.67 -31.35
C LEU B 34 5.47 -33.24 -32.81
N PHE B 35 5.83 -34.14 -33.75
CA PHE B 35 5.64 -33.89 -35.19
C PHE B 35 4.20 -34.03 -35.68
N PHE B 36 3.39 -34.74 -34.90
CA PHE B 36 1.99 -34.96 -35.23
C PHE B 36 1.08 -34.23 -34.24
N LYS B 37 1.63 -33.18 -33.61
CA LYS B 37 0.95 -32.37 -32.59
C LYS B 37 0.39 -33.19 -31.40
N LYS B 38 0.96 -34.38 -31.16
CA LYS B 38 0.55 -35.21 -30.04
C LYS B 38 1.58 -35.24 -28.91
N ARG B 39 1.06 -35.32 -27.69
CA ARG B 39 1.86 -35.60 -26.51
C ARG B 39 1.30 -36.85 -25.84
N PHE B 40 2.16 -37.57 -25.12
CA PHE B 40 1.72 -38.77 -24.41
C PHE B 40 1.95 -38.61 -22.92
N ALA B 41 1.00 -37.93 -22.28
CA ALA B 41 1.07 -37.49 -20.88
C ALA B 41 1.48 -38.56 -19.89
N ILE B 42 0.87 -39.76 -19.99
CA ILE B 42 1.18 -40.88 -19.07
C ILE B 42 2.62 -41.35 -19.33
N TYR B 43 2.97 -41.52 -20.60
CA TYR B 43 4.31 -41.95 -20.98
C TYR B 43 5.38 -40.95 -20.55
N GLU B 44 5.08 -39.66 -20.75
CA GLU B 44 5.91 -38.56 -20.28
C GLU B 44 6.11 -38.58 -18.76
N CYS B 45 5.03 -38.82 -18.03
CA CYS B 45 5.06 -38.91 -16.56
C CYS B 45 5.88 -40.07 -16.07
N LEU B 46 5.80 -41.19 -16.77
CA LEU B 46 6.52 -42.41 -16.41
C LEU B 46 8.04 -42.22 -16.56
N VAL B 47 8.44 -41.73 -17.74
CA VAL B 47 9.85 -41.52 -18.08
C VAL B 47 10.50 -40.40 -17.23
N SER B 48 9.72 -39.41 -16.83
CA SER B 48 10.18 -38.35 -15.90
C SER B 48 10.43 -38.89 -14.50
N ILE B 49 9.45 -39.61 -13.98
CA ILE B 49 9.52 -40.29 -12.69
C ILE B 49 10.72 -41.23 -12.57
N THR B 50 11.04 -41.94 -13.66
CA THR B 50 12.16 -42.89 -13.72
C THR B 50 13.51 -42.21 -13.50
N PHE B 51 13.82 -41.23 -14.36
CA PHE B 51 15.12 -40.58 -14.35
C PHE B 51 15.34 -39.72 -13.09
N ILE B 52 14.27 -39.13 -12.54
CA ILE B 52 14.32 -38.44 -11.23
C ILE B 52 14.65 -39.44 -10.12
N VAL B 53 13.90 -40.53 -10.07
CA VAL B 53 14.13 -41.60 -9.08
C VAL B 53 15.54 -42.15 -9.17
N LEU B 54 15.99 -42.48 -10.38
CA LEU B 54 17.34 -43.02 -10.61
C LEU B 54 18.45 -42.04 -10.20
N ALA B 55 18.19 -40.73 -10.37
CA ALA B 55 19.09 -39.68 -9.89
C ALA B 55 19.13 -39.59 -8.36
N LEU B 56 18.05 -40.06 -7.72
CA LEU B 56 17.85 -39.96 -6.27
C LEU B 56 18.08 -41.25 -5.49
N THR B 57 18.24 -42.37 -6.20
CA THR B 57 18.43 -43.66 -5.56
C THR B 57 19.90 -43.99 -5.34
N GLY B 58 20.58 -43.13 -4.59
CA GLY B 58 21.98 -43.35 -4.23
C GLY B 58 22.10 -44.33 -3.07
N THR B 59 23.23 -44.26 -2.37
CA THR B 59 23.41 -44.97 -1.10
C THR B 59 22.53 -44.32 -0.01
N HIS B 60 22.32 -43.01 -0.13
CA HIS B 60 21.23 -42.34 0.57
C HIS B 60 20.01 -42.17 -0.35
N ALA B 61 19.28 -43.27 -0.52
CA ALA B 61 18.06 -43.34 -1.36
C ALA B 61 16.78 -42.94 -0.60
N SER B 62 16.96 -42.59 0.68
CA SER B 62 15.90 -42.11 1.57
C SER B 62 15.31 -40.77 1.12
N GLN B 63 16.10 -40.01 0.38
CA GLN B 63 15.68 -38.70 -0.15
C GLN B 63 14.46 -38.71 -1.08
N ILE B 64 14.02 -39.89 -1.51
CA ILE B 64 12.78 -40.01 -2.30
C ILE B 64 11.56 -39.66 -1.42
N LEU B 65 11.63 -40.03 -0.15
CA LEU B 65 10.63 -39.65 0.86
C LEU B 65 10.69 -38.16 1.10
N ALA B 66 11.90 -37.61 1.16
CA ALA B 66 12.13 -36.18 1.34
C ALA B 66 11.53 -35.39 0.18
N LEU B 67 11.65 -35.95 -1.04
CA LEU B 67 11.03 -35.39 -2.24
C LEU B 67 9.51 -35.49 -2.17
N LEU B 68 9.02 -36.67 -1.76
CA LEU B 68 7.59 -36.93 -1.57
C LEU B 68 6.96 -35.95 -0.60
N PHE B 69 7.60 -35.80 0.57
CA PHE B 69 7.20 -34.82 1.59
C PHE B 69 7.10 -33.45 0.96
N TYR B 70 8.19 -33.04 0.33
CA TYR B 70 8.32 -31.73 -0.29
C TYR B 70 7.20 -31.45 -1.29
N ILE B 71 6.94 -32.40 -2.19
CA ILE B 71 5.89 -32.26 -3.21
C ILE B 71 4.54 -31.95 -2.55
N VAL B 72 4.18 -32.75 -1.54
CA VAL B 72 2.95 -32.57 -0.78
C VAL B 72 2.93 -31.19 -0.10
N TRP B 73 3.99 -30.91 0.68
CA TRP B 73 4.17 -29.64 1.38
C TRP B 73 3.93 -28.41 0.50
N GLN B 74 4.48 -28.43 -0.71
CA GLN B 74 4.33 -27.33 -1.66
C GLN B 74 2.91 -27.22 -2.20
N ILE B 75 2.29 -28.37 -2.50
CA ILE B 75 0.90 -28.42 -2.97
C ILE B 75 -0.02 -27.69 -1.97
N ILE B 76 0.19 -27.95 -0.67
CA ILE B 76 -0.52 -27.28 0.41
C ILE B 76 -0.39 -25.77 0.33
N TRP B 77 0.84 -25.26 0.40
CA TRP B 77 1.04 -23.82 0.53
C TRP B 77 0.77 -23.01 -0.74
N VAL B 78 0.95 -23.65 -1.90
CA VAL B 78 0.64 -23.02 -3.20
C VAL B 78 -0.88 -22.89 -3.34
N TYR B 79 -1.61 -23.96 -2.99
CA TYR B 79 -3.07 -23.91 -3.03
C TYR B 79 -3.66 -23.09 -1.90
N SER B 80 -2.97 -23.14 -0.74
CA SER B 80 -3.33 -22.33 0.42
C SER B 80 -3.41 -20.85 0.04
N TYR B 81 -2.39 -20.37 -0.67
CA TYR B 81 -2.36 -18.98 -1.12
C TYR B 81 -3.28 -18.73 -2.32
N LYS B 82 -3.42 -19.72 -3.22
CA LYS B 82 -4.22 -19.57 -4.45
C LYS B 82 -5.68 -19.34 -4.10
N ARG B 83 -6.21 -20.20 -3.21
CA ARG B 83 -7.56 -20.12 -2.69
C ARG B 83 -7.78 -18.82 -1.92
N TYR B 84 -6.77 -18.41 -1.14
CA TYR B 84 -6.81 -17.17 -0.36
C TYR B 84 -6.83 -15.89 -1.21
N ARG B 85 -5.93 -15.81 -2.18
CA ARG B 85 -5.75 -14.61 -3.01
C ARG B 85 -6.93 -14.34 -3.97
N SER B 86 -7.86 -15.29 -4.08
CA SER B 86 -9.10 -15.13 -4.83
C SER B 86 -9.95 -13.97 -4.31
N GLN B 87 -10.08 -13.90 -2.98
CA GLN B 87 -10.98 -12.99 -2.28
C GLN B 87 -10.23 -11.85 -1.56
N ARG B 88 -9.26 -12.23 -0.74
CA ARG B 88 -8.50 -11.29 0.09
C ARG B 88 -7.04 -11.25 -0.36
N ASP B 89 -6.45 -10.05 -0.29
CA ASP B 89 -5.03 -9.84 -0.61
C ASP B 89 -4.35 -9.01 0.49
N ASN B 90 -3.54 -9.67 1.31
CA ASN B 90 -2.87 -9.02 2.42
C ASN B 90 -1.36 -9.22 2.40
N LYS B 91 -0.65 -8.22 2.90
CA LYS B 91 0.81 -8.22 2.99
C LYS B 91 1.35 -9.37 3.85
N TRP B 92 0.80 -9.55 5.05
CA TRP B 92 1.34 -10.47 6.03
C TRP B 92 1.04 -11.94 5.78
N VAL B 93 -0.09 -12.22 5.15
CA VAL B 93 -0.46 -13.59 4.71
C VAL B 93 0.52 -14.06 3.61
N PHE B 94 0.85 -13.13 2.71
CA PHE B 94 1.83 -13.34 1.65
C PHE B 94 3.19 -13.77 2.21
N TYR B 95 3.76 -12.96 3.12
CA TYR B 95 5.05 -13.25 3.73
C TYR B 95 5.11 -14.63 4.38
N LEU B 96 4.05 -14.96 5.12
CA LEU B 96 3.97 -16.23 5.85
C LEU B 96 3.99 -17.42 4.91
N HIS B 97 3.21 -17.33 3.84
CA HIS B 97 3.21 -18.32 2.76
C HIS B 97 4.58 -18.48 2.11
N SER B 98 5.15 -17.33 1.70
CA SER B 98 6.49 -17.24 1.12
C SER B 98 7.53 -17.92 2.00
N PHE B 99 7.50 -17.58 3.29
CA PHE B 99 8.38 -18.20 4.30
C PHE B 99 8.22 -19.71 4.36
N LEU B 100 6.96 -20.16 4.42
CA LEU B 100 6.63 -21.59 4.52
C LEU B 100 7.08 -22.39 3.29
N VAL B 101 7.03 -21.76 2.12
CA VAL B 101 7.47 -22.37 0.86
C VAL B 101 9.00 -22.54 0.83
N VAL B 102 9.72 -21.53 1.35
CA VAL B 102 11.19 -21.59 1.42
C VAL B 102 11.71 -22.29 2.68
N LEU B 103 10.81 -22.50 3.65
CA LEU B 103 11.14 -23.12 4.93
C LEU B 103 11.86 -24.49 4.85
N PRO B 104 11.45 -25.39 3.92
CA PRO B 104 12.21 -26.64 3.80
C PRO B 104 13.65 -26.42 3.32
N LEU B 105 13.83 -25.49 2.36
CA LEU B 105 15.15 -25.12 1.89
C LEU B 105 16.03 -24.49 2.99
N ILE B 106 15.47 -23.54 3.75
CA ILE B 106 16.18 -22.88 4.88
C ILE B 106 16.73 -23.93 5.85
N LEU B 107 15.87 -24.87 6.24
CA LEU B 107 16.22 -25.96 7.14
C LEU B 107 17.34 -26.86 6.60
N VAL B 108 17.34 -27.11 5.30
CA VAL B 108 18.39 -27.87 4.64
C VAL B 108 19.74 -27.14 4.71
N LYS B 109 19.70 -25.81 4.52
CA LYS B 109 20.89 -24.96 4.54
C LYS B 109 21.39 -24.68 5.96
N VAL B 110 20.46 -24.50 6.89
CA VAL B 110 20.79 -24.17 8.29
C VAL B 110 21.30 -25.41 9.06
N GLU B 111 20.95 -26.61 8.59
CA GLU B 111 21.28 -27.85 9.32
C GLU B 111 22.78 -28.18 9.51
N PRO B 112 23.63 -28.10 8.44
CA PRO B 112 25.05 -28.38 8.69
C PRO B 112 25.77 -27.33 9.52
N THR B 113 25.15 -26.16 9.69
CA THR B 113 25.75 -25.08 10.46
C THR B 113 25.23 -25.06 11.89
N ILE B 114 24.78 -26.22 12.37
CA ILE B 114 24.25 -26.34 13.72
C ILE B 114 24.57 -27.70 14.32
N ASN B 115 24.57 -28.73 13.48
CA ASN B 115 24.86 -30.08 13.92
C ASN B 115 26.06 -30.66 13.17
N GLY B 116 26.20 -30.28 11.92
CA GLY B 116 27.30 -30.76 11.08
C GLY B 116 26.87 -31.99 10.30
N THR B 117 25.57 -32.07 10.03
CA THR B 117 24.95 -33.13 9.23
C THR B 117 23.90 -32.55 8.31
N GLN B 118 23.45 -33.36 7.35
CA GLN B 118 22.38 -32.97 6.44
C GLN B 118 21.01 -33.11 7.10
N SER B 119 20.09 -32.23 6.70
CA SER B 119 18.68 -32.34 7.05
C SER B 119 18.10 -33.58 6.38
N LEU B 120 17.15 -34.23 7.06
CA LEU B 120 16.44 -35.34 6.47
C LEU B 120 15.44 -34.87 5.40
N LEU B 121 15.19 -33.56 5.36
CA LEU B 121 14.33 -32.94 4.35
C LEU B 121 14.98 -32.81 2.97
N ASN B 122 16.30 -33.00 2.94
CA ASN B 122 17.13 -32.75 1.78
C ASN B 122 17.04 -33.84 0.70
N PHE B 123 16.89 -33.38 -0.55
CA PHE B 123 16.98 -34.22 -1.74
C PHE B 123 17.68 -33.41 -2.82
N LEU B 124 18.23 -34.08 -3.83
CA LEU B 124 19.09 -33.44 -4.83
C LEU B 124 18.61 -32.07 -5.35
N GLY B 125 17.53 -32.05 -6.12
CA GLY B 125 17.10 -30.79 -6.78
C GLY B 125 16.55 -29.62 -5.95
N ILE B 126 16.54 -29.75 -4.62
CA ILE B 126 15.75 -28.88 -3.72
C ILE B 126 15.95 -27.37 -3.92
N SER B 127 17.22 -26.97 -4.05
CA SER B 127 17.63 -25.56 -4.07
C SER B 127 17.20 -24.87 -5.35
N TYR B 128 16.99 -25.64 -6.40
CA TYR B 128 16.53 -25.15 -7.69
C TYR B 128 15.03 -25.28 -7.83
N LEU B 129 14.47 -26.30 -7.18
CA LEU B 129 13.02 -26.52 -7.20
C LEU B 129 12.28 -25.41 -6.48
N THR B 130 12.87 -24.91 -5.38
CA THR B 130 12.28 -23.86 -4.55
C THR B 130 11.95 -22.59 -5.35
N PHE B 131 12.81 -22.24 -6.31
CA PHE B 131 12.57 -21.05 -7.14
C PHE B 131 11.27 -21.15 -7.90
N ARG B 132 10.97 -22.34 -8.40
CA ARG B 132 9.77 -22.58 -9.20
C ARG B 132 8.52 -22.39 -8.33
N ALA B 133 8.58 -22.91 -7.11
CA ALA B 133 7.50 -22.80 -6.11
C ALA B 133 7.25 -21.37 -5.64
N VAL B 134 8.30 -20.71 -5.12
CA VAL B 134 8.22 -19.32 -4.64
C VAL B 134 7.67 -18.44 -5.74
N GLY B 135 8.25 -18.59 -6.93
CA GLY B 135 7.84 -17.86 -8.13
C GLY B 135 6.35 -17.71 -8.28
N MET B 136 5.61 -18.80 -8.05
CA MET B 136 4.15 -18.79 -8.11
C MET B 136 3.48 -17.97 -7.00
N ILE B 137 3.93 -18.12 -5.76
CA ILE B 137 3.47 -17.29 -4.64
C ILE B 137 3.67 -15.80 -4.95
N ILE B 138 4.85 -15.45 -5.46
CA ILE B 138 5.18 -14.08 -5.90
C ILE B 138 4.27 -13.62 -7.06
N GLU B 139 4.10 -14.45 -8.09
CA GLU B 139 3.29 -14.10 -9.28
C GLU B 139 1.78 -14.02 -9.00
N MET B 140 1.30 -14.83 -8.05
CA MET B 140 -0.09 -14.76 -7.57
C MET B 140 -0.35 -13.53 -6.73
N ARG B 141 0.65 -13.15 -5.92
CA ARG B 141 0.62 -11.94 -5.10
C ARG B 141 0.33 -10.69 -5.92
N ASP B 142 1.02 -10.57 -7.05
CA ASP B 142 0.87 -9.42 -7.95
C ASP B 142 -0.32 -9.53 -8.89
N GLY B 143 -1.05 -10.64 -8.80
CA GLY B 143 -2.25 -10.86 -9.61
C GLY B 143 -1.99 -10.97 -11.10
N VAL B 144 -0.78 -11.36 -11.45
CA VAL B 144 -0.42 -11.63 -12.83
C VAL B 144 -0.70 -13.09 -13.17
N LEU B 145 -0.91 -13.92 -12.13
CA LEU B 145 -1.22 -15.34 -12.29
C LEU B 145 -2.44 -15.75 -11.45
N LYS B 146 -3.44 -16.36 -12.10
CA LYS B 146 -4.69 -16.77 -11.43
C LYS B 146 -5.00 -18.27 -11.52
N GLU B 147 -5.50 -18.73 -12.68
CA GLU B 147 -5.90 -20.15 -12.82
C GLU B 147 -4.75 -21.06 -13.26
N PHE B 148 -4.71 -22.26 -12.67
CA PHE B 148 -3.79 -23.33 -13.07
C PHE B 148 -4.13 -24.69 -12.47
N THR B 149 -4.00 -25.74 -13.28
CA THR B 149 -4.19 -27.13 -12.87
C THR B 149 -3.12 -27.55 -11.87
N LEU B 150 -3.46 -28.48 -10.97
CA LEU B 150 -2.49 -29.18 -10.14
C LEU B 150 -1.46 -29.87 -11.02
N GLY B 151 -1.94 -30.42 -12.14
CA GLY B 151 -1.10 -31.02 -13.18
C GLY B 151 -0.14 -30.02 -13.79
N GLU B 152 -0.68 -28.90 -14.28
CA GLU B 152 0.11 -27.81 -14.85
C GLU B 152 1.25 -27.37 -13.93
N PHE B 153 0.90 -27.22 -12.64
CA PHE B 153 1.83 -26.87 -11.57
C PHE B 153 2.89 -27.95 -11.35
N LEU B 154 2.46 -29.20 -11.21
CA LEU B 154 3.39 -30.30 -10.94
C LEU B 154 4.32 -30.62 -12.13
N ARG B 155 3.82 -30.47 -13.36
CA ARG B 155 4.59 -30.59 -14.60
C ARG B 155 5.77 -29.63 -14.60
N PHE B 156 5.43 -28.34 -14.44
CA PHE B 156 6.38 -27.26 -14.39
C PHE B 156 7.39 -27.44 -13.27
N MET B 157 6.91 -27.81 -12.09
CA MET B 157 7.79 -27.87 -10.94
C MET B 157 8.81 -29.00 -11.03
N LEU B 158 8.35 -30.22 -11.30
CA LEU B 158 9.27 -31.34 -11.37
C LEU B 158 9.58 -31.79 -12.81
N PHE B 159 9.76 -30.80 -13.69
CA PHE B 159 10.25 -31.02 -15.06
C PHE B 159 11.62 -31.70 -14.95
N MET B 160 11.76 -32.87 -15.56
CA MET B 160 12.94 -33.71 -15.43
C MET B 160 14.32 -33.31 -15.87
N PRO B 161 14.44 -32.73 -17.06
CA PRO B 161 15.77 -32.37 -17.53
C PRO B 161 16.41 -31.39 -16.59
N THR B 162 15.74 -30.28 -16.39
CA THR B 162 16.21 -29.25 -15.51
C THR B 162 15.66 -29.50 -14.15
N PHE B 163 16.14 -30.52 -13.47
CA PHE B 163 15.60 -30.80 -12.17
C PHE B 163 16.71 -30.85 -11.18
N THR B 164 17.73 -31.64 -11.48
CA THR B 164 18.88 -31.77 -10.59
C THR B 164 19.41 -30.39 -10.20
N SER B 165 19.81 -29.61 -11.19
CA SER B 165 20.33 -28.27 -10.98
C SER B 165 20.30 -27.50 -12.29
N GLY B 166 19.24 -27.74 -13.08
CA GLY B 166 19.08 -27.10 -14.37
C GLY B 166 18.51 -25.70 -14.31
N PRO B 167 18.47 -25.04 -15.48
CA PRO B 167 17.98 -23.69 -15.72
C PRO B 167 16.70 -23.39 -15.00
N ILE B 168 16.68 -22.34 -14.22
CA ILE B 168 15.49 -22.02 -13.51
C ILE B 168 14.52 -21.45 -14.51
N ASP B 169 13.26 -21.77 -14.32
CA ASP B 169 12.20 -21.34 -15.22
C ASP B 169 11.06 -20.71 -14.42
N ARG B 170 10.19 -20.01 -15.13
CA ARG B 170 9.02 -19.37 -14.53
C ARG B 170 7.76 -20.02 -15.12
N PHE B 171 6.69 -20.08 -14.33
CA PHE B 171 5.48 -20.85 -14.67
C PHE B 171 4.83 -20.44 -15.99
N LYS B 172 4.56 -19.14 -16.11
CA LYS B 172 3.76 -18.61 -17.22
C LYS B 172 4.33 -18.93 -18.60
N ARG B 173 5.65 -18.81 -18.76
CA ARG B 173 6.26 -19.11 -20.07
C ARG B 173 6.48 -20.60 -20.27
N PHE B 174 6.78 -21.35 -19.20
CA PHE B 174 6.93 -22.81 -19.31
C PHE B 174 5.63 -23.43 -19.77
N ASN B 175 4.54 -23.01 -19.13
CA ASN B 175 3.24 -23.56 -19.37
C ASN B 175 2.76 -23.25 -20.78
N GLU B 176 3.03 -22.02 -21.23
CA GLU B 176 2.65 -21.55 -22.56
C GLU B 176 3.44 -22.25 -23.66
N ASP B 177 4.69 -22.61 -23.34
CA ASP B 177 5.59 -23.35 -24.23
C ASP B 177 5.09 -24.79 -24.37
N TYR B 178 4.63 -25.36 -23.25
CA TYR B 178 4.12 -26.72 -23.20
C TYR B 178 2.76 -26.84 -23.89
N GLN B 179 1.93 -25.81 -23.72
CA GLN B 179 0.60 -25.69 -24.32
C GLN B 179 0.61 -25.88 -25.84
N SER B 180 1.49 -25.13 -26.50
CA SER B 180 1.55 -25.08 -27.96
C SER B 180 2.81 -25.73 -28.52
N ILE B 181 2.62 -26.92 -29.10
CA ILE B 181 3.67 -27.70 -29.76
C ILE B 181 4.16 -26.96 -31.02
N PRO B 182 5.49 -26.71 -31.13
CA PRO B 182 6.11 -26.03 -32.26
C PRO B 182 6.02 -26.79 -33.59
N ASN B 183 5.73 -26.04 -34.67
CA ASN B 183 5.55 -26.57 -36.02
C ASN B 183 6.76 -27.36 -36.56
N ARG B 184 6.52 -28.16 -37.61
CA ARG B 184 7.44 -29.23 -38.03
C ARG B 184 8.91 -28.83 -38.18
N ASP B 185 9.16 -27.72 -38.87
CA ASP B 185 10.53 -27.27 -39.12
C ASP B 185 11.17 -26.58 -37.92
N GLU B 186 10.43 -25.67 -37.29
CA GLU B 186 10.82 -25.04 -36.03
C GLU B 186 11.24 -26.08 -34.97
N LEU B 187 10.49 -27.18 -34.92
CA LEU B 187 10.77 -28.26 -33.98
C LEU B 187 12.00 -29.02 -34.47
N LEU B 188 12.14 -29.14 -35.79
CA LEU B 188 13.26 -29.83 -36.39
C LEU B 188 14.53 -29.06 -36.07
N ASN B 189 14.47 -27.73 -36.15
CA ASN B 189 15.60 -26.88 -35.84
C ASN B 189 16.09 -27.19 -34.44
N MET B 190 15.15 -27.49 -33.55
CA MET B 190 15.48 -27.81 -32.15
C MET B 190 16.34 -29.08 -32.04
N LEU B 191 16.01 -30.08 -32.87
CA LEU B 191 16.75 -31.35 -32.91
C LEU B 191 18.21 -31.14 -33.32
N GLU B 192 18.40 -30.24 -34.29
CA GLU B 192 19.71 -29.83 -34.78
C GLU B 192 20.46 -29.19 -33.63
N GLN B 193 19.81 -28.22 -33.00
CA GLN B 193 20.30 -27.50 -31.83
C GLN B 193 20.73 -28.46 -30.69
N ALA B 194 19.93 -29.51 -30.48
CA ALA B 194 20.14 -30.46 -29.39
C ALA B 194 21.41 -31.30 -29.53
N VAL B 195 21.65 -31.82 -30.74
CA VAL B 195 22.88 -32.59 -31.04
C VAL B 195 24.11 -31.68 -30.89
N LYS B 196 24.01 -30.48 -31.46
CA LYS B 196 25.02 -29.44 -31.34
C LYS B 196 25.36 -29.22 -29.85
N TYR B 197 24.32 -29.01 -29.04
CA TYR B 197 24.43 -28.86 -27.57
C TYR B 197 25.07 -30.06 -26.87
N ILE B 198 24.63 -31.27 -27.24
CA ILE B 198 25.11 -32.53 -26.62
C ILE B 198 26.60 -32.75 -26.92
N MET B 199 26.96 -32.64 -28.20
CA MET B 199 28.34 -32.75 -28.63
C MET B 199 29.23 -31.77 -27.90
N LEU B 200 28.83 -30.49 -27.87
CA LEU B 200 29.58 -29.47 -27.15
C LEU B 200 29.69 -29.78 -25.65
N GLY B 201 28.56 -30.17 -25.05
CA GLY B 201 28.52 -30.63 -23.66
C GLY B 201 29.54 -31.73 -23.35
N PHE B 202 29.66 -32.69 -24.28
CA PHE B 202 30.64 -33.77 -24.20
C PHE B 202 32.06 -33.23 -24.04
N LEU B 203 32.39 -32.23 -24.86
CA LEU B 203 33.72 -31.62 -24.85
C LEU B 203 33.96 -30.92 -23.53
N TYR B 204 32.99 -30.12 -23.08
CA TYR B 204 33.09 -29.36 -21.84
C TYR B 204 33.22 -30.29 -20.63
N LYS B 205 32.16 -31.06 -20.37
CA LYS B 205 32.05 -31.84 -19.15
C LYS B 205 32.97 -33.06 -19.08
N PHE B 206 33.01 -33.84 -20.16
CA PHE B 206 33.78 -35.09 -20.15
C PHE B 206 35.25 -34.96 -20.51
N VAL B 207 35.63 -33.86 -21.17
CA VAL B 207 37.04 -33.61 -21.55
C VAL B 207 37.68 -32.44 -20.77
N LEU B 208 37.21 -31.22 -21.00
CA LEU B 208 37.84 -30.01 -20.44
C LEU B 208 37.66 -29.88 -18.93
N ALA B 209 36.44 -30.10 -18.45
CA ALA B 209 36.14 -30.12 -17.01
C ALA B 209 36.98 -31.20 -16.33
N GLN B 210 37.22 -32.28 -17.04
CA GLN B 210 38.07 -33.35 -16.57
C GLN B 210 39.55 -32.96 -16.52
N ILE B 211 40.02 -32.26 -17.56
CA ILE B 211 41.41 -31.79 -17.64
C ILE B 211 41.73 -30.80 -16.51
N PHE B 212 40.90 -29.76 -16.37
CA PHE B 212 41.06 -28.80 -15.30
C PHE B 212 40.80 -29.41 -13.91
N GLY B 213 39.62 -29.98 -13.75
CA GLY B 213 39.16 -30.45 -12.44
C GLY B 213 39.93 -31.57 -11.80
N SER B 214 40.28 -32.59 -12.59
CA SER B 214 40.83 -33.83 -12.04
C SER B 214 42.26 -34.17 -12.50
N MET B 215 42.83 -33.36 -13.40
CA MET B 215 44.22 -33.55 -13.81
C MET B 215 45.12 -32.43 -13.30
N LEU B 216 44.64 -31.19 -13.39
CA LEU B 216 45.45 -30.01 -13.01
C LEU B 216 45.20 -29.47 -11.60
N LEU B 217 43.96 -29.54 -11.13
CA LEU B 217 43.59 -28.99 -9.83
C LEU B 217 44.15 -29.73 -8.58
N PRO B 218 43.98 -31.08 -8.48
CA PRO B 218 44.48 -31.76 -7.27
C PRO B 218 45.97 -31.62 -6.90
N PRO B 219 46.91 -31.57 -7.90
CA PRO B 219 48.30 -31.32 -7.47
C PRO B 219 48.61 -29.88 -7.10
N LEU B 220 47.90 -28.93 -7.72
CA LEU B 220 48.06 -27.50 -7.43
C LEU B 220 47.59 -27.14 -6.03
N LYS B 221 46.56 -27.83 -5.55
CA LYS B 221 46.07 -27.68 -4.19
C LYS B 221 47.06 -28.29 -3.20
N ALA B 222 47.63 -29.43 -3.57
CA ALA B 222 48.67 -30.10 -2.78
C ALA B 222 49.93 -29.24 -2.71
N GLN B 223 50.24 -28.55 -3.82
CA GLN B 223 51.36 -27.63 -3.90
C GLN B 223 51.14 -26.43 -2.97
N ALA B 224 49.98 -25.78 -3.11
CA ALA B 224 49.65 -24.58 -2.36
C ALA B 224 49.46 -24.81 -0.85
N LEU B 225 49.02 -26.01 -0.47
CA LEU B 225 48.90 -26.34 0.94
C LEU B 225 50.24 -26.59 1.62
N SER B 226 51.15 -27.28 0.93
CA SER B 226 52.50 -27.57 1.43
C SER B 226 53.40 -26.32 1.43
N GLN B 227 53.04 -25.33 0.62
CA GLN B 227 53.69 -24.02 0.59
C GLN B 227 53.33 -23.16 1.80
N GLY B 228 52.03 -23.04 2.08
CA GLY B 228 51.52 -22.24 3.21
C GLY B 228 51.50 -20.73 2.96
N GLY B 229 51.12 -19.97 3.99
CA GLY B 229 51.00 -18.51 3.89
C GLY B 229 49.59 -18.06 3.55
N ILE B 230 49.36 -16.74 3.51
CA ILE B 230 48.02 -16.22 3.15
C ILE B 230 47.70 -16.35 1.65
N PHE B 231 48.76 -16.34 0.83
CA PHE B 231 48.67 -16.56 -0.60
C PHE B 231 50.01 -17.10 -1.10
N ASN B 232 50.00 -17.77 -2.26
CA ASN B 232 51.24 -18.15 -2.98
C ASN B 232 50.96 -18.40 -4.45
N LEU B 233 52.03 -18.48 -5.25
CA LEU B 233 51.92 -18.68 -6.71
C LEU B 233 51.13 -19.94 -7.14
N PRO B 234 51.26 -21.06 -6.39
CA PRO B 234 50.35 -22.18 -6.65
C PRO B 234 48.86 -21.88 -6.37
N THR B 235 48.58 -21.07 -5.36
CA THR B 235 47.21 -20.64 -5.03
C THR B 235 46.63 -19.74 -6.13
N LEU B 236 47.50 -19.00 -6.83
CA LEU B 236 47.10 -18.28 -8.05
C LEU B 236 46.75 -19.27 -9.17
N GLY B 237 47.44 -20.40 -9.18
CA GLY B 237 47.15 -21.49 -10.11
C GLY B 237 45.77 -22.09 -9.86
N VAL B 238 45.53 -22.50 -8.61
CA VAL B 238 44.22 -23.04 -8.16
C VAL B 238 43.06 -22.13 -8.54
N MET B 239 43.25 -20.82 -8.33
CA MET B 239 42.28 -19.80 -8.71
C MET B 239 41.84 -19.91 -10.18
N TYR B 240 42.78 -19.88 -11.13
CA TYR B 240 42.46 -19.95 -12.55
C TYR B 240 41.92 -21.31 -13.01
N VAL B 241 42.60 -22.38 -12.56
CA VAL B 241 42.24 -23.74 -12.92
C VAL B 241 40.83 -24.09 -12.44
N TYR B 242 40.54 -23.79 -11.17
CA TYR B 242 39.22 -24.04 -10.58
C TYR B 242 38.11 -23.30 -11.32
N GLY B 243 38.33 -22.01 -11.55
CA GLY B 243 37.38 -21.14 -12.24
C GLY B 243 36.91 -21.72 -13.56
N PHE B 244 37.86 -22.21 -14.36
CA PHE B 244 37.57 -22.86 -15.64
C PHE B 244 36.81 -24.18 -15.48
N ASP B 245 37.28 -25.02 -14.55
CA ASP B 245 36.60 -26.26 -14.17
C ASP B 245 35.13 -26.01 -13.74
N LEU B 246 34.93 -24.99 -12.88
CA LEU B 246 33.57 -24.59 -12.47
C LEU B 246 32.74 -24.19 -13.67
N PHE B 247 33.35 -23.48 -14.62
CA PHE B 247 32.66 -23.08 -15.82
C PHE B 247 32.31 -24.28 -16.71
N PHE B 248 33.32 -25.04 -17.15
CA PHE B 248 33.08 -26.13 -18.11
C PHE B 248 32.12 -27.20 -17.62
N ASP B 249 32.22 -27.55 -16.33
CA ASP B 249 31.30 -28.51 -15.74
C ASP B 249 29.86 -27.99 -15.69
N PHE B 250 29.67 -26.76 -15.24
CA PHE B 250 28.32 -26.22 -15.10
C PHE B 250 27.65 -25.84 -16.43
N ALA B 251 28.44 -25.24 -17.33
CA ALA B 251 27.98 -24.88 -18.67
C ALA B 251 27.71 -26.10 -19.55
N GLY B 252 28.52 -27.14 -19.35
CA GLY B 252 28.38 -28.43 -20.03
C GLY B 252 27.10 -29.13 -19.59
N TYR B 253 26.88 -29.18 -18.28
CA TYR B 253 25.63 -29.64 -17.71
C TYR B 253 24.44 -28.90 -18.29
N SER B 254 24.54 -27.57 -18.32
CA SER B 254 23.45 -26.71 -18.77
C SER B 254 23.03 -26.99 -20.20
N MET B 255 24.00 -27.29 -21.07
CA MET B 255 23.72 -27.63 -22.46
C MET B 255 23.00 -28.95 -22.61
N PHE B 256 23.45 -29.96 -21.85
CA PHE B 256 22.76 -31.25 -21.77
C PHE B 256 21.29 -31.05 -21.40
N ALA B 257 21.06 -30.36 -20.27
CA ALA B 257 19.74 -29.96 -19.80
C ALA B 257 18.93 -29.26 -20.88
N LEU B 258 19.55 -28.30 -21.55
CA LEU B 258 18.93 -27.58 -22.65
C LEU B 258 18.55 -28.47 -23.82
N ALA B 259 19.43 -29.44 -24.13
CA ALA B 259 19.23 -30.37 -25.24
C ALA B 259 18.11 -31.37 -24.98
N VAL B 260 18.14 -31.98 -23.80
CA VAL B 260 17.10 -32.92 -23.35
C VAL B 260 15.75 -32.24 -23.26
N SER B 261 15.72 -31.04 -22.67
CA SER B 261 14.54 -30.17 -22.66
C SER B 261 13.98 -29.94 -24.07
N ASN B 262 14.88 -29.77 -25.05
CA ASN B 262 14.50 -29.55 -26.46
C ASN B 262 13.79 -30.73 -27.08
N LEU B 263 14.25 -31.94 -26.74
CA LEU B 263 13.64 -33.17 -27.23
C LEU B 263 12.26 -33.41 -26.62
N MET B 264 11.98 -32.71 -25.52
CA MET B 264 10.65 -32.69 -24.92
C MET B 264 9.80 -31.53 -25.42
N GLY B 265 10.32 -30.79 -26.39
CA GLY B 265 9.54 -29.78 -27.09
C GLY B 265 9.44 -28.40 -26.45
N ILE B 266 9.98 -28.26 -25.24
CA ILE B 266 10.04 -26.94 -24.60
C ILE B 266 11.47 -26.41 -24.57
N LYS B 267 11.65 -25.16 -24.99
CA LYS B 267 12.97 -24.53 -24.95
C LYS B 267 13.13 -23.73 -23.65
N SER B 268 13.81 -24.37 -22.70
CA SER B 268 14.08 -23.81 -21.36
C SER B 268 15.11 -22.65 -21.44
N PRO B 269 15.18 -21.78 -20.39
CA PRO B 269 16.11 -20.65 -20.36
C PRO B 269 17.59 -21.02 -20.52
N ILE B 270 18.40 -20.12 -21.08
CA ILE B 270 19.84 -20.36 -21.22
C ILE B 270 20.63 -19.87 -20.00
N ASN B 271 21.75 -20.54 -19.68
CA ASN B 271 22.55 -20.26 -18.47
C ASN B 271 23.85 -19.48 -18.66
N PHE B 272 24.50 -19.63 -19.80
CA PHE B 272 25.76 -18.93 -20.07
C PHE B 272 25.78 -18.29 -21.45
N ASP B 273 26.50 -17.18 -21.57
CA ASP B 273 26.69 -16.47 -22.84
C ASP B 273 28.09 -15.87 -22.89
N LYS B 274 29.09 -16.69 -23.23
CA LYS B 274 30.52 -16.30 -23.25
C LYS B 274 30.84 -15.31 -22.10
N PRO B 275 30.78 -15.78 -20.84
CA PRO B 275 30.82 -14.84 -19.73
C PRO B 275 32.20 -14.22 -19.46
N PHE B 276 33.27 -14.78 -20.04
CA PHE B 276 34.62 -14.29 -19.78
C PHE B 276 34.99 -13.02 -20.58
N ILE B 277 34.43 -12.89 -21.78
CA ILE B 277 34.67 -11.70 -22.63
C ILE B 277 33.92 -10.46 -22.16
N SER B 278 33.22 -10.60 -21.03
CA SER B 278 32.54 -9.47 -20.38
C SER B 278 33.55 -8.48 -19.83
N ARG B 279 33.30 -7.21 -20.11
CA ARG B 279 34.20 -6.09 -19.80
C ARG B 279 33.83 -5.47 -18.45
N ASP B 280 32.65 -5.81 -17.97
CA ASP B 280 31.96 -5.12 -16.90
C ASP B 280 31.38 -6.17 -15.92
N MET B 281 31.31 -5.82 -14.64
CA MET B 281 30.64 -6.66 -13.62
C MET B 281 29.15 -6.80 -13.87
N LYS B 282 28.51 -5.71 -14.27
CA LYS B 282 27.10 -5.70 -14.68
C LYS B 282 26.87 -6.60 -15.90
N GLU B 283 27.85 -6.62 -16.82
CA GLU B 283 27.79 -7.46 -18.02
C GLU B 283 28.00 -8.95 -17.71
N PHE B 284 28.93 -9.25 -16.79
CA PHE B 284 29.17 -10.60 -16.30
C PHE B 284 27.89 -11.26 -15.80
N TRP B 285 27.10 -10.52 -15.04
CA TRP B 285 25.85 -11.03 -14.50
C TRP B 285 24.72 -11.08 -15.54
N ASN B 286 24.97 -10.56 -16.73
CA ASN B 286 24.06 -10.80 -17.85
C ASN B 286 24.52 -11.97 -18.70
N ARG B 287 25.56 -12.66 -18.26
CA ARG B 287 26.23 -13.70 -19.03
C ARG B 287 26.56 -14.99 -18.25
N TRP B 288 26.61 -14.89 -16.92
CA TRP B 288 26.93 -16.03 -16.05
C TRP B 288 25.71 -16.51 -15.24
N HIS B 289 25.52 -17.85 -15.18
CA HIS B 289 24.39 -18.52 -14.50
C HIS B 289 23.09 -17.71 -14.62
N MET B 290 22.77 -17.37 -15.86
CA MET B 290 21.77 -16.37 -16.19
C MET B 290 20.38 -16.66 -15.62
N SER B 291 19.92 -17.91 -15.69
CA SER B 291 18.59 -18.28 -15.15
C SER B 291 18.44 -17.88 -13.67
N LEU B 292 19.46 -18.18 -12.86
CA LEU B 292 19.54 -17.74 -11.45
C LEU B 292 19.72 -16.22 -11.33
N SER B 293 20.73 -15.71 -12.03
CA SER B 293 21.05 -14.29 -12.07
C SER B 293 19.83 -13.42 -12.33
N PHE B 294 19.11 -13.74 -13.40
CA PHE B 294 17.91 -13.02 -13.83
C PHE B 294 16.73 -13.25 -12.86
N TRP B 295 16.71 -14.38 -12.17
CA TRP B 295 15.68 -14.66 -11.18
C TRP B 295 15.82 -13.71 -9.99
N PHE B 296 17.02 -13.67 -9.41
CA PHE B 296 17.33 -12.72 -8.32
C PHE B 296 17.14 -11.28 -8.74
N ARG B 297 17.40 -10.97 -10.00
CA ARG B 297 17.20 -9.64 -10.55
C ARG B 297 15.75 -9.17 -10.45
N ASP B 298 14.80 -10.05 -10.75
CA ASP B 298 13.38 -9.67 -10.79
C ASP B 298 12.60 -9.98 -9.52
N PHE B 299 13.00 -11.04 -8.84
CA PHE B 299 12.27 -11.53 -7.67
C PHE B 299 12.90 -11.19 -6.34
N VAL B 300 14.16 -10.75 -6.34
CA VAL B 300 14.82 -10.32 -5.09
C VAL B 300 15.21 -8.85 -5.15
N PHE B 301 16.02 -8.48 -6.14
CA PHE B 301 16.54 -7.12 -6.25
C PHE B 301 15.44 -6.11 -6.58
N MET B 302 14.77 -6.28 -7.72
CA MET B 302 13.72 -5.36 -8.17
C MET B 302 12.63 -5.19 -7.13
N ARG B 303 12.37 -6.27 -6.40
CA ARG B 303 11.33 -6.29 -5.37
C ARG B 303 11.79 -5.62 -4.08
N LEU B 304 13.09 -5.62 -3.83
CA LEU B 304 13.66 -4.89 -2.71
C LEU B 304 13.69 -3.39 -2.98
N VAL B 305 14.14 -3.00 -4.17
CA VAL B 305 14.16 -1.60 -4.60
C VAL B 305 12.75 -0.98 -4.49
N ILE B 306 11.74 -1.72 -4.98
CA ILE B 306 10.34 -1.28 -4.93
C ILE B 306 9.84 -0.99 -3.50
N VAL B 307 10.18 -1.87 -2.55
CA VAL B 307 9.75 -1.66 -1.16
C VAL B 307 10.54 -0.53 -0.47
N LEU B 308 11.78 -0.28 -0.90
CA LEU B 308 12.56 0.85 -0.39
C LEU B 308 12.10 2.18 -0.99
N MET B 309 11.57 2.15 -2.23
CA MET B 309 10.88 3.30 -2.82
C MET B 309 9.57 3.62 -2.12
N ARG B 310 8.83 2.57 -1.75
CA ARG B 310 7.51 2.63 -1.12
C ARG B 310 7.48 3.45 0.18
N ASN B 311 8.60 3.41 0.91
CA ASN B 311 8.77 4.13 2.15
C ASN B 311 9.67 5.35 2.00
N LYS B 312 10.31 5.47 0.83
CA LYS B 312 11.51 6.30 0.62
C LYS B 312 12.39 6.38 1.88
N VAL B 313 12.88 5.21 2.26
CA VAL B 313 13.69 4.98 3.46
C VAL B 313 15.07 5.64 3.37
N PHE B 314 15.69 5.57 2.18
CA PHE B 314 17.00 6.18 1.94
C PHE B 314 16.92 7.54 1.27
N LYS B 315 17.95 8.36 1.49
CA LYS B 315 18.07 9.74 1.02
C LYS B 315 17.87 9.89 -0.51
N ASN B 316 18.66 9.13 -1.27
CA ASN B 316 18.77 9.35 -2.72
C ASN B 316 18.71 8.06 -3.55
N ARG B 317 18.66 8.25 -4.88
CA ARG B 317 18.55 7.18 -5.87
C ARG B 317 19.74 6.19 -5.86
N ASN B 318 20.88 6.61 -5.31
CA ASN B 318 22.10 5.81 -5.38
C ASN B 318 22.33 4.87 -4.20
N THR B 319 21.90 5.26 -3.02
CA THR B 319 22.06 4.42 -1.83
C THR B 319 21.03 3.28 -1.79
N THR B 320 19.82 3.55 -2.27
CA THR B 320 18.76 2.53 -2.40
C THR B 320 19.18 1.38 -3.33
N SER B 321 19.89 1.71 -4.41
CA SER B 321 20.45 0.72 -5.33
C SER B 321 21.56 -0.08 -4.67
N ASN B 322 22.52 0.65 -4.10
CA ASN B 322 23.74 0.09 -3.55
C ASN B 322 23.49 -0.83 -2.35
N VAL B 323 22.48 -0.49 -1.54
CA VAL B 323 22.00 -1.37 -0.47
C VAL B 323 21.45 -2.65 -1.09
N ALA B 324 20.51 -2.48 -2.03
CA ALA B 324 19.84 -3.59 -2.70
C ALA B 324 20.79 -4.53 -3.45
N TYR B 325 21.83 -3.98 -4.06
CA TYR B 325 22.92 -4.78 -4.65
C TYR B 325 23.58 -5.69 -3.62
N ILE B 326 23.97 -5.09 -2.50
CA ILE B 326 24.65 -5.79 -1.42
C ILE B 326 23.75 -6.84 -0.77
N ILE B 327 22.47 -6.51 -0.57
CA ILE B 327 21.50 -7.44 -0.01
C ILE B 327 21.23 -8.58 -0.99
N ASN B 328 20.91 -8.23 -2.24
CA ASN B 328 20.63 -9.20 -3.31
C ASN B 328 21.74 -10.24 -3.51
N MET B 329 22.99 -9.77 -3.54
CA MET B 329 24.13 -10.64 -3.75
C MET B 329 24.50 -11.45 -2.51
N MET B 330 24.17 -10.92 -1.34
CA MET B 330 24.37 -11.60 -0.07
C MET B 330 23.38 -12.76 0.10
N VAL B 331 22.11 -12.51 -0.25
CA VAL B 331 21.05 -13.54 -0.26
C VAL B 331 21.42 -14.66 -1.24
N MET B 332 21.96 -14.29 -2.39
CA MET B 332 22.48 -15.25 -3.37
C MET B 332 23.60 -16.11 -2.77
N GLY B 333 24.51 -15.46 -2.04
CA GLY B 333 25.57 -16.16 -1.31
C GLY B 333 25.01 -17.14 -0.29
N PHE B 334 24.01 -16.67 0.46
CA PHE B 334 23.29 -17.47 1.45
C PHE B 334 22.65 -18.71 0.83
N TRP B 335 22.07 -18.54 -0.37
CA TRP B 335 21.42 -19.62 -1.11
C TRP B 335 22.39 -20.76 -1.45
N HIS B 336 23.66 -20.43 -1.66
CA HIS B 336 24.70 -21.44 -1.89
C HIS B 336 25.02 -22.25 -0.64
N GLY B 337 24.80 -21.66 0.53
CA GLY B 337 25.07 -22.32 1.80
C GLY B 337 25.49 -21.31 2.83
N ILE B 338 25.37 -21.71 4.10
CA ILE B 338 25.74 -20.82 5.19
C ILE B 338 27.13 -21.20 5.63
N THR B 339 28.11 -20.74 4.86
CA THR B 339 29.52 -20.81 5.22
C THR B 339 30.08 -19.41 5.04
N TRP B 340 31.15 -19.10 5.76
CA TRP B 340 31.77 -17.77 5.67
C TRP B 340 32.07 -17.42 4.22
N TYR B 341 32.67 -18.37 3.49
CA TYR B 341 33.15 -18.14 2.14
C TYR B 341 32.05 -17.93 1.10
N TYR B 342 30.88 -18.55 1.30
CA TYR B 342 29.73 -18.28 0.43
C TYR B 342 29.20 -16.87 0.66
N ILE B 343 29.02 -16.49 1.94
CA ILE B 343 28.61 -15.15 2.31
C ILE B 343 29.68 -14.14 1.87
N ALA B 344 30.95 -14.53 1.97
CA ALA B 344 32.08 -13.73 1.50
C ALA B 344 31.98 -13.49 0.00
N TYR B 345 31.82 -14.57 -0.77
CA TYR B 345 31.54 -14.52 -2.21
C TYR B 345 30.36 -13.58 -2.55
N GLY B 346 29.37 -13.55 -1.66
CA GLY B 346 28.20 -12.69 -1.77
C GLY B 346 28.47 -11.20 -1.63
N ILE B 347 29.04 -10.80 -0.49
CA ILE B 347 29.39 -9.39 -0.22
C ILE B 347 30.47 -8.86 -1.18
N PHE B 348 31.30 -9.75 -1.70
CA PHE B 348 32.34 -9.45 -2.70
C PHE B 348 31.70 -8.94 -3.98
N HIS B 349 30.74 -9.70 -4.51
CA HIS B 349 30.03 -9.33 -5.73
C HIS B 349 29.11 -8.12 -5.57
N GLY B 350 28.74 -7.84 -4.32
CA GLY B 350 27.94 -6.66 -3.94
C GLY B 350 28.76 -5.38 -4.03
N ILE B 351 29.85 -5.34 -3.25
CA ILE B 351 30.81 -4.23 -3.31
C ILE B 351 31.41 -4.13 -4.72
N GLY B 352 31.61 -5.28 -5.36
CA GLY B 352 32.04 -5.37 -6.75
C GLY B 352 31.11 -4.62 -7.69
N LEU B 353 29.81 -4.85 -7.51
CA LEU B 353 28.81 -4.18 -8.34
C LEU B 353 28.65 -2.68 -8.01
N VAL B 354 28.74 -2.33 -6.72
CA VAL B 354 28.58 -0.92 -6.35
C VAL B 354 29.74 -0.08 -6.89
N ILE B 355 30.96 -0.61 -6.79
CA ILE B 355 32.17 0.00 -7.36
C ILE B 355 31.94 0.25 -8.86
N ASN B 356 31.48 -0.79 -9.54
CA ASN B 356 31.20 -0.74 -10.96
C ASN B 356 30.17 0.31 -11.32
N ASP B 357 29.05 0.31 -10.59
CA ASP B 357 27.92 1.20 -10.88
C ASP B 357 28.30 2.66 -10.63
N ALA B 358 29.15 2.86 -9.60
CA ALA B 358 29.68 4.17 -9.24
C ALA B 358 30.60 4.78 -10.31
N TRP B 359 31.49 3.96 -10.88
CA TRP B 359 32.36 4.35 -12.00
C TRP B 359 31.57 4.74 -13.25
N LEU B 360 30.49 4.01 -13.53
CA LEU B 360 29.62 4.31 -14.67
C LEU B 360 28.95 5.68 -14.56
N ARG B 361 28.54 6.04 -13.33
CA ARG B 361 28.03 7.37 -13.01
C ARG B 361 29.11 8.44 -13.15
N LYS B 362 30.30 8.12 -12.63
CA LYS B 362 31.47 9.02 -12.67
C LYS B 362 31.94 9.25 -14.10
N LYS B 363 32.08 8.18 -14.88
CA LYS B 363 32.49 8.23 -16.28
C LYS B 363 31.50 9.05 -17.11
N LYS B 364 30.21 8.97 -16.76
CA LYS B 364 29.15 9.75 -17.42
C LYS B 364 29.35 11.26 -17.21
N THR B 365 29.72 11.64 -15.99
CA THR B 365 29.94 13.04 -15.64
C THR B 365 31.29 13.60 -16.13
N ILE B 366 32.25 12.72 -16.42
CA ILE B 366 33.52 13.13 -17.08
C ILE B 366 33.26 13.47 -18.56
N ASN B 367 32.38 12.70 -19.20
CA ASN B 367 31.95 12.96 -20.58
C ASN B 367 31.08 14.21 -20.68
N LYS B 368 30.19 14.37 -19.70
CA LYS B 368 29.34 15.55 -19.53
C LYS B 368 30.21 16.82 -19.45
N ASP B 369 31.28 16.73 -18.64
CA ASP B 369 32.27 17.81 -18.47
C ASP B 369 33.08 18.08 -19.73
N ARG B 370 33.51 17.01 -20.40
CA ARG B 370 34.27 17.10 -21.67
C ARG B 370 33.49 17.74 -22.82
N LYS B 371 32.18 17.47 -22.87
CA LYS B 371 31.29 18.04 -23.90
C LYS B 371 31.20 19.55 -23.78
N LYS B 372 31.05 20.04 -22.54
CA LYS B 372 31.05 21.46 -22.23
C LYS B 372 32.44 22.08 -22.42
N ALA B 373 33.47 21.29 -22.11
CA ALA B 373 34.87 21.68 -22.29
C ALA B 373 35.32 21.73 -23.75
N GLY B 374 34.55 21.09 -24.63
CA GLY B 374 34.83 21.07 -26.06
C GLY B 374 35.73 19.94 -26.53
N LEU B 375 36.25 19.14 -25.60
CA LEU B 375 37.12 17.98 -25.94
C LEU B 375 36.30 16.84 -26.54
N LYS B 376 37.00 15.85 -27.11
CA LYS B 376 36.39 14.60 -27.57
C LYS B 376 35.94 13.72 -26.37
N PRO B 377 34.79 13.02 -26.50
CA PRO B 377 34.32 12.12 -25.42
C PRO B 377 35.34 11.00 -25.15
N LEU B 378 35.48 10.64 -23.87
CA LEU B 378 36.47 9.68 -23.35
C LEU B 378 36.68 8.46 -24.27
N PRO B 379 37.97 8.09 -24.57
CA PRO B 379 38.31 7.06 -25.58
C PRO B 379 37.62 5.72 -25.38
N GLU B 380 37.03 5.20 -26.46
CA GLU B 380 36.27 3.96 -26.41
C GLU B 380 36.64 3.10 -27.63
N ASN B 381 37.83 2.50 -27.54
CA ASN B 381 38.45 1.71 -28.62
C ASN B 381 38.58 0.23 -28.22
N LYS B 382 39.57 -0.46 -28.79
CA LYS B 382 39.84 -1.87 -28.45
C LYS B 382 40.71 -2.05 -27.21
N TRP B 383 41.68 -1.13 -26.99
CA TRP B 383 42.54 -1.18 -25.80
C TRP B 383 41.77 -0.98 -24.49
N THR B 384 40.78 -0.07 -24.52
CA THR B 384 39.90 0.20 -23.38
C THR B 384 39.04 -1.02 -23.04
N LYS B 385 38.43 -1.63 -24.08
CA LYS B 385 37.72 -2.90 -23.96
C LYS B 385 38.60 -3.96 -23.29
N ALA B 386 39.79 -4.17 -23.86
CA ALA B 386 40.77 -5.16 -23.38
C ALA B 386 41.10 -4.98 -21.92
N LEU B 387 41.26 -3.72 -21.50
CA LEU B 387 41.56 -3.38 -20.11
C LEU B 387 40.42 -3.83 -19.19
N GLY B 388 39.19 -3.45 -19.56
CA GLY B 388 37.98 -3.80 -18.82
C GLY B 388 37.82 -5.31 -18.61
N ILE B 389 38.06 -6.06 -19.69
CA ILE B 389 38.09 -7.51 -19.65
C ILE B 389 39.12 -8.00 -18.62
N PHE B 390 40.34 -7.47 -18.67
CA PHE B 390 41.40 -7.86 -17.75
C PHE B 390 41.00 -7.65 -16.29
N ILE B 391 40.37 -6.51 -15.99
CA ILE B 391 39.87 -6.19 -14.65
C ILE B 391 38.80 -7.21 -14.19
N THR B 392 37.70 -7.33 -14.95
CA THR B 392 36.59 -8.20 -14.56
C THR B 392 36.96 -9.67 -14.53
N PHE B 393 37.70 -10.13 -15.54
CA PHE B 393 38.18 -11.52 -15.60
C PHE B 393 38.92 -11.89 -14.30
N ASN B 394 39.80 -11.01 -13.86
CA ASN B 394 40.56 -11.23 -12.62
C ASN B 394 39.77 -11.03 -11.34
N THR B 395 38.85 -10.07 -11.34
CA THR B 395 37.88 -9.90 -10.25
C THR B 395 37.10 -11.20 -10.07
N VAL B 396 36.56 -11.69 -11.19
CA VAL B 396 35.68 -12.85 -11.24
C VAL B 396 36.41 -14.13 -10.85
N MET B 397 37.62 -14.32 -11.37
CA MET B 397 38.44 -15.49 -11.01
C MET B 397 38.75 -15.51 -9.52
N LEU B 398 39.07 -14.33 -8.96
CA LEU B 398 39.31 -14.16 -7.54
C LEU B 398 38.09 -14.54 -6.70
N SER B 399 36.92 -14.09 -7.15
CA SER B 399 35.64 -14.44 -6.51
C SER B 399 35.45 -15.95 -6.44
N PHE B 400 35.82 -16.66 -7.51
CA PHE B 400 35.72 -18.12 -7.56
C PHE B 400 36.67 -18.84 -6.60
N LEU B 401 37.83 -18.23 -6.34
CA LEU B 401 38.75 -18.74 -5.31
C LEU B 401 38.12 -18.66 -3.92
N ILE B 402 37.42 -17.56 -3.65
CA ILE B 402 36.65 -17.41 -2.41
C ILE B 402 35.58 -18.51 -2.35
N PHE B 403 34.83 -18.63 -3.45
CA PHE B 403 33.67 -19.52 -3.60
C PHE B 403 34.00 -20.99 -3.45
N SER B 404 35.20 -21.37 -3.91
CA SER B 404 35.68 -22.77 -3.80
C SER B 404 35.87 -23.20 -2.35
N GLY B 405 36.19 -22.23 -1.49
CA GLY B 405 36.50 -22.50 -0.10
C GLY B 405 37.84 -23.17 0.06
N PHE B 406 38.70 -23.03 -0.95
CA PHE B 406 40.06 -23.51 -0.84
C PHE B 406 40.84 -22.60 0.12
N LEU B 407 40.45 -21.33 0.18
CA LEU B 407 41.03 -20.38 1.12
C LEU B 407 40.78 -20.78 2.56
N ASN B 408 39.60 -21.35 2.82
CA ASN B 408 39.29 -21.97 4.10
C ASN B 408 40.24 -23.15 4.42
N ASP B 409 40.63 -23.90 3.39
CA ASP B 409 41.61 -25.00 3.54
C ASP B 409 43.01 -24.47 3.79
N LEU B 410 43.39 -23.43 3.04
CA LEU B 410 44.72 -22.82 3.12
C LEU B 410 44.96 -22.08 4.44
N TRP B 411 43.90 -21.48 4.98
CA TRP B 411 44.00 -20.68 6.20
C TRP B 411 43.59 -21.43 7.48
N PHE B 412 42.43 -22.11 7.44
CA PHE B 412 41.76 -22.57 8.67
C PHE B 412 41.77 -24.07 9.00
N THR B 413 42.41 -24.90 8.16
CA THR B 413 42.57 -26.36 8.43
C THR B 413 43.28 -26.64 9.78
N LYS B 414 43.87 -25.59 10.37
CA LYS B 414 44.43 -25.59 11.74
C LYS B 414 43.34 -25.87 12.79
N MET C 1 5.91 56.33 -13.64
CA MET C 1 5.99 54.95 -13.09
C MET C 1 6.11 53.96 -14.26
N ILE C 2 5.05 53.88 -15.07
CA ILE C 2 5.03 53.09 -16.31
C ILE C 2 5.79 53.87 -17.42
N ASP C 3 5.95 55.18 -17.20
CA ASP C 3 6.34 56.13 -18.24
C ASP C 3 7.85 56.19 -18.53
N PHE C 4 8.66 56.28 -17.47
CA PHE C 4 10.14 56.43 -17.59
C PHE C 4 10.83 55.27 -18.32
N LEU C 5 10.43 54.04 -17.99
CA LEU C 5 11.07 52.82 -18.47
C LEU C 5 10.72 52.50 -19.94
N LYS C 6 9.63 53.11 -20.44
CA LYS C 6 9.29 53.11 -21.86
C LYS C 6 10.09 54.15 -22.65
N GLN C 7 10.77 55.04 -21.92
CA GLN C 7 11.67 56.04 -22.50
C GLN C 7 13.15 55.67 -22.28
N LEU C 8 13.38 54.37 -22.02
CA LEU C 8 14.72 53.76 -21.89
C LEU C 8 14.91 52.71 -23.00
N PRO C 9 16.09 52.70 -23.68
CA PRO C 9 16.29 51.93 -24.93
C PRO C 9 16.20 50.41 -24.77
N HIS C 10 15.59 49.75 -25.76
CA HIS C 10 15.42 48.30 -25.73
C HIS C 10 16.55 47.56 -26.45
N LEU C 11 17.20 46.66 -25.72
CA LEU C 11 18.21 45.77 -26.30
C LEU C 11 17.80 44.31 -26.26
N GLU C 12 17.34 43.83 -27.43
CA GLU C 12 17.04 42.41 -27.67
C GLU C 12 18.26 41.53 -27.32
N PRO C 13 18.13 40.63 -26.32
CA PRO C 13 19.30 39.86 -25.87
C PRO C 13 19.83 38.91 -26.95
N TYR C 14 21.11 39.09 -27.30
CA TYR C 14 21.76 38.46 -28.47
C TYR C 14 21.00 38.76 -29.76
N GLY C 15 20.60 40.01 -29.92
CA GLY C 15 19.75 40.44 -31.04
C GLY C 15 20.46 40.75 -32.33
N ASN C 16 21.66 41.30 -32.21
CA ASN C 16 22.52 41.60 -33.37
C ASN C 16 24.01 41.42 -33.01
N PRO C 17 24.93 41.54 -34.00
CA PRO C 17 26.36 41.57 -33.69
C PRO C 17 26.76 42.65 -32.69
N PHE C 18 26.13 43.82 -32.79
CA PHE C 18 26.50 45.00 -31.98
C PHE C 18 26.29 44.82 -30.48
N TYR C 19 25.27 44.02 -30.11
CA TYR C 19 25.01 43.61 -28.72
C TYR C 19 26.25 43.06 -28.01
N PHE C 20 27.08 42.33 -28.75
CA PHE C 20 28.27 41.69 -28.19
C PHE C 20 29.40 42.66 -27.87
N ILE C 21 29.41 43.83 -28.52
CA ILE C 21 30.35 44.92 -28.17
C ILE C 21 30.09 45.37 -26.71
N TYR C 22 28.84 45.75 -26.42
CA TYR C 22 28.40 46.20 -25.08
C TYR C 22 28.63 45.15 -24.01
N LEU C 23 28.10 43.95 -24.25
CA LEU C 23 28.22 42.84 -23.31
C LEU C 23 29.68 42.42 -23.09
N GLY C 24 30.47 42.48 -24.17
CA GLY C 24 31.90 42.20 -24.12
C GLY C 24 32.63 43.13 -23.17
N ILE C 25 32.53 44.44 -23.42
CA ILE C 25 33.07 45.51 -22.55
C ILE C 25 32.65 45.28 -21.10
N ALA C 26 31.33 45.13 -20.91
CA ALA C 26 30.70 44.83 -19.62
C ALA C 26 31.40 43.71 -18.87
N LEU C 27 31.53 42.55 -19.50
CA LEU C 27 32.02 41.33 -18.84
C LEU C 27 33.53 41.25 -18.66
N LEU C 28 34.26 42.03 -19.47
CA LEU C 28 35.72 42.03 -19.48
C LEU C 28 36.37 42.09 -18.08
N PRO C 29 35.95 43.04 -17.19
CA PRO C 29 36.53 43.08 -15.84
C PRO C 29 36.24 41.84 -15.00
N ILE C 30 35.02 41.29 -15.12
CA ILE C 30 34.60 40.08 -14.41
C ILE C 30 35.55 38.93 -14.77
N PHE C 31 35.81 38.78 -16.07
CA PHE C 31 36.63 37.70 -16.59
C PHE C 31 38.09 37.79 -16.15
N ILE C 32 38.70 38.96 -16.34
CA ILE C 32 40.06 39.26 -15.85
C ILE C 32 40.13 38.96 -14.34
N GLY C 33 39.08 39.35 -13.62
CA GLY C 33 38.91 39.02 -12.21
C GLY C 33 39.11 37.55 -11.91
N LEU C 34 38.42 36.69 -12.68
CA LEU C 34 38.47 35.24 -12.47
C LEU C 34 39.87 34.63 -12.54
N PHE C 35 40.81 35.36 -13.16
CA PHE C 35 42.22 34.95 -13.22
C PHE C 35 43.00 35.17 -11.93
N PHE C 36 42.48 36.02 -11.06
CA PHE C 36 43.10 36.27 -9.76
C PHE C 36 42.24 35.74 -8.62
N LYS C 37 41.40 34.76 -8.95
CA LYS C 37 40.43 34.13 -8.02
C LYS C 37 39.47 35.12 -7.34
N LYS C 38 39.29 36.29 -7.94
CA LYS C 38 38.38 37.31 -7.39
C LYS C 38 37.10 37.46 -8.19
N ARG C 39 36.01 37.76 -7.48
CA ARG C 39 34.76 38.17 -8.08
C ARG C 39 34.34 39.52 -7.54
N PHE C 40 33.57 40.27 -8.32
CA PHE C 40 33.11 41.59 -7.89
C PHE C 40 31.59 41.64 -7.83
N ALA C 41 31.08 41.14 -6.70
CA ALA C 41 29.65 40.88 -6.49
C ALA C 41 28.71 42.04 -6.85
N ILE C 42 29.06 43.25 -6.39
CA ILE C 42 28.25 44.45 -6.67
C ILE C 42 28.28 44.78 -8.15
N TYR C 43 29.48 44.75 -8.73
CA TYR C 43 29.66 45.01 -10.17
C TYR C 43 28.90 43.98 -11.02
N GLU C 44 29.00 42.72 -10.63
CA GLU C 44 28.26 41.62 -11.26
C GLU C 44 26.74 41.83 -11.18
N CYS C 45 26.26 42.26 -10.01
CA CYS C 45 24.84 42.54 -9.80
C CYS C 45 24.32 43.69 -10.64
N LEU C 46 25.16 44.72 -10.80
CA LEU C 46 24.81 45.91 -11.57
C LEU C 46 24.66 45.58 -13.06
N VAL C 47 25.67 44.89 -13.60
CA VAL C 47 25.71 44.54 -15.02
C VAL C 47 24.63 43.50 -15.40
N SER C 48 24.26 42.62 -14.47
CA SER C 48 23.16 41.68 -14.66
C SER C 48 21.80 42.38 -14.71
N ILE C 49 21.57 43.24 -13.72
CA ILE C 49 20.37 44.06 -13.63
C ILE C 49 20.14 44.93 -14.89
N THR C 50 21.23 45.45 -15.46
CA THR C 50 21.18 46.29 -16.67
C THR C 50 20.64 45.53 -17.87
N PHE C 51 21.31 44.44 -18.23
CA PHE C 51 20.97 43.69 -19.43
C PHE C 51 19.61 42.98 -19.35
N ILE C 52 19.20 42.57 -18.14
CA ILE C 52 17.84 42.06 -17.88
C ILE C 52 16.81 43.16 -18.13
N VAL C 53 17.03 44.32 -17.51
CA VAL C 53 16.13 45.47 -17.67
C VAL C 53 16.03 45.88 -19.14
N LEU C 54 17.17 46.01 -19.81
CA LEU C 54 17.21 46.40 -21.23
C LEU C 54 16.51 45.40 -22.16
N ALA C 55 16.57 44.11 -21.79
CA ALA C 55 15.84 43.04 -22.49
C ALA C 55 14.33 43.16 -22.29
N LEU C 56 13.93 43.80 -21.18
CA LEU C 56 12.53 43.87 -20.75
C LEU C 56 11.88 45.23 -20.98
N THR C 57 12.67 46.23 -21.35
CA THR C 57 12.14 47.59 -21.56
C THR C 57 11.73 47.82 -23.01
N GLY C 58 10.82 46.98 -23.50
CA GLY C 58 10.25 47.13 -24.83
C GLY C 58 9.19 48.21 -24.92
N THR C 59 8.33 48.09 -25.93
CA THR C 59 7.13 48.94 -26.01
C THR C 59 6.14 48.54 -24.92
N HIS C 60 6.13 47.26 -24.55
CA HIS C 60 5.54 46.79 -23.31
C HIS C 60 6.61 46.63 -22.22
N ALA C 61 7.02 47.77 -21.66
CA ALA C 61 8.06 47.85 -20.61
C ALA C 61 7.50 47.70 -19.19
N SER C 62 6.18 47.49 -19.11
CA SER C 62 5.46 47.25 -17.86
C SER C 62 5.89 45.95 -17.16
N GLN C 63 6.38 45.00 -17.96
CA GLN C 63 6.82 43.70 -17.47
C GLN C 63 7.97 43.71 -16.45
N ILE C 64 8.61 44.87 -16.26
CA ILE C 64 9.64 45.00 -15.22
C ILE C 64 8.98 44.92 -13.83
N LEU C 65 7.78 45.47 -13.71
CA LEU C 65 6.96 45.37 -12.50
C LEU C 65 6.52 43.92 -12.29
N ALA C 66 6.15 43.27 -13.40
CA ALA C 66 5.75 41.86 -13.40
C ALA C 66 6.90 40.98 -12.91
N LEU C 67 8.11 41.33 -13.32
CA LEU C 67 9.34 40.66 -12.87
C LEU C 67 9.59 40.94 -11.39
N LEU C 68 9.44 42.22 -11.00
CA LEU C 68 9.57 42.66 -9.60
C LEU C 68 8.63 41.91 -8.68
N PHE C 69 7.36 41.85 -9.07
CA PHE C 69 6.32 41.10 -8.36
C PHE C 69 6.78 39.65 -8.19
N TYR C 70 7.12 39.04 -9.33
CA TYR C 70 7.54 37.66 -9.40
C TYR C 70 8.70 37.35 -8.45
N ILE C 71 9.75 38.18 -8.49
CA ILE C 71 10.93 38.00 -7.63
C ILE C 71 10.53 37.93 -6.16
N VAL C 72 9.72 38.90 -5.73
CA VAL C 72 9.20 38.96 -4.36
C VAL C 72 8.38 37.71 -4.05
N TRP C 73 7.37 37.44 -4.88
CA TRP C 73 6.50 36.27 -4.77
C TRP C 73 7.25 34.95 -4.54
N GLN C 74 8.32 34.74 -5.31
CA GLN C 74 9.14 33.54 -5.20
C GLN C 74 9.94 33.50 -3.90
N ILE C 75 10.50 34.64 -3.49
CA ILE C 75 11.23 34.76 -2.23
C ILE C 75 10.37 34.29 -1.06
N ILE C 76 9.10 34.71 -1.07
CA ILE C 76 8.10 34.29 -0.09
C ILE C 76 7.96 32.78 -0.04
N TRP C 77 7.59 32.16 -1.15
CA TRP C 77 7.24 30.74 -1.14
C TRP C 77 8.42 29.79 -1.00
N VAL C 78 9.60 30.22 -1.47
CA VAL C 78 10.84 29.44 -1.32
C VAL C 78 11.28 29.46 0.15
N TYR C 79 11.22 30.64 0.78
CA TYR C 79 11.53 30.75 2.21
C TYR C 79 10.43 30.17 3.10
N SER C 80 9.19 30.31 2.64
CA SER C 80 8.02 29.73 3.30
C SER C 80 8.22 28.23 3.50
N TYR C 81 8.66 27.55 2.44
CA TYR C 81 8.93 26.12 2.53
C TYR C 81 10.24 25.79 3.24
N LYS C 82 11.26 26.64 3.07
CA LYS C 82 12.59 26.42 3.67
C LYS C 82 12.52 26.40 5.19
N ARG C 83 11.87 27.43 5.73
CA ARG C 83 11.60 27.58 7.16
C ARG C 83 10.74 26.43 7.69
N TYR C 84 9.74 26.04 6.89
CA TYR C 84 8.83 24.93 7.24
C TYR C 84 9.50 23.56 7.27
N ARG C 85 10.28 23.23 6.24
CA ARG C 85 10.89 21.92 6.08
C ARG C 85 12.03 21.64 7.10
N SER C 86 12.42 22.67 7.86
CA SER C 86 13.38 22.54 8.96
C SER C 86 12.88 21.56 10.03
N GLN C 87 11.61 21.71 10.40
CA GLN C 87 10.99 21.01 11.54
C GLN C 87 10.02 19.92 11.09
N ARG C 88 9.06 20.30 10.24
CA ARG C 88 8.01 19.41 9.75
C ARG C 88 8.16 19.13 8.26
N ASP C 89 7.85 17.90 7.86
CA ASP C 89 7.84 17.50 6.45
C ASP C 89 6.55 16.77 6.09
N ASN C 90 5.67 17.45 5.37
CA ASN C 90 4.38 16.89 4.99
C ASN C 90 4.14 16.92 3.49
N LYS C 91 3.38 15.92 3.02
CA LYS C 91 3.03 15.80 1.61
C LYS C 91 2.21 16.98 1.08
N TRP C 92 1.17 17.36 1.81
CA TRP C 92 0.20 18.36 1.34
C TRP C 92 0.67 19.81 1.39
N VAL C 93 1.56 20.12 2.36
CA VAL C 93 2.21 21.44 2.44
C VAL C 93 3.15 21.64 1.24
N PHE C 94 3.85 20.57 0.87
CA PHE C 94 4.72 20.52 -0.31
C PHE C 94 3.95 20.87 -1.59
N TYR C 95 2.85 20.14 -1.86
CA TYR C 95 2.03 20.37 -3.05
C TYR C 95 1.56 21.82 -3.18
N LEU C 96 1.08 22.37 -2.06
CA LEU C 96 0.54 23.73 -2.01
C LEU C 96 1.60 24.76 -2.36
N HIS C 97 2.79 24.60 -1.79
CA HIS C 97 3.96 25.42 -2.11
C HIS C 97 4.34 25.32 -3.59
N SER C 98 4.48 24.08 -4.06
CA SER C 98 4.78 23.77 -5.46
C SER C 98 3.79 24.46 -6.41
N PHE C 99 2.50 24.32 -6.11
CA PHE C 99 1.42 24.97 -6.85
C PHE C 99 1.59 26.49 -6.88
N LEU C 100 1.83 27.08 -5.71
CA LEU C 100 1.98 28.52 -5.55
C LEU C 100 3.18 29.09 -6.32
N VAL C 101 4.25 28.31 -6.40
CA VAL C 101 5.47 28.66 -7.14
C VAL C 101 5.21 28.67 -8.66
N VAL C 102 4.44 27.69 -9.13
CA VAL C 102 4.09 27.59 -10.55
C VAL C 102 2.84 28.41 -10.91
N LEU C 103 2.11 28.85 -9.90
CA LEU C 103 0.87 29.61 -10.06
C LEU C 103 0.97 30.86 -10.96
N PRO C 104 2.07 31.67 -10.85
CA PRO C 104 2.18 32.80 -11.77
C PRO C 104 2.34 32.37 -13.23
N LEU C 105 3.10 31.29 -13.46
CA LEU C 105 3.26 30.71 -14.79
C LEU C 105 1.95 30.16 -15.35
N ILE C 106 1.20 29.39 -14.54
CA ILE C 106 -0.11 28.83 -14.94
C ILE C 106 -1.04 29.93 -15.43
N LEU C 107 -1.14 31.01 -14.65
CA LEU C 107 -1.96 32.18 -14.98
C LEU C 107 -1.55 32.86 -16.29
N VAL C 108 -0.24 32.91 -16.56
CA VAL C 108 0.29 33.45 -17.82
C VAL C 108 -0.14 32.59 -19.01
N LYS C 109 -0.11 31.26 -18.82
CA LYS C 109 -0.49 30.27 -19.85
C LYS C 109 -1.99 30.15 -20.04
N VAL C 110 -2.74 30.23 -18.93
CA VAL C 110 -4.21 30.09 -18.95
C VAL C 110 -4.90 31.35 -19.49
N GLU C 111 -4.22 32.50 -19.41
CA GLU C 111 -4.82 33.79 -19.78
C GLU C 111 -5.27 33.95 -21.25
N PRO C 112 -4.41 33.62 -22.25
CA PRO C 112 -4.89 33.76 -23.62
C PRO C 112 -5.97 32.75 -24.03
N THR C 113 -6.17 31.71 -23.24
CA THR C 113 -7.17 30.69 -23.53
C THR C 113 -8.46 30.94 -22.76
N ILE C 114 -8.69 32.20 -22.41
CA ILE C 114 -9.90 32.59 -21.67
C ILE C 114 -10.38 33.97 -22.07
N ASN C 115 -9.43 34.85 -22.40
CA ASN C 115 -9.76 36.21 -22.81
C ASN C 115 -9.17 36.54 -24.18
N GLY C 116 -8.01 35.96 -24.48
CA GLY C 116 -7.34 36.19 -25.75
C GLY C 116 -6.36 37.34 -25.64
N THR C 117 -5.84 37.52 -24.42
CA THR C 117 -4.82 38.54 -24.10
C THR C 117 -3.79 37.96 -23.15
N GLN C 118 -2.67 38.66 -23.00
CA GLN C 118 -1.61 38.27 -22.07
C GLN C 118 -1.97 38.65 -20.64
N SER C 119 -1.51 37.84 -19.69
CA SER C 119 -1.55 38.16 -18.26
C SER C 119 -0.64 39.36 -17.99
N LEU C 120 -1.04 40.20 -17.05
CA LEU C 120 -0.19 41.29 -16.61
C LEU C 120 0.98 40.79 -15.75
N LEU C 121 0.91 39.53 -15.32
CA LEU C 121 1.98 38.85 -14.58
C LEU C 121 3.19 38.46 -15.45
N ASN C 122 2.98 38.49 -16.77
CA ASN C 122 3.92 37.99 -17.75
C ASN C 122 5.12 38.92 -18.00
N PHE C 123 6.30 38.31 -18.03
CA PHE C 123 7.54 38.95 -18.42
C PHE C 123 8.36 37.93 -19.19
N LEU C 124 9.31 38.38 -20.00
CA LEU C 124 10.02 37.52 -20.94
C LEU C 124 10.48 36.17 -20.39
N GLY C 125 11.44 36.15 -19.46
CA GLY C 125 12.02 34.88 -18.98
C GLY C 125 11.17 33.88 -18.17
N ILE C 126 9.89 34.19 -17.93
CA ILE C 126 9.07 33.55 -16.88
C ILE C 126 9.03 32.02 -16.91
N SER C 127 8.86 31.47 -18.12
CA SER C 127 8.63 30.04 -18.33
C SER C 127 9.87 29.20 -18.05
N TYR C 128 11.02 29.85 -18.14
CA TYR C 128 12.31 29.22 -17.87
C TYR C 128 12.76 29.49 -16.45
N LEU C 129 12.37 30.65 -15.91
CA LEU C 129 12.71 31.01 -14.53
C LEU C 129 12.01 30.10 -13.53
N THR C 130 10.76 29.71 -13.85
CA THR C 130 9.94 28.86 -12.98
C THR C 130 10.62 27.52 -12.65
N PHE C 131 11.33 26.94 -13.63
CA PHE C 131 12.04 25.67 -13.40
C PHE C 131 13.06 25.78 -12.28
N ARG C 132 13.75 26.92 -12.23
CA ARG C 132 14.79 27.16 -11.24
C ARG C 132 14.18 27.23 -9.83
N ALA C 133 13.04 27.92 -9.74
CA ALA C 133 12.27 28.07 -8.48
C ALA C 133 11.68 26.76 -7.97
N VAL C 134 10.90 26.07 -8.82
CA VAL C 134 10.26 24.78 -8.46
C VAL C 134 11.33 23.81 -8.03
N GLY C 135 12.40 23.72 -8.83
CA GLY C 135 13.55 22.88 -8.57
C GLY C 135 13.98 22.85 -7.11
N MET C 136 14.04 24.03 -6.50
CA MET C 136 14.39 24.16 -5.08
C MET C 136 13.36 23.59 -4.11
N ILE C 137 12.07 23.87 -4.35
CA ILE C 137 10.97 23.28 -3.57
C ILE C 137 11.05 21.74 -3.63
N ILE C 138 11.26 21.20 -4.83
CA ILE C 138 11.47 19.76 -5.05
C ILE C 138 12.70 19.23 -4.31
N GLU C 139 13.85 19.91 -4.46
CA GLU C 139 15.12 19.48 -3.85
C GLU C 139 15.14 19.60 -2.31
N MET C 140 14.42 20.59 -1.78
CA MET C 140 14.23 20.76 -0.32
C MET C 140 13.32 19.69 0.25
N ARG C 141 12.28 19.33 -0.51
CA ARG C 141 11.33 18.27 -0.17
C ARG C 141 12.04 16.95 0.13
N ASP C 142 12.97 16.58 -0.74
CA ASP C 142 13.73 15.33 -0.61
C ASP C 142 14.91 15.43 0.35
N GLY C 143 15.11 16.62 0.93
CA GLY C 143 16.16 16.83 1.93
C GLY C 143 17.57 16.69 1.37
N VAL C 144 17.71 16.89 0.07
CA VAL C 144 19.02 16.93 -0.56
C VAL C 144 19.58 18.37 -0.53
N LEU C 145 18.71 19.35 -0.24
CA LEU C 145 19.09 20.75 -0.13
C LEU C 145 18.56 21.38 1.17
N LYS C 146 19.46 21.98 1.95
CA LYS C 146 19.10 22.62 3.23
C LYS C 146 19.44 24.10 3.34
N GLU C 147 20.72 24.44 3.56
CA GLU C 147 21.13 25.85 3.73
C GLU C 147 21.44 26.55 2.41
N PHE C 148 21.01 27.81 2.31
CA PHE C 148 21.36 28.71 1.21
C PHE C 148 21.00 30.17 1.48
N THR C 149 21.90 31.07 1.06
CA THR C 149 21.70 32.52 1.14
C THR C 149 20.57 32.96 0.22
N LEU C 150 19.88 34.04 0.59
CA LEU C 150 18.96 34.76 -0.29
C LEU C 150 19.70 35.19 -1.55
N GLY C 151 20.96 35.63 -1.36
CA GLY C 151 21.89 35.97 -2.44
C GLY C 151 22.15 34.79 -3.36
N GLU C 152 22.60 33.68 -2.78
CA GLU C 152 22.84 32.43 -3.50
C GLU C 152 21.66 32.02 -4.38
N PHE C 153 20.47 32.11 -3.79
CA PHE C 153 19.19 31.83 -4.45
C PHE C 153 18.92 32.80 -5.59
N LEU C 154 19.03 34.11 -5.31
CA LEU C 154 18.72 35.14 -6.31
C LEU C 154 19.71 35.17 -7.47
N ARG C 155 21.00 34.90 -7.17
CA ARG C 155 22.07 34.74 -8.18
C ARG C 155 21.72 33.69 -9.19
N PHE C 156 21.47 32.49 -8.67
CA PHE C 156 21.10 31.33 -9.45
C PHE C 156 19.83 31.58 -10.26
N MET C 157 18.82 32.17 -9.63
CA MET C 157 17.54 32.30 -10.28
C MET C 157 17.56 33.30 -11.44
N LEU C 158 18.05 34.49 -11.18
CA LEU C 158 18.08 35.52 -12.23
C LEU C 158 19.49 35.72 -12.80
N PHE C 159 20.18 34.60 -13.04
CA PHE C 159 21.44 34.56 -13.80
C PHE C 159 21.14 35.11 -15.19
N MET C 160 21.80 36.21 -15.52
CA MET C 160 21.58 36.97 -16.75
C MET C 160 21.67 36.31 -18.11
N PRO C 161 22.76 35.59 -18.38
CA PRO C 161 22.90 35.01 -19.73
C PRO C 161 21.77 34.05 -20.08
N THR C 162 21.48 33.14 -19.16
CA THR C 162 20.45 32.10 -19.34
C THR C 162 19.08 32.55 -18.80
N PHE C 163 18.81 33.83 -18.92
CA PHE C 163 17.60 34.38 -18.38
C PHE C 163 16.44 34.41 -19.35
N THR C 164 16.65 34.97 -20.52
CA THR C 164 15.58 35.08 -21.48
C THR C 164 14.99 33.73 -21.85
N SER C 165 15.86 32.76 -22.08
CA SER C 165 15.46 31.42 -22.44
C SER C 165 16.63 30.49 -22.26
N GLY C 166 17.60 30.89 -21.45
CA GLY C 166 18.77 30.10 -21.20
C GLY C 166 18.50 28.75 -20.60
N PRO C 167 19.38 27.79 -20.89
CA PRO C 167 19.36 26.40 -20.48
C PRO C 167 18.99 26.28 -19.04
N ILE C 168 18.00 25.46 -18.75
CA ILE C 168 17.61 25.32 -17.38
C ILE C 168 18.74 24.71 -16.61
N ASP C 169 18.96 25.28 -15.44
CA ASP C 169 20.00 24.82 -14.53
C ASP C 169 19.37 24.42 -13.19
N ARG C 170 20.15 23.71 -12.38
CA ARG C 170 19.73 23.28 -11.05
C ARG C 170 20.62 23.97 -10.01
N PHE C 171 20.06 24.25 -8.83
CA PHE C 171 20.75 25.08 -7.83
C PHE C 171 22.09 24.53 -7.37
N LYS C 172 22.10 23.27 -6.96
CA LYS C 172 23.26 22.64 -6.33
C LYS C 172 24.53 22.69 -7.19
N ARG C 173 24.41 22.43 -8.49
CA ARG C 173 25.59 22.47 -9.35
C ARG C 173 25.95 23.88 -9.79
N PHE C 174 24.95 24.76 -9.97
CA PHE C 174 25.21 26.17 -10.32
C PHE C 174 25.99 26.83 -9.20
N ASN C 175 25.53 26.61 -7.97
CA ASN C 175 26.10 27.24 -6.80
C ASN C 175 27.51 26.77 -6.56
N GLU C 176 27.74 25.46 -6.76
CA GLU C 176 29.04 24.84 -6.59
C GLU C 176 30.04 25.28 -7.65
N ASP C 177 29.53 25.57 -8.85
CA ASP C 177 30.32 26.09 -9.98
C ASP C 177 30.74 27.52 -9.70
N TYR C 178 29.82 28.29 -9.10
CA TYR C 178 30.04 29.69 -8.75
C TYR C 178 31.00 29.83 -7.57
N GLN C 179 30.87 28.92 -6.61
CA GLN C 179 31.71 28.82 -5.40
C GLN C 179 33.20 28.78 -5.73
N SER C 180 33.57 27.86 -6.62
CA SER C 180 34.97 27.57 -6.94
C SER C 180 35.34 28.01 -8.36
N ILE C 181 36.10 29.11 -8.42
CA ILE C 181 36.62 29.69 -9.65
C ILE C 181 37.66 28.74 -10.28
N PRO C 182 37.46 28.37 -11.57
CA PRO C 182 38.37 27.49 -12.33
C PRO C 182 39.77 28.07 -12.57
N ASN C 183 40.78 27.22 -12.40
CA ASN C 183 42.21 27.59 -12.51
C ASN C 183 42.60 28.20 -13.87
N ARG C 184 43.76 28.87 -13.91
CA ARG C 184 44.13 29.79 -15.01
C ARG C 184 43.94 29.23 -16.42
N ASP C 185 44.43 28.03 -16.67
CA ASP C 185 44.35 27.42 -18.01
C ASP C 185 42.96 26.86 -18.34
N GLU C 186 42.38 26.12 -17.41
CA GLU C 186 41.00 25.64 -17.48
C GLU C 186 40.02 26.78 -17.81
N LEU C 187 40.29 27.94 -17.22
CA LEU C 187 39.52 29.18 -17.44
C LEU C 187 39.82 29.81 -18.80
N LEU C 188 41.07 29.70 -19.23
CA LEU C 188 41.52 30.23 -20.51
C LEU C 188 40.93 29.38 -21.65
N ASN C 189 40.85 28.08 -21.40
CA ASN C 189 40.17 27.12 -22.26
C ASN C 189 38.69 27.50 -22.53
N MET C 190 38.03 28.04 -21.50
CA MET C 190 36.66 28.54 -21.61
C MET C 190 36.53 29.73 -22.56
N LEU C 191 37.52 30.62 -22.53
CA LEU C 191 37.57 31.80 -23.40
C LEU C 191 37.65 31.39 -24.87
N GLU C 192 38.45 30.35 -25.13
CA GLU C 192 38.62 29.76 -26.45
C GLU C 192 37.28 29.23 -26.90
N GLN C 193 36.68 28.41 -26.03
CA GLN C 193 35.35 27.83 -26.21
C GLN C 193 34.29 28.89 -26.53
N ALA C 194 34.36 30.03 -25.84
CA ALA C 194 33.38 31.11 -25.95
C ALA C 194 33.36 31.79 -27.31
N VAL C 195 34.55 32.12 -27.84
CA VAL C 195 34.69 32.71 -29.19
C VAL C 195 34.19 31.72 -30.25
N LYS C 196 34.63 30.47 -30.11
CA LYS C 196 34.18 29.36 -30.95
C LYS C 196 32.64 29.33 -30.99
N TYR C 197 32.03 29.33 -29.79
CA TYR C 197 30.58 29.37 -29.61
C TYR C 197 29.91 30.59 -30.25
N ILE C 198 30.49 31.78 -30.03
CA ILE C 198 29.94 33.06 -30.54
C ILE C 198 29.96 33.09 -32.05
N MET C 199 31.12 32.78 -32.64
CA MET C 199 31.28 32.72 -34.08
C MET C 199 30.29 31.76 -34.70
N LEU C 200 30.20 30.55 -34.16
CA LEU C 200 29.22 29.57 -34.65
C LEU C 200 27.78 30.06 -34.51
N GLY C 201 27.45 30.62 -33.34
CA GLY C 201 26.17 31.28 -33.09
C GLY C 201 25.79 32.30 -34.15
N PHE C 202 26.78 33.12 -34.55
CA PHE C 202 26.63 34.10 -35.63
C PHE C 202 26.12 33.46 -36.92
N LEU C 203 26.73 32.33 -37.28
CA LEU C 203 26.39 31.60 -38.50
C LEU C 203 24.96 31.07 -38.41
N TYR C 204 24.65 30.43 -37.28
CA TYR C 204 23.32 29.85 -37.05
C TYR C 204 22.24 30.93 -37.04
N LYS C 205 22.28 31.82 -36.06
CA LYS C 205 21.22 32.78 -35.80
C LYS C 205 21.10 33.90 -36.83
N PHE C 206 22.23 34.53 -37.16
CA PHE C 206 22.21 35.68 -38.06
C PHE C 206 22.25 35.37 -39.55
N VAL C 207 22.68 34.16 -39.91
CA VAL C 207 22.73 33.73 -41.33
C VAL C 207 21.71 32.64 -41.68
N LEU C 208 21.89 31.44 -41.12
CA LEU C 208 21.08 30.27 -41.49
C LEU C 208 19.62 30.37 -41.02
N ALA C 209 19.42 30.76 -39.76
CA ALA C 209 18.09 31.01 -39.20
C ALA C 209 17.38 32.09 -40.00
N GLN C 210 18.16 33.04 -40.52
CA GLN C 210 17.65 34.09 -41.37
C GLN C 210 17.27 33.57 -42.76
N ILE C 211 18.10 32.70 -43.34
CA ILE C 211 17.85 32.09 -44.65
C ILE C 211 16.56 31.25 -44.63
N PHE C 212 16.46 30.33 -43.67
CA PHE C 212 15.28 29.50 -43.52
C PHE C 212 14.06 30.32 -43.07
N GLY C 213 14.20 31.01 -41.95
CA GLY C 213 13.09 31.70 -41.30
C GLY C 213 12.44 32.83 -42.09
N SER C 214 13.25 33.69 -42.68
CA SER C 214 12.75 34.93 -43.26
C SER C 214 12.94 35.07 -44.78
N MET C 215 13.61 34.11 -45.41
CA MET C 215 13.76 34.12 -46.87
C MET C 215 12.97 32.99 -47.53
N LEU C 216 12.99 31.80 -46.94
CA LEU C 216 12.33 30.62 -47.51
C LEU C 216 10.94 30.31 -46.94
N LEU C 217 10.74 30.55 -45.64
CA LEU C 217 9.47 30.21 -44.98
C LEU C 217 8.24 31.06 -45.37
N PRO C 218 8.33 32.42 -45.35
CA PRO C 218 7.13 33.22 -45.70
C PRO C 218 6.47 32.99 -47.07
N PRO C 219 7.24 32.71 -48.16
CA PRO C 219 6.53 32.40 -49.41
C PRO C 219 5.94 30.99 -49.48
N LEU C 220 6.56 30.04 -48.78
CA LEU C 220 6.09 28.66 -48.71
C LEU C 220 4.78 28.54 -47.97
N LYS C 221 4.59 29.39 -46.95
CA LYS C 221 3.34 29.47 -46.20
C LYS C 221 2.25 30.12 -47.06
N ALA C 222 2.64 31.14 -47.81
CA ALA C 222 1.75 31.79 -48.78
C ALA C 222 1.33 30.85 -49.89
N GLN C 223 2.27 29.99 -50.31
CA GLN C 223 2.03 28.95 -51.32
C GLN C 223 1.02 27.93 -50.77
N ALA C 224 1.31 27.38 -49.60
CA ALA C 224 0.50 26.33 -48.98
C ALA C 224 -0.90 26.78 -48.57
N LEU C 225 -1.04 28.05 -48.21
CA LEU C 225 -2.37 28.59 -47.86
C LEU C 225 -3.26 28.81 -49.09
N SER C 226 -2.67 29.30 -50.18
CA SER C 226 -3.39 29.53 -51.44
C SER C 226 -3.71 28.22 -52.18
N GLN C 227 -2.97 27.16 -51.86
CA GLN C 227 -3.22 25.82 -52.35
C GLN C 227 -4.44 25.17 -51.68
N GLY C 228 -4.47 25.20 -50.34
CA GLY C 228 -5.57 24.61 -49.55
C GLY C 228 -5.50 23.10 -49.41
N GLY C 229 -6.50 22.53 -48.76
CA GLY C 229 -6.57 21.08 -48.46
C GLY C 229 -6.01 20.74 -47.09
N ILE C 230 -6.06 19.46 -46.70
CA ILE C 230 -5.50 19.02 -45.41
C ILE C 230 -3.98 18.99 -45.40
N PHE C 231 -3.40 18.75 -46.58
CA PHE C 231 -1.96 18.76 -46.79
C PHE C 231 -1.68 19.10 -48.26
N ASN C 232 -0.47 19.58 -48.55
CA ASN C 232 0.03 19.75 -49.93
C ASN C 232 1.56 19.83 -49.95
N LEU C 233 2.13 19.70 -51.14
CA LEU C 233 3.59 19.70 -51.33
C LEU C 233 4.31 20.95 -50.78
N PRO C 234 3.70 22.16 -50.91
CA PRO C 234 4.25 23.32 -50.19
C PRO C 234 4.24 23.18 -48.65
N THR C 235 3.21 22.55 -48.10
CA THR C 235 3.11 22.30 -46.65
C THR C 235 4.19 21.31 -46.18
N LEU C 236 4.61 20.41 -47.06
CA LEU C 236 5.79 19.57 -46.82
C LEU C 236 7.07 20.42 -46.80
N GLY C 237 7.08 21.48 -47.62
CA GLY C 237 8.16 22.45 -47.62
C GLY C 237 8.26 23.20 -46.31
N VAL C 238 7.15 23.80 -45.88
CA VAL C 238 7.02 24.52 -44.59
C VAL C 238 7.52 23.66 -43.42
N MET C 239 7.13 22.39 -43.42
CA MET C 239 7.57 21.42 -42.43
C MET C 239 9.11 21.37 -42.28
N TYR C 240 9.83 21.13 -43.38
CA TYR C 240 11.30 21.03 -43.32
C TYR C 240 12.00 22.35 -43.05
N VAL C 241 11.56 23.41 -43.75
CA VAL C 241 12.14 24.75 -43.63
C VAL C 241 12.00 25.27 -42.21
N TYR C 242 10.78 25.19 -41.65
CA TYR C 242 10.50 25.65 -40.28
C TYR C 242 11.34 24.91 -39.25
N GLY C 243 11.38 23.58 -39.36
CA GLY C 243 12.14 22.72 -38.46
C GLY C 243 13.58 23.14 -38.32
N PHE C 244 14.22 23.44 -39.46
CA PHE C 244 15.60 23.93 -39.48
C PHE C 244 15.77 25.32 -38.89
N ASP C 245 14.86 26.23 -39.25
CA ASP C 245 14.78 27.55 -38.65
C ASP C 245 14.62 27.49 -37.11
N LEU C 246 13.72 26.64 -36.64
CA LEU C 246 13.54 26.40 -35.20
C LEU C 246 14.83 25.91 -34.56
N PHE C 247 15.54 25.04 -35.27
CA PHE C 247 16.81 24.54 -34.78
C PHE C 247 17.88 25.63 -34.74
N PHE C 248 18.20 26.22 -35.89
CA PHE C 248 19.31 27.18 -35.98
C PHE C 248 19.15 28.39 -35.08
N ASP C 249 17.92 28.90 -34.96
CA ASP C 249 17.64 30.02 -34.06
C ASP C 249 17.82 29.65 -32.61
N PHE C 250 17.28 28.51 -32.18
CA PHE C 250 17.35 28.12 -30.78
C PHE C 250 18.73 27.62 -30.34
N ALA C 251 19.38 26.84 -31.20
CA ALA C 251 20.74 26.33 -30.97
C ALA C 251 21.79 27.44 -31.01
N GLY C 252 21.55 28.42 -31.89
CA GLY C 252 22.39 29.61 -32.02
C GLY C 252 22.31 30.48 -30.79
N TYR C 253 21.07 30.73 -30.33
CA TYR C 253 20.82 31.39 -29.06
C TYR C 253 21.54 30.68 -27.93
N SER C 254 21.39 29.36 -27.86
CA SER C 254 21.94 28.54 -26.78
C SER C 254 23.45 28.67 -26.67
N MET C 255 24.13 28.75 -27.81
CA MET C 255 25.58 28.91 -27.85
C MET C 255 26.02 30.27 -27.32
N PHE C 256 25.32 31.33 -27.74
CA PHE C 256 25.52 32.68 -27.20
C PHE C 256 25.44 32.65 -25.67
N ALA C 257 24.30 32.16 -25.16
CA ALA C 257 24.05 31.96 -23.73
C ALA C 257 25.19 31.19 -23.06
N LEU C 258 25.60 30.08 -23.68
CA LEU C 258 26.72 29.27 -23.18
C LEU C 258 28.02 30.03 -23.14
N ALA C 259 28.27 30.86 -24.16
CA ALA C 259 29.51 31.65 -24.29
C ALA C 259 29.59 32.77 -23.25
N VAL C 260 28.51 33.54 -23.14
CA VAL C 260 28.39 34.61 -22.17
C VAL C 260 28.47 34.07 -20.74
N SER C 261 27.76 32.97 -20.48
CA SER C 261 27.88 32.23 -19.23
C SER C 261 29.33 31.86 -18.90
N ASN C 262 30.09 31.47 -19.93
CA ASN C 262 31.50 31.10 -19.79
C ASN C 262 32.39 32.24 -19.34
N LEU C 263 32.11 33.44 -19.85
CA LEU C 263 32.85 34.65 -19.49
C LEU C 263 32.54 35.09 -18.06
N MET C 264 31.44 34.58 -17.51
CA MET C 264 31.10 34.77 -16.11
C MET C 264 31.62 33.63 -15.23
N GLY C 265 32.38 32.72 -15.83
CA GLY C 265 33.09 31.69 -15.08
C GLY C 265 32.34 30.43 -14.71
N ILE C 266 31.04 30.40 -15.02
CA ILE C 266 30.24 29.18 -14.80
C ILE C 266 29.87 28.53 -16.14
N LYS C 267 30.09 27.22 -16.23
CA LYS C 267 29.71 26.48 -17.44
C LYS C 267 28.32 25.87 -17.27
N SER C 268 27.33 26.57 -17.83
CA SER C 268 25.92 26.19 -17.78
C SER C 268 25.64 24.94 -18.64
N PRO C 269 24.51 24.22 -18.42
CA PRO C 269 24.15 23.01 -19.19
C PRO C 269 24.07 23.23 -20.70
N ILE C 270 24.34 22.18 -21.47
CA ILE C 270 24.24 22.26 -22.93
C ILE C 270 22.84 21.86 -23.43
N ASN C 271 22.41 22.48 -24.54
CA ASN C 271 21.04 22.31 -25.07
C ASN C 271 20.87 21.39 -26.28
N PHE C 272 21.89 21.32 -27.14
CA PHE C 272 21.82 20.47 -28.33
C PHE C 272 23.08 19.65 -28.53
N ASP C 273 22.92 18.47 -29.13
CA ASP C 273 24.03 17.58 -29.47
C ASP C 273 23.73 16.85 -30.76
N LYS C 274 23.97 17.51 -31.90
CA LYS C 274 23.65 17.00 -33.25
C LYS C 274 22.35 16.16 -33.24
N PRO C 275 21.20 16.80 -33.00
CA PRO C 275 19.99 16.03 -32.73
C PRO C 275 19.38 15.34 -33.96
N PHE C 276 19.80 15.71 -35.17
CA PHE C 276 19.22 15.13 -36.38
C PHE C 276 19.78 13.76 -36.76
N ILE C 277 21.04 13.50 -36.42
CA ILE C 277 21.67 12.19 -36.67
C ILE C 277 21.20 11.08 -35.71
N SER C 278 20.26 11.44 -34.83
CA SER C 278 19.64 10.49 -33.91
C SER C 278 18.77 9.50 -34.69
N ARG C 279 18.95 8.22 -34.36
CA ARG C 279 18.32 7.10 -35.04
C ARG C 279 17.01 6.70 -34.35
N ASP C 280 16.82 7.22 -33.15
CA ASP C 280 15.85 6.75 -32.18
C ASP C 280 15.13 7.97 -31.57
N MET C 281 13.86 7.80 -31.21
CA MET C 281 13.10 8.82 -30.46
C MET C 281 13.66 9.07 -29.08
N LYS C 282 14.05 8.00 -28.41
CA LYS C 282 14.74 8.07 -27.12
C LYS C 282 16.07 8.80 -27.22
N GLU C 283 16.77 8.60 -28.34
CA GLU C 283 18.05 9.27 -28.60
C GLU C 283 17.88 10.76 -28.91
N PHE C 284 16.84 11.09 -29.69
CA PHE C 284 16.48 12.49 -30.00
C PHE C 284 16.32 13.32 -28.73
N TRP C 285 15.64 12.75 -27.73
CA TRP C 285 15.43 13.45 -26.48
C TRP C 285 16.66 13.47 -25.57
N ASN C 286 17.72 12.76 -25.97
CA ASN C 286 19.01 12.92 -25.32
C ASN C 286 19.89 13.92 -26.04
N ARG C 287 19.33 14.57 -27.08
CA ARG C 287 20.09 15.42 -27.99
C ARG C 287 19.41 16.77 -28.32
N TRP C 288 18.10 16.86 -28.11
CA TRP C 288 17.32 18.08 -28.39
C TRP C 288 16.83 18.77 -27.11
N HIS C 289 16.97 20.11 -27.08
CA HIS C 289 16.60 20.96 -25.92
C HIS C 289 16.88 20.27 -24.58
N MET C 290 18.11 19.80 -24.45
CA MET C 290 18.51 18.86 -23.42
C MET C 290 18.26 19.34 -21.99
N SER C 291 18.56 20.62 -21.70
CA SER C 291 18.33 21.18 -20.36
C SER C 291 16.88 21.02 -19.88
N LEU C 292 15.93 21.32 -20.77
CA LEU C 292 14.49 21.08 -20.56
C LEU C 292 14.16 19.59 -20.51
N SER C 293 14.57 18.89 -21.56
CA SER C 293 14.37 17.45 -21.71
C SER C 293 14.77 16.68 -20.45
N PHE C 294 15.99 16.90 -19.99
CA PHE C 294 16.55 16.25 -18.80
C PHE C 294 15.87 16.73 -17.51
N TRP C 295 15.34 17.96 -17.51
CA TRP C 295 14.62 18.47 -16.35
C TRP C 295 13.31 17.69 -16.15
N PHE C 296 12.50 17.62 -17.20
CA PHE C 296 11.28 16.81 -17.20
C PHE C 296 11.53 15.33 -16.90
N ARG C 297 12.69 14.84 -17.35
CA ARG C 297 13.09 13.45 -17.08
C ARG C 297 13.22 13.16 -15.58
N ASP C 298 13.82 14.08 -14.82
CA ASP C 298 14.09 13.85 -13.41
C ASP C 298 13.03 14.42 -12.45
N PHE C 299 12.43 15.52 -12.85
CA PHE C 299 11.50 16.24 -11.99
C PHE C 299 10.03 16.03 -12.32
N VAL C 300 9.73 15.46 -13.49
CA VAL C 300 8.34 15.15 -13.85
C VAL C 300 8.14 13.66 -14.05
N PHE C 301 8.90 13.07 -14.97
CA PHE C 301 8.74 11.65 -15.33
C PHE C 301 9.14 10.73 -14.18
N MET C 302 10.40 10.81 -13.76
CA MET C 302 10.94 9.94 -12.69
C MET C 302 10.12 10.04 -11.43
N ARG C 303 9.59 11.23 -11.18
CA ARG C 303 8.80 11.50 -9.98
C ARG C 303 7.37 10.98 -10.10
N LEU C 304 6.88 10.87 -11.34
CA LEU C 304 5.58 10.24 -11.60
C LEU C 304 5.67 8.72 -11.49
N VAL C 305 6.70 8.14 -12.10
CA VAL C 305 6.95 6.69 -12.00
C VAL C 305 7.06 6.25 -10.53
N ILE C 306 7.80 7.01 -9.72
CA ILE C 306 7.97 6.73 -8.28
C ILE C 306 6.65 6.69 -7.52
N VAL C 307 5.74 7.63 -7.79
CA VAL C 307 4.43 7.64 -7.11
C VAL C 307 3.50 6.54 -7.62
N LEU C 308 3.66 6.12 -8.88
CA LEU C 308 2.90 4.98 -9.41
C LEU C 308 3.42 3.64 -8.89
N MET C 309 4.72 3.57 -8.59
CA MET C 309 5.33 2.43 -7.89
C MET C 309 4.84 2.33 -6.44
N ARG C 310 4.73 3.50 -5.79
CA ARG C 310 4.36 3.65 -4.37
C ARG C 310 3.01 2.99 -4.03
N ASN C 311 2.10 3.02 -4.99
CA ASN C 311 0.77 2.44 -4.85
C ASN C 311 0.63 1.12 -5.61
N LYS C 312 1.65 0.80 -6.43
CA LYS C 312 1.53 -0.17 -7.55
C LYS C 312 0.12 -0.18 -8.18
N VAL C 313 -0.21 0.99 -8.73
CA VAL C 313 -1.53 1.30 -9.30
C VAL C 313 -1.80 0.51 -10.59
N PHE C 314 -0.78 0.36 -11.42
CA PHE C 314 -0.90 -0.38 -12.68
C PHE C 314 -0.38 -1.82 -12.58
N LYS C 315 -0.91 -2.67 -13.46
CA LYS C 315 -0.65 -4.12 -13.52
C LYS C 315 0.84 -4.48 -13.59
N ASN C 316 1.54 -3.92 -14.57
CA ASN C 316 2.90 -4.35 -14.89
C ASN C 316 3.89 -3.20 -15.13
N ARG C 317 5.17 -3.56 -15.28
CA ARG C 317 6.27 -2.61 -15.48
C ARG C 317 6.16 -1.75 -16.75
N ASN C 318 5.37 -2.20 -17.71
CA ASN C 318 5.30 -1.52 -19.01
C ASN C 318 4.21 -0.47 -19.16
N THR C 319 3.09 -0.65 -18.48
CA THR C 319 2.00 0.33 -18.52
C THR C 319 2.28 1.55 -17.64
N THR C 320 2.95 1.33 -16.50
CA THR C 320 3.40 2.43 -15.62
C THR C 320 4.36 3.40 -16.33
N SER C 321 5.23 2.85 -17.18
CA SER C 321 6.15 3.65 -18.01
C SER C 321 5.39 4.42 -19.06
N ASN C 322 4.57 3.69 -19.82
CA ASN C 322 3.86 4.22 -20.98
C ASN C 322 2.85 5.30 -20.64
N VAL C 323 2.22 5.17 -19.47
CA VAL C 323 1.36 6.22 -18.92
C VAL C 323 2.24 7.46 -18.63
N ALA C 324 3.31 7.26 -17.87
CA ALA C 324 4.22 8.33 -17.46
C ALA C 324 4.87 9.05 -18.63
N TYR C 325 5.21 8.33 -19.70
CA TYR C 325 5.66 8.92 -20.96
C TYR C 325 4.64 9.90 -21.54
N ILE C 326 3.40 9.42 -21.65
CA ILE C 326 2.30 10.19 -22.20
C ILE C 326 1.96 11.40 -21.33
N ILE C 327 1.98 11.22 -20.00
CA ILE C 327 1.74 12.32 -19.06
C ILE C 327 2.89 13.34 -19.13
N ASN C 328 4.12 12.86 -19.01
CA ASN C 328 5.33 13.70 -19.04
C ASN C 328 5.41 14.58 -20.30
N MET C 329 5.15 13.99 -21.46
CA MET C 329 5.22 14.70 -22.73
C MET C 329 4.03 15.64 -22.95
N MET C 330 2.90 15.30 -22.33
CA MET C 330 1.70 16.13 -22.37
C MET C 330 1.87 17.39 -21.52
N VAL C 331 2.45 17.23 -20.32
CA VAL C 331 2.80 18.34 -19.41
C VAL C 331 3.80 19.28 -20.10
N MET C 332 4.77 18.70 -20.80
CA MET C 332 5.72 19.45 -21.62
C MET C 332 5.01 20.27 -22.69
N GLY C 333 4.04 19.65 -23.37
CA GLY C 333 3.19 20.35 -24.34
C GLY C 333 2.43 21.50 -23.70
N PHE C 334 1.85 21.24 -22.53
CA PHE C 334 1.14 22.23 -21.73
C PHE C 334 2.03 23.43 -21.38
N TRP C 335 3.28 23.15 -21.03
CA TRP C 335 4.27 24.17 -20.67
C TRP C 335 4.52 25.16 -21.81
N HIS C 336 4.44 24.68 -23.05
CA HIS C 336 4.55 25.54 -24.23
C HIS C 336 3.36 26.49 -24.40
N GLY C 337 2.21 26.09 -23.89
CA GLY C 337 0.99 26.87 -24.00
C GLY C 337 -0.22 25.96 -24.10
N ILE C 338 -1.38 26.51 -23.76
CA ILE C 338 -2.62 25.75 -23.84
C ILE C 338 -3.27 26.07 -25.18
N THR C 339 -2.75 25.43 -26.21
CA THR C 339 -3.37 25.42 -27.54
C THR C 339 -3.47 23.97 -27.95
N TRP C 340 -4.44 23.65 -28.82
CA TRP C 340 -4.63 22.29 -29.30
C TRP C 340 -3.31 21.72 -29.82
N TYR C 341 -2.61 22.51 -30.65
CA TYR C 341 -1.41 22.05 -31.34
C TYR C 341 -0.21 21.80 -30.43
N TYR C 342 -0.10 22.55 -29.33
CA TYR C 342 0.93 22.27 -28.32
C TYR C 342 0.66 20.96 -27.60
N ILE C 343 -0.59 20.78 -27.16
CA ILE C 343 -1.03 19.53 -26.53
C ILE C 343 -0.93 18.38 -27.54
N ALA C 344 -1.24 18.67 -28.80
CA ALA C 344 -1.08 17.70 -29.90
C ALA C 344 0.37 17.28 -30.05
N TYR C 345 1.27 18.25 -30.16
CA TYR C 345 2.72 18.03 -30.14
C TYR C 345 3.18 17.17 -28.95
N GLY C 346 2.51 17.36 -27.82
CA GLY C 346 2.75 16.61 -26.59
C GLY C 346 2.39 15.13 -26.65
N ILE C 347 1.13 14.84 -26.95
CA ILE C 347 0.64 13.45 -27.07
C ILE C 347 1.29 12.69 -28.24
N PHE C 348 1.73 13.44 -29.27
CA PHE C 348 2.46 12.89 -30.42
C PHE C 348 3.78 12.29 -29.96
N HIS C 349 4.57 13.06 -29.21
CA HIS C 349 5.85 12.58 -28.71
C HIS C 349 5.74 11.49 -27.64
N GLY C 350 4.57 11.43 -27.01
CA GLY C 350 4.23 10.39 -26.02
C GLY C 350 3.99 9.05 -26.67
N ILE C 351 3.02 9.00 -27.59
CA ILE C 351 2.76 7.81 -28.40
C ILE C 351 3.99 7.45 -29.23
N GLY C 352 4.71 8.49 -29.68
CA GLY C 352 5.99 8.34 -30.38
C GLY C 352 6.99 7.57 -29.55
N LEU C 353 7.11 7.94 -28.29
CA LEU C 353 8.03 7.27 -27.38
C LEU C 353 7.59 5.87 -26.96
N VAL C 354 6.28 5.69 -26.77
CA VAL C 354 5.77 4.36 -26.38
C VAL C 354 5.98 3.35 -27.50
N ILE C 355 5.69 3.76 -28.74
CA ILE C 355 5.95 2.96 -29.95
C ILE C 355 7.41 2.53 -29.97
N ASN C 356 8.29 3.51 -29.78
CA ASN C 356 9.72 3.30 -29.77
C ASN C 356 10.16 2.32 -28.69
N ASP C 357 9.69 2.54 -27.46
CA ASP C 357 10.08 1.75 -26.30
C ASP C 357 9.60 0.32 -26.42
N ALA C 358 8.42 0.16 -27.04
CA ALA C 358 7.79 -1.14 -27.31
C ALA C 358 8.59 -1.99 -28.31
N TRP C 359 9.04 -1.35 -29.40
CA TRP C 359 9.89 -2.00 -30.40
C TRP C 359 11.23 -2.47 -29.81
N LEU C 360 11.81 -1.66 -28.92
CA LEU C 360 13.06 -2.02 -28.24
C LEU C 360 12.93 -3.27 -27.38
N ARG C 361 11.80 -3.40 -26.70
CA ARG C 361 11.45 -4.60 -25.94
C ARG C 361 11.22 -5.80 -26.86
N LYS C 362 10.51 -5.56 -27.97
CA LYS C 362 10.21 -6.58 -28.98
C LYS C 362 11.47 -7.07 -29.67
N LYS C 363 12.32 -6.13 -30.11
CA LYS C 363 13.59 -6.44 -30.77
C LYS C 363 14.51 -7.24 -29.84
N LYS C 364 14.45 -6.95 -28.54
CA LYS C 364 15.23 -7.67 -27.53
C LYS C 364 14.83 -9.13 -27.45
N THR C 365 13.53 -9.40 -27.52
CA THR C 365 12.98 -10.76 -27.44
C THR C 365 13.10 -11.53 -28.76
N ILE C 366 13.28 -10.84 -29.89
CA ILE C 366 13.60 -11.48 -31.17
C ILE C 366 15.06 -11.99 -31.16
N ASN C 367 15.95 -11.21 -30.56
CA ASN C 367 17.36 -11.60 -30.36
C ASN C 367 17.50 -12.73 -29.35
N LYS C 368 16.72 -12.63 -28.27
CA LYS C 368 16.60 -13.66 -27.24
C LYS C 368 16.19 -15.01 -27.88
N ASP C 369 15.20 -14.96 -28.78
CA ASP C 369 14.71 -16.10 -29.55
C ASP C 369 15.75 -16.65 -30.52
N ARG C 370 16.43 -15.74 -31.23
CA ARG C 370 17.49 -16.09 -32.19
C ARG C 370 18.70 -16.78 -31.55
N LYS C 371 19.06 -16.37 -30.33
CA LYS C 371 20.17 -16.94 -29.56
C LYS C 371 19.90 -18.41 -29.25
N LYS C 372 18.68 -18.70 -28.79
CA LYS C 372 18.23 -20.06 -28.52
C LYS C 372 18.06 -20.86 -29.82
N ALA C 373 17.63 -20.16 -30.88
CA ALA C 373 17.47 -20.75 -32.22
C ALA C 373 18.81 -21.05 -32.91
N GLY C 374 19.89 -20.43 -32.42
CA GLY C 374 21.23 -20.64 -32.97
C GLY C 374 21.63 -19.69 -34.09
N LEU C 375 20.70 -18.86 -34.55
CA LEU C 375 20.95 -17.88 -35.62
C LEU C 375 21.80 -16.71 -35.12
N LYS C 376 22.32 -15.91 -36.07
CA LYS C 376 23.02 -14.65 -35.76
C LYS C 376 22.02 -13.57 -35.25
N PRO C 377 22.45 -12.74 -34.27
CA PRO C 377 21.58 -11.65 -33.78
C PRO C 377 21.21 -10.66 -34.88
N LEU C 378 19.97 -10.17 -34.83
CA LEU C 378 19.33 -9.31 -35.85
C LEU C 378 20.29 -8.22 -36.41
N PRO C 379 20.35 -8.06 -37.76
CA PRO C 379 21.37 -7.23 -38.44
C PRO C 379 21.47 -5.79 -37.95
N GLU C 380 22.69 -5.36 -37.65
CA GLU C 380 22.95 -4.04 -37.07
C GLU C 380 24.16 -3.42 -37.77
N ASN C 381 23.91 -2.94 -39.00
CA ASN C 381 24.93 -2.38 -39.90
C ASN C 381 24.72 -0.88 -40.14
N LYS C 382 25.17 -0.38 -41.29
CA LYS C 382 24.98 1.03 -41.65
C LYS C 382 23.61 1.32 -42.30
N TRP C 383 23.08 0.37 -43.09
CA TRP C 383 21.75 0.53 -43.69
C TRP C 383 20.62 0.61 -42.68
N THR C 384 20.73 -0.21 -41.62
CA THR C 384 19.76 -0.21 -40.50
C THR C 384 19.79 1.13 -39.74
N LYS C 385 20.99 1.62 -39.43
CA LYS C 385 21.20 2.95 -38.87
C LYS C 385 20.53 4.02 -39.73
N ALA C 386 20.86 4.03 -41.02
CA ALA C 386 20.34 4.98 -42.02
C ALA C 386 18.82 5.01 -42.04
N LEU C 387 18.21 3.82 -41.96
CA LEU C 387 16.76 3.69 -41.95
C LEU C 387 16.16 4.36 -40.72
N GLY C 388 16.72 4.05 -39.55
CA GLY C 388 16.29 4.62 -38.27
C GLY C 388 16.32 6.14 -38.26
N ILE C 389 17.43 6.69 -38.77
CA ILE C 389 17.58 8.14 -38.98
C ILE C 389 16.43 8.68 -39.84
N PHE C 390 16.17 8.03 -40.97
CA PHE C 390 15.11 8.47 -41.88
C PHE C 390 13.74 8.52 -41.19
N ILE C 391 13.44 7.50 -40.40
CA ILE C 391 12.19 7.42 -39.60
C ILE C 391 12.09 8.59 -38.61
N THR C 392 13.06 8.69 -37.69
CA THR C 392 13.01 9.70 -36.63
C THR C 392 13.10 11.13 -37.17
N PHE C 393 13.99 11.36 -38.13
CA PHE C 393 14.11 12.69 -38.76
C PHE C 393 12.75 13.18 -39.28
N ASN C 394 12.03 12.28 -39.95
CA ASN C 394 10.71 12.61 -40.50
C ASN C 394 9.60 12.67 -39.46
N THR C 395 9.66 11.79 -38.46
CA THR C 395 8.79 11.87 -37.29
C THR C 395 8.91 13.25 -36.65
N VAL C 396 10.16 13.63 -36.39
CA VAL C 396 10.53 14.83 -35.66
C VAL C 396 10.15 16.08 -36.45
N MET C 397 10.44 16.09 -37.75
CA MET C 397 10.07 17.22 -38.61
C MET C 397 8.55 17.41 -38.65
N LEU C 398 7.82 16.30 -38.71
CA LEU C 398 6.35 16.31 -38.67
C LEU C 398 5.83 16.90 -37.36
N SER C 399 6.44 16.50 -36.26
CA SER C 399 6.11 17.05 -34.93
C SER C 399 6.26 18.57 -34.91
N PHE C 400 7.32 19.08 -35.54
CA PHE C 400 7.56 20.53 -35.62
C PHE C 400 6.52 21.28 -36.45
N LEU C 401 5.95 20.61 -37.47
CA LEU C 401 4.84 21.17 -38.24
C LEU C 401 3.60 21.34 -37.37
N ILE C 402 3.34 20.34 -36.50
CA ILE C 402 2.26 20.44 -35.51
C ILE C 402 2.54 21.63 -34.57
N PHE C 403 3.77 21.66 -34.07
CA PHE C 403 4.25 22.63 -33.06
C PHE C 403 4.21 24.06 -33.52
N SER C 404 4.47 24.28 -34.81
CA SER C 404 4.44 25.62 -35.40
C SER C 404 3.05 26.23 -35.38
N GLY C 405 2.03 25.36 -35.42
CA GLY C 405 0.65 25.79 -35.51
C GLY C 405 0.31 26.38 -36.86
N PHE C 406 1.11 26.02 -37.87
CA PHE C 406 0.79 26.38 -39.24
C PHE C 406 -0.41 25.56 -39.70
N LEU C 407 -0.54 24.35 -39.17
CA LEU C 407 -1.68 23.47 -39.46
C LEU C 407 -2.99 24.09 -38.99
N ASN C 408 -2.93 24.79 -37.86
CA ASN C 408 -4.05 25.60 -37.39
C ASN C 408 -4.41 26.73 -38.37
N ASP C 409 -3.40 27.31 -39.04
CA ASP C 409 -3.61 28.32 -40.08
C ASP C 409 -4.20 27.71 -41.35
N LEU C 410 -3.67 26.54 -41.74
CA LEU C 410 -4.09 25.83 -42.95
C LEU C 410 -5.51 25.27 -42.85
N TRP C 411 -5.89 24.83 -41.65
CA TRP C 411 -7.18 24.19 -41.42
C TRP C 411 -8.26 25.12 -40.86
N PHE C 412 -7.92 25.89 -39.82
CA PHE C 412 -8.91 26.57 -38.97
C PHE C 412 -9.08 28.10 -39.12
N THR C 413 -8.29 28.75 -39.99
CA THR C 413 -8.44 30.19 -40.29
C THR C 413 -9.86 30.55 -40.80
N LYS C 414 -10.64 29.52 -41.16
CA LYS C 414 -12.07 29.64 -41.49
C LYS C 414 -12.89 30.13 -40.29
N MET D 1 -9.80 12.49 10.22
CA MET D 1 -10.90 13.50 10.30
C MET D 1 -10.51 14.58 11.33
N ILE D 2 -10.40 14.17 12.59
CA ILE D 2 -9.90 15.02 13.69
C ILE D 2 -8.35 15.09 13.61
N ASP D 3 -7.77 14.12 12.90
CA ASP D 3 -6.33 13.85 12.92
C ASP D 3 -5.49 14.79 12.04
N PHE D 4 -5.90 14.99 10.78
CA PHE D 4 -5.14 15.79 9.79
C PHE D 4 -4.91 17.25 10.20
N LEU D 5 -5.97 17.88 10.71
CA LEU D 5 -5.99 19.31 11.02
C LEU D 5 -5.20 19.65 12.30
N LYS D 6 -4.94 18.63 13.13
CA LYS D 6 -4.01 18.73 14.26
C LYS D 6 -2.56 18.59 13.82
N GLN D 7 -2.36 18.15 12.57
CA GLN D 7 -1.04 18.04 11.94
C GLN D 7 -0.81 19.19 10.92
N LEU D 8 -1.59 20.26 11.08
CA LEU D 8 -1.49 21.49 10.29
C LEU D 8 -1.13 22.67 11.21
N PRO D 9 -0.15 23.53 10.82
CA PRO D 9 0.42 24.56 11.71
C PRO D 9 -0.56 25.64 12.19
N HIS D 10 -0.41 26.03 13.45
CA HIS D 10 -1.28 27.03 14.07
C HIS D 10 -0.71 28.45 13.96
N LEU D 11 -1.49 29.34 13.37
CA LEU D 11 -1.14 30.76 13.31
C LEU D 11 -2.11 31.65 14.09
N GLU D 12 -1.66 32.02 15.29
CA GLU D 12 -2.35 33.02 16.14
C GLU D 12 -2.58 34.33 15.38
N PRO D 13 -3.87 34.71 15.15
CA PRO D 13 -4.15 35.89 14.32
C PRO D 13 -3.64 37.20 14.93
N TYR D 14 -2.78 37.89 14.18
CA TYR D 14 -1.96 39.02 14.64
C TYR D 14 -1.15 38.67 15.90
N GLY D 15 -0.52 37.50 15.85
CA GLY D 15 0.22 36.95 16.98
C GLY D 15 1.64 37.49 17.15
N ASN D 16 2.31 37.73 16.03
CA ASN D 16 3.67 38.27 16.00
C ASN D 16 3.86 39.20 14.78
N PRO D 17 5.03 39.86 14.67
CA PRO D 17 5.36 40.60 13.44
C PRO D 17 5.31 39.76 12.17
N PHE D 18 5.77 38.51 12.28
CA PHE D 18 5.91 37.59 11.13
C PHE D 18 4.60 37.26 10.42
N TYR D 19 3.51 37.21 11.19
CA TYR D 19 2.15 37.04 10.69
C TYR D 19 1.80 38.00 9.54
N PHE D 20 2.29 39.23 9.66
CA PHE D 20 2.00 40.28 8.69
C PHE D 20 2.69 40.09 7.35
N ILE D 21 3.81 39.37 7.33
CA ILE D 21 4.47 38.98 6.08
C ILE D 21 3.52 38.12 5.23
N TYR D 22 3.01 37.02 5.82
CA TYR D 22 2.08 36.10 5.16
C TYR D 22 0.80 36.77 4.70
N LEU D 23 0.14 37.45 5.62
CA LEU D 23 -1.11 38.14 5.35
C LEU D 23 -0.95 39.27 4.33
N GLY D 24 0.20 39.95 4.40
CA GLY D 24 0.56 40.99 3.44
C GLY D 24 0.61 40.46 2.02
N ILE D 25 1.47 39.45 1.80
CA ILE D 25 1.59 38.73 0.51
C ILE D 25 0.21 38.30 0.01
N ALA D 26 -0.52 37.60 0.89
CA ALA D 26 -1.87 37.13 0.65
C ALA D 26 -2.79 38.23 0.07
N LEU D 27 -2.88 39.36 0.78
CA LEU D 27 -3.83 40.42 0.43
C LEU D 27 -3.42 41.31 -0.75
N LEU D 28 -2.11 41.33 -1.03
CA LEU D 28 -1.53 42.18 -2.08
C LEU D 28 -2.31 42.17 -3.43
N PRO D 29 -2.64 40.97 -3.97
CA PRO D 29 -3.41 40.93 -5.23
C PRO D 29 -4.82 41.52 -5.11
N ILE D 30 -5.48 41.28 -3.97
CA ILE D 30 -6.83 41.80 -3.69
C ILE D 30 -6.80 43.33 -3.76
N PHE D 31 -5.79 43.91 -3.11
CA PHE D 31 -5.63 45.37 -3.02
C PHE D 31 -5.35 46.02 -4.37
N ILE D 32 -4.36 45.50 -5.10
CA ILE D 32 -4.05 45.94 -6.47
C ILE D 32 -5.31 45.85 -7.34
N GLY D 33 -6.07 44.76 -7.15
CA GLY D 33 -7.38 44.58 -7.77
C GLY D 33 -8.30 45.77 -7.59
N LEU D 34 -8.43 46.23 -6.34
CA LEU D 34 -9.33 47.32 -5.99
C LEU D 34 -9.05 48.63 -6.75
N PHE D 35 -7.85 48.75 -7.32
CA PHE D 35 -7.47 49.91 -8.14
C PHE D 35 -8.05 49.89 -9.55
N PHE D 36 -8.46 48.71 -10.00
CA PHE D 36 -9.06 48.55 -11.32
C PHE D 36 -10.54 48.18 -11.21
N LYS D 37 -11.14 48.55 -10.07
CA LYS D 37 -12.54 48.25 -9.71
C LYS D 37 -12.90 46.75 -9.75
N LYS D 38 -11.90 45.87 -9.68
CA LYS D 38 -12.14 44.43 -9.69
C LYS D 38 -11.95 43.76 -8.35
N ARG D 39 -12.74 42.73 -8.08
CA ARG D 39 -12.54 41.83 -6.94
C ARG D 39 -12.39 40.41 -7.45
N PHE D 40 -11.70 39.56 -6.68
CA PHE D 40 -11.51 38.17 -7.07
C PHE D 40 -12.13 37.24 -6.02
N ALA D 41 -13.44 37.07 -6.16
CA ALA D 41 -14.29 36.37 -5.18
C ALA D 41 -13.77 35.01 -4.71
N ILE D 42 -13.35 34.17 -5.65
CA ILE D 42 -12.83 32.82 -5.33
C ILE D 42 -11.52 32.95 -4.56
N TYR D 43 -10.62 33.82 -5.05
CA TYR D 43 -9.34 34.06 -4.38
C TYR D 43 -9.52 34.62 -2.97
N GLU D 44 -10.45 35.58 -2.84
CA GLU D 44 -10.84 36.14 -1.56
C GLU D 44 -11.37 35.07 -0.60
N CYS D 45 -12.22 34.18 -1.11
CA CYS D 45 -12.78 33.09 -0.31
C CYS D 45 -11.74 32.10 0.16
N LEU D 46 -10.75 31.83 -0.69
CA LEU D 46 -9.68 30.89 -0.40
C LEU D 46 -8.78 31.41 0.73
N VAL D 47 -8.34 32.67 0.58
CA VAL D 47 -7.43 33.30 1.53
C VAL D 47 -8.10 33.57 2.90
N SER D 48 -9.41 33.81 2.89
CA SER D 48 -10.19 33.96 4.14
C SER D 48 -10.31 32.64 4.89
N ILE D 49 -10.70 31.59 4.15
CA ILE D 49 -10.80 30.24 4.67
C ILE D 49 -9.48 29.73 5.30
N THR D 50 -8.35 30.09 4.68
CA THR D 50 -7.01 29.70 5.15
C THR D 50 -6.69 30.27 6.54
N PHE D 51 -6.74 31.59 6.66
CA PHE D 51 -6.35 32.27 7.89
C PHE D 51 -7.31 32.02 9.06
N ILE D 52 -8.60 31.80 8.76
CA ILE D 52 -9.59 31.35 9.76
C ILE D 52 -9.23 29.95 10.26
N VAL D 53 -9.00 29.02 9.32
CA VAL D 53 -8.62 27.64 9.65
C VAL D 53 -7.32 27.62 10.48
N LEU D 54 -6.31 28.35 10.02
CA LEU D 54 -5.01 28.43 10.71
C LEU D 54 -5.10 29.03 12.12
N ALA D 55 -6.05 29.95 12.31
CA ALA D 55 -6.37 30.51 13.64
C ALA D 55 -7.04 29.48 14.54
N LEU D 56 -7.68 28.50 13.92
CA LEU D 56 -8.50 27.49 14.62
C LEU D 56 -7.85 26.12 14.75
N THR D 57 -6.73 25.91 14.07
CA THR D 57 -6.05 24.61 14.08
C THR D 57 -4.99 24.53 15.17
N GLY D 58 -5.42 24.73 16.42
CA GLY D 58 -4.53 24.60 17.57
C GLY D 58 -4.30 23.15 17.96
N THR D 59 -3.93 22.94 19.22
CA THR D 59 -3.88 21.59 19.81
C THR D 59 -5.31 21.05 19.99
N HIS D 60 -6.25 21.96 20.25
CA HIS D 60 -7.67 21.70 20.09
C HIS D 60 -8.18 22.22 18.73
N ALA D 61 -7.85 21.46 17.68
CA ALA D 61 -8.22 21.76 16.29
C ALA D 61 -9.60 21.21 15.90
N SER D 62 -10.27 20.58 16.87
CA SER D 62 -11.63 20.06 16.74
C SER D 62 -12.67 21.15 16.49
N GLN D 63 -12.36 22.37 16.95
CA GLN D 63 -13.24 23.52 16.82
C GLN D 63 -13.58 23.94 15.37
N ILE D 64 -12.89 23.36 14.39
CA ILE D 64 -13.22 23.61 12.98
C ILE D 64 -14.57 22.97 12.64
N LEU D 65 -14.84 21.81 13.25
CA LEU D 65 -16.15 21.14 13.17
C LEU D 65 -17.21 21.95 13.88
N ALA D 66 -16.85 22.52 15.02
CA ALA D 66 -17.72 23.38 15.81
C ALA D 66 -18.11 24.62 15.01
N LEU D 67 -17.15 25.16 14.24
CA LEU D 67 -17.38 26.26 13.32
C LEU D 67 -18.27 25.83 12.15
N LEU D 68 -17.97 24.66 11.59
CA LEU D 68 -18.77 24.05 10.51
C LEU D 68 -20.22 23.86 10.89
N PHE D 69 -20.43 23.26 12.08
CA PHE D 69 -21.76 23.09 12.66
C PHE D 69 -22.46 24.45 12.73
N TYR D 70 -21.79 25.39 13.37
CA TYR D 70 -22.28 26.74 13.59
C TYR D 70 -22.73 27.42 12.30
N ILE D 71 -21.87 27.37 11.27
CA ILE D 71 -22.16 27.98 9.96
C ILE D 71 -23.48 27.44 9.40
N VAL D 72 -23.60 26.11 9.40
CA VAL D 72 -24.82 25.43 8.92
C VAL D 72 -26.03 25.86 9.76
N TRP D 73 -25.91 25.70 11.09
CA TRP D 73 -26.94 26.07 12.07
C TRP D 73 -27.51 27.48 11.84
N GLN D 74 -26.63 28.45 11.60
CA GLN D 74 -27.03 29.83 11.36
C GLN D 74 -27.74 30.00 10.01
N ILE D 75 -27.24 29.34 8.97
CA ILE D 75 -27.85 29.36 7.64
C ILE D 75 -29.32 28.94 7.73
N ILE D 76 -29.58 27.88 8.50
CA ILE D 76 -30.93 27.38 8.78
C ILE D 76 -31.81 28.48 9.37
N TRP D 77 -31.43 29.02 10.52
CA TRP D 77 -32.32 29.91 11.26
C TRP D 77 -32.46 31.31 10.64
N VAL D 78 -31.43 31.77 9.93
CA VAL D 78 -31.47 33.06 9.21
C VAL D 78 -32.42 32.93 8.02
N TYR D 79 -32.31 31.83 7.27
CA TYR D 79 -33.22 31.57 6.15
C TYR D 79 -34.61 31.18 6.61
N SER D 80 -34.67 30.47 7.73
CA SER D 80 -35.93 30.09 8.37
C SER D 80 -36.79 31.32 8.63
N TYR D 81 -36.16 32.36 9.19
CA TYR D 81 -36.87 33.61 9.44
C TYR D 81 -37.08 34.46 8.18
N LYS D 82 -36.11 34.42 7.25
CA LYS D 82 -36.18 35.22 6.02
C LYS D 82 -37.37 34.83 5.16
N ARG D 83 -37.50 33.52 4.95
CA ARG D 83 -38.61 32.89 4.21
C ARG D 83 -39.95 33.17 4.93
N TYR D 84 -39.93 33.09 6.26
CA TYR D 84 -41.11 33.35 7.09
C TYR D 84 -41.61 34.80 7.06
N ARG D 85 -40.68 35.75 7.24
CA ARG D 85 -41.01 37.17 7.35
C ARG D 85 -41.48 37.81 6.02
N SER D 86 -41.38 37.04 4.92
CA SER D 86 -41.92 37.44 3.61
C SER D 86 -43.43 37.65 3.67
N GLN D 87 -44.13 36.71 4.31
CA GLN D 87 -45.60 36.64 4.32
C GLN D 87 -46.19 37.03 5.67
N ARG D 88 -45.72 36.38 6.72
CA ARG D 88 -46.23 36.58 8.08
C ARG D 88 -45.17 37.24 8.97
N ASP D 89 -45.62 38.11 9.87
CA ASP D 89 -44.76 38.76 10.86
C ASP D 89 -45.37 38.67 12.26
N ASN D 90 -44.79 37.82 13.10
CA ASN D 90 -45.30 37.59 14.45
C ASN D 90 -44.22 37.79 15.51
N LYS D 91 -44.66 38.25 16.68
CA LYS D 91 -43.78 38.49 17.83
C LYS D 91 -43.08 37.22 18.32
N TRP D 92 -43.84 36.15 18.50
CA TRP D 92 -43.33 34.93 19.14
C TRP D 92 -42.45 34.05 18.26
N VAL D 93 -42.68 34.08 16.94
CA VAL D 93 -41.82 33.41 15.96
C VAL D 93 -40.43 34.07 15.93
N PHE D 94 -40.43 35.40 16.02
CA PHE D 94 -39.23 36.22 16.12
C PHE D 94 -38.37 35.82 17.33
N TYR D 95 -38.95 35.82 18.52
CA TYR D 95 -38.24 35.44 19.75
C TYR D 95 -37.59 34.07 19.67
N LEU D 96 -38.34 33.11 19.14
CA LEU D 96 -37.87 31.72 19.04
C LEU D 96 -36.65 31.62 18.13
N HIS D 97 -36.72 32.29 16.98
CA HIS D 97 -35.59 32.41 16.05
C HIS D 97 -34.37 33.05 16.70
N SER D 98 -34.60 34.22 17.31
CA SER D 98 -33.59 34.97 18.05
C SER D 98 -32.89 34.10 19.09
N PHE D 99 -33.69 33.39 19.89
CA PHE D 99 -33.20 32.44 20.89
C PHE D 99 -32.32 31.35 20.27
N LEU D 100 -32.80 30.76 19.17
CA LEU D 100 -32.11 29.67 18.48
C LEU D 100 -30.77 30.11 17.88
N VAL D 101 -30.71 31.37 17.43
CA VAL D 101 -29.48 31.97 16.88
C VAL D 101 -28.42 32.19 17.96
N VAL D 102 -28.88 32.63 19.14
CA VAL D 102 -27.97 32.83 20.29
C VAL D 102 -27.75 31.57 21.12
N LEU D 103 -28.57 30.55 20.88
CA LEU D 103 -28.51 29.28 21.60
C LEU D 103 -27.14 28.59 21.64
N PRO D 104 -26.38 28.57 20.49
CA PRO D 104 -25.03 27.99 20.57
C PRO D 104 -24.09 28.78 21.48
N LEU D 105 -24.19 30.11 21.44
CA LEU D 105 -23.42 30.99 22.33
C LEU D 105 -23.77 30.78 23.82
N ILE D 106 -25.08 30.74 24.13
CA ILE D 106 -25.56 30.51 25.51
C ILE D 106 -24.95 29.24 26.09
N LEU D 107 -25.02 28.16 25.32
CA LEU D 107 -24.48 26.85 25.69
C LEU D 107 -22.97 26.88 25.93
N VAL D 108 -22.23 27.65 25.13
CA VAL D 108 -20.79 27.84 25.31
C VAL D 108 -20.49 28.55 26.64
N LYS D 109 -21.30 29.56 26.96
CA LYS D 109 -21.15 30.37 28.19
C LYS D 109 -21.63 29.63 29.44
N VAL D 110 -22.73 28.88 29.30
CA VAL D 110 -23.34 28.16 30.43
C VAL D 110 -22.54 26.89 30.80
N GLU D 111 -21.76 26.36 29.85
CA GLU D 111 -21.03 25.10 30.05
C GLU D 111 -19.99 25.05 31.19
N PRO D 112 -19.08 26.06 31.29
CA PRO D 112 -18.12 25.98 32.41
C PRO D 112 -18.73 26.24 33.78
N THR D 113 -19.96 26.75 33.82
CA THR D 113 -20.65 27.03 35.07
C THR D 113 -21.59 25.90 35.45
N ILE D 114 -21.31 24.70 34.94
CA ILE D 114 -22.14 23.54 35.23
C ILE D 114 -21.30 22.28 35.32
N ASN D 115 -20.24 22.21 34.52
CA ASN D 115 -19.35 21.06 34.52
C ASN D 115 -17.91 21.46 34.81
N GLY D 116 -17.53 22.66 34.38
CA GLY D 116 -16.18 23.16 34.59
C GLY D 116 -15.30 22.85 33.41
N THR D 117 -15.91 22.71 32.24
CA THR D 117 -15.24 22.45 30.97
C THR D 117 -15.88 23.27 29.86
N GLN D 118 -15.21 23.34 28.72
CA GLN D 118 -15.73 24.03 27.54
C GLN D 118 -16.76 23.18 26.81
N SER D 119 -17.74 23.85 26.19
CA SER D 119 -18.66 23.23 25.26
C SER D 119 -17.90 22.76 24.03
N LEU D 120 -18.34 21.63 23.45
CA LEU D 120 -17.76 21.19 22.19
C LEU D 120 -18.25 22.03 21.01
N LEU D 121 -19.27 22.85 21.26
CA LEU D 121 -19.80 23.82 20.27
C LEU D 121 -18.89 25.04 20.06
N ASN D 122 -17.95 25.22 20.99
CA ASN D 122 -17.10 26.40 21.07
C ASN D 122 -15.97 26.43 20.03
N PHE D 123 -15.83 27.59 19.42
CA PHE D 123 -14.71 27.91 18.52
C PHE D 123 -14.35 29.36 18.75
N LEU D 124 -13.12 29.75 18.39
CA LEU D 124 -12.59 31.07 18.74
C LEU D 124 -13.56 32.26 18.58
N GLY D 125 -13.91 32.61 17.35
CA GLY D 125 -14.72 33.82 17.10
C GLY D 125 -16.18 33.91 17.56
N ILE D 126 -16.68 32.86 18.23
CA ILE D 126 -18.13 32.63 18.42
C ILE D 126 -18.91 33.81 19.02
N SER D 127 -18.35 34.42 20.05
CA SER D 127 -19.01 35.46 20.86
C SER D 127 -19.19 36.76 20.09
N TYR D 128 -18.35 36.95 19.07
CA TYR D 128 -18.40 38.12 18.21
C TYR D 128 -19.18 37.83 16.94
N LEU D 129 -19.12 36.57 16.49
CA LEU D 129 -19.86 36.15 15.30
C LEU D 129 -21.37 36.20 15.51
N THR D 130 -21.81 35.86 16.73
CA THR D 130 -23.23 35.82 17.09
C THR D 130 -23.92 37.19 16.87
N PHE D 131 -23.21 38.29 17.14
CA PHE D 131 -23.78 39.62 16.94
C PHE D 131 -24.18 39.86 15.49
N ARG D 132 -23.35 39.36 14.57
CA ARG D 132 -23.59 39.55 13.14
C ARG D 132 -24.84 38.78 12.71
N ALA D 133 -25.00 37.56 13.23
CA ALA D 133 -26.16 36.70 12.96
C ALA D 133 -27.47 37.25 13.55
N VAL D 134 -27.49 37.53 14.86
CA VAL D 134 -28.68 38.09 15.55
C VAL D 134 -29.11 39.35 14.85
N GLY D 135 -28.13 40.23 14.60
CA GLY D 135 -28.33 41.49 13.90
C GLY D 135 -29.28 41.41 12.73
N MET D 136 -29.11 40.37 11.90
CA MET D 136 -29.99 40.13 10.76
C MET D 136 -31.42 39.74 11.10
N ILE D 137 -31.59 38.83 12.08
CA ILE D 137 -32.90 38.47 12.61
C ILE D 137 -33.65 39.72 13.12
N ILE D 138 -32.92 40.56 13.87
CA ILE D 138 -33.42 41.86 14.37
C ILE D 138 -33.79 42.82 13.21
N GLU D 139 -32.89 42.97 12.24
CA GLU D 139 -33.09 43.90 11.11
C GLU D 139 -34.19 43.45 10.13
N MET D 140 -34.36 42.13 9.98
CA MET D 140 -35.46 41.54 9.19
C MET D 140 -36.81 41.70 9.87
N ARG D 141 -36.80 41.57 11.20
CA ARG D 141 -37.97 41.77 12.06
C ARG D 141 -38.63 43.12 11.82
N ASP D 142 -37.79 44.17 11.80
CA ASP D 142 -38.25 45.54 11.61
C ASP D 142 -38.48 45.92 10.14
N GLY D 143 -38.23 44.97 9.24
CA GLY D 143 -38.47 45.16 7.81
C GLY D 143 -37.60 46.22 7.18
N VAL D 144 -36.44 46.46 7.78
CA VAL D 144 -35.43 47.35 7.21
C VAL D 144 -34.49 46.55 6.29
N LEU D 145 -34.54 45.21 6.41
CA LEU D 145 -33.75 44.31 5.58
C LEU D 145 -34.61 43.20 4.96
N LYS D 146 -34.55 43.07 3.63
CA LYS D 146 -35.32 42.04 2.90
C LYS D 146 -34.48 41.06 2.08
N GLU D 147 -33.97 41.49 0.91
CA GLU D 147 -33.22 40.59 0.02
C GLU D 147 -31.73 40.53 0.35
N PHE D 148 -31.16 39.33 0.27
CA PHE D 148 -29.73 39.09 0.37
C PHE D 148 -29.31 37.69 -0.05
N THR D 149 -28.18 37.61 -0.75
CA THR D 149 -27.55 36.35 -1.17
C THR D 149 -27.04 35.56 0.04
N LEU D 150 -27.04 34.24 -0.07
CA LEU D 150 -26.33 33.36 0.88
C LEU D 150 -24.85 33.77 0.95
N GLY D 151 -24.30 34.11 -0.21
CA GLY D 151 -22.95 34.65 -0.35
C GLY D 151 -22.76 35.95 0.42
N GLU D 152 -23.62 36.93 0.13
CA GLU D 152 -23.63 38.23 0.84
C GLU D 152 -23.63 38.07 2.35
N PHE D 153 -24.49 37.16 2.82
CA PHE D 153 -24.62 36.80 4.23
C PHE D 153 -23.35 36.16 4.78
N LEU D 154 -22.84 35.15 4.08
CA LEU D 154 -21.64 34.41 4.54
C LEU D 154 -20.37 35.25 4.51
N ARG D 155 -20.24 36.13 3.52
CA ARG D 155 -19.16 37.13 3.40
C ARG D 155 -19.08 37.99 4.65
N PHE D 156 -20.21 38.65 4.92
CA PHE D 156 -20.37 39.52 6.07
C PHE D 156 -20.11 38.78 7.38
N MET D 157 -20.66 37.59 7.51
CA MET D 157 -20.58 36.89 8.78
C MET D 157 -19.18 36.42 9.12
N LEU D 158 -18.54 35.71 8.18
CA LEU D 158 -17.20 35.20 8.44
C LEU D 158 -16.12 36.01 7.73
N PHE D 159 -16.26 37.33 7.76
CA PHE D 159 -15.23 38.29 7.33
C PHE D 159 -14.01 38.02 8.18
N MET D 160 -12.88 37.71 7.53
CA MET D 160 -11.69 37.15 8.20
C MET D 160 -10.91 38.10 9.14
N PRO D 161 -10.71 39.39 8.77
CA PRO D 161 -9.93 40.24 9.68
C PRO D 161 -10.61 40.42 11.05
N THR D 162 -11.90 40.74 11.02
CA THR D 162 -12.69 41.00 12.22
C THR D 162 -13.40 39.72 12.73
N PHE D 163 -12.73 38.58 12.57
CA PHE D 163 -13.31 37.29 12.96
C PHE D 163 -13.10 36.87 14.42
N THR D 164 -11.86 36.54 14.77
CA THR D 164 -11.51 36.10 16.12
C THR D 164 -12.09 36.97 17.24
N SER D 165 -11.82 38.26 17.17
CA SER D 165 -12.33 39.20 18.17
C SER D 165 -12.24 40.61 17.60
N GLY D 166 -12.79 40.78 16.40
CA GLY D 166 -12.77 42.09 15.73
C GLY D 166 -14.00 42.94 15.89
N PRO D 167 -13.94 44.20 15.40
CA PRO D 167 -15.05 45.13 15.55
C PRO D 167 -16.35 44.54 15.03
N ILE D 168 -17.40 44.60 15.85
CA ILE D 168 -18.73 44.13 15.46
C ILE D 168 -19.26 45.06 14.37
N ASP D 169 -19.80 44.46 13.31
CA ASP D 169 -20.34 45.20 12.18
C ASP D 169 -21.81 44.82 11.96
N ARG D 170 -22.50 45.62 11.15
CA ARG D 170 -23.90 45.38 10.79
C ARG D 170 -23.96 45.10 9.28
N PHE D 171 -24.93 44.27 8.87
CA PHE D 171 -25.00 43.77 7.50
C PHE D 171 -25.12 44.88 6.44
N LYS D 172 -26.10 45.76 6.63
CA LYS D 172 -26.46 46.75 5.62
C LYS D 172 -25.30 47.66 5.20
N ARG D 173 -24.50 48.13 6.17
CA ARG D 173 -23.37 48.99 5.82
C ARG D 173 -22.16 48.20 5.34
N PHE D 174 -21.94 47.00 5.87
CA PHE D 174 -20.83 46.13 5.40
C PHE D 174 -21.04 45.80 3.94
N ASN D 175 -22.26 45.40 3.60
CA ASN D 175 -22.59 44.96 2.27
C ASN D 175 -22.48 46.09 1.27
N GLU D 176 -22.93 47.28 1.69
CA GLU D 176 -22.91 48.49 0.86
C GLU D 176 -21.48 48.97 0.63
N ASP D 177 -20.60 48.73 1.62
CA ASP D 177 -19.18 49.08 1.56
C ASP D 177 -18.48 48.15 0.58
N TYR D 178 -18.87 46.87 0.62
CA TYR D 178 -18.31 45.83 -0.24
C TYR D 178 -18.77 45.99 -1.69
N GLN D 179 -20.03 46.38 -1.86
CA GLN D 179 -20.67 46.64 -3.15
C GLN D 179 -19.88 47.63 -4.01
N SER D 180 -19.55 48.78 -3.42
CA SER D 180 -18.92 49.88 -4.13
C SER D 180 -17.46 50.10 -3.71
N ILE D 181 -16.56 49.71 -4.62
CA ILE D 181 -15.10 49.86 -4.46
C ILE D 181 -14.72 51.35 -4.49
N PRO D 182 -14.01 51.83 -3.45
CA PRO D 182 -13.55 53.23 -3.34
C PRO D 182 -12.52 53.64 -4.41
N ASN D 183 -12.71 54.85 -4.95
CA ASN D 183 -11.88 55.42 -6.04
C ASN D 183 -10.38 55.49 -5.70
N ARG D 184 -9.55 55.64 -6.74
CA ARG D 184 -8.10 55.42 -6.66
C ARG D 184 -7.39 56.08 -5.48
N ASP D 185 -7.64 57.38 -5.27
CA ASP D 185 -6.96 58.12 -4.20
C ASP D 185 -7.54 57.85 -2.80
N GLU D 186 -8.87 57.86 -2.70
CA GLU D 186 -9.60 57.47 -1.49
C GLU D 186 -9.14 56.09 -0.99
N LEU D 187 -8.91 55.17 -1.92
CA LEU D 187 -8.45 53.84 -1.58
C LEU D 187 -6.98 53.90 -1.22
N LEU D 188 -6.26 54.81 -1.85
CA LEU D 188 -4.84 54.99 -1.59
C LEU D 188 -4.66 55.50 -0.17
N ASN D 189 -5.54 56.43 0.23
CA ASN D 189 -5.49 56.99 1.57
C ASN D 189 -5.62 55.87 2.58
N MET D 190 -6.45 54.88 2.26
CA MET D 190 -6.66 53.72 3.14
C MET D 190 -5.36 52.96 3.41
N LEU D 191 -4.53 52.82 2.37
CA LEU D 191 -3.24 52.13 2.46
C LEU D 191 -2.30 52.85 3.42
N GLU D 192 -2.34 54.19 3.36
CA GLU D 192 -1.59 55.07 4.24
C GLU D 192 -2.05 54.84 5.67
N GLN D 193 -3.36 54.91 5.85
CA GLN D 193 -4.05 54.64 7.10
C GLN D 193 -3.67 53.28 7.70
N ALA D 194 -3.57 52.26 6.85
CA ALA D 194 -3.29 50.88 7.25
C ALA D 194 -1.91 50.69 7.86
N VAL D 195 -0.88 51.24 7.21
CA VAL D 195 0.50 51.19 7.72
C VAL D 195 0.60 51.94 9.05
N LYS D 196 0.01 53.13 9.08
CA LYS D 196 -0.11 53.94 10.30
C LYS D 196 -0.71 53.09 11.43
N TYR D 197 -1.84 52.44 11.15
CA TYR D 197 -2.52 51.52 12.08
C TYR D 197 -1.64 50.34 12.54
N ILE D 198 -0.96 49.70 11.57
CA ILE D 198 -0.11 48.52 11.84
C ILE D 198 1.07 48.89 12.72
N MET D 199 1.79 49.95 12.34
CA MET D 199 2.92 50.45 13.11
C MET D 199 2.49 50.77 14.53
N LEU D 200 1.40 51.52 14.69
CA LEU D 200 0.89 51.84 16.02
C LEU D 200 0.48 50.60 16.80
N GLY D 201 -0.22 49.68 16.14
CA GLY D 201 -0.55 48.36 16.70
C GLY D 201 0.64 47.62 17.26
N PHE D 202 1.75 47.65 16.51
CA PHE D 202 3.04 47.07 16.93
C PHE D 202 3.48 47.61 18.28
N LEU D 203 3.40 48.93 18.44
CA LEU D 203 3.81 49.61 19.65
C LEU D 203 2.91 49.20 20.81
N TYR D 204 1.59 49.22 20.59
CA TYR D 204 0.61 48.86 21.61
C TYR D 204 0.76 47.40 22.05
N LYS D 205 0.50 46.47 21.12
CA LYS D 205 0.39 45.05 21.43
C LYS D 205 1.73 44.38 21.76
N PHE D 206 2.75 44.61 20.92
CA PHE D 206 4.02 43.92 21.07
C PHE D 206 5.01 44.58 22.04
N VAL D 207 4.81 45.87 22.35
CA VAL D 207 5.68 46.60 23.29
C VAL D 207 4.98 46.98 24.61
N LEU D 208 3.99 47.87 24.55
CA LEU D 208 3.36 48.42 25.76
C LEU D 208 2.49 47.41 26.51
N ALA D 209 1.66 46.66 25.77
CA ALA D 209 0.88 45.56 26.34
C ALA D 209 1.80 44.53 26.98
N GLN D 210 2.97 44.35 26.40
CA GLN D 210 3.98 43.47 26.93
C GLN D 210 4.63 44.02 28.21
N ILE D 211 4.91 45.34 28.23
CA ILE D 211 5.50 46.01 29.41
C ILE D 211 4.56 45.95 30.61
N PHE D 212 3.30 46.36 30.42
CA PHE D 212 2.31 46.29 31.48
C PHE D 212 1.95 44.85 31.84
N GLY D 213 1.52 44.08 30.84
CA GLY D 213 0.97 42.74 31.04
C GLY D 213 1.92 41.70 31.62
N SER D 214 3.13 41.66 31.08
CA SER D 214 4.04 40.56 31.39
C SER D 214 5.35 40.96 32.09
N MET D 215 5.57 42.26 32.29
CA MET D 215 6.73 42.72 33.05
C MET D 215 6.35 43.34 34.39
N LEU D 216 5.27 44.12 34.41
CA LEU D 216 4.83 44.84 35.63
C LEU D 216 3.72 44.16 36.43
N LEU D 217 2.78 43.50 35.73
CA LEU D 217 1.63 42.86 36.37
C LEU D 217 1.94 41.61 37.24
N PRO D 218 2.69 40.60 36.72
CA PRO D 218 2.93 39.40 37.54
C PRO D 218 3.60 39.57 38.93
N PRO D 219 4.57 40.53 39.09
CA PRO D 219 5.08 40.71 40.47
C PRO D 219 4.15 41.48 41.40
N LEU D 220 3.34 42.38 40.84
CA LEU D 220 2.37 43.17 41.60
C LEU D 220 1.23 42.31 42.16
N LYS D 221 0.86 41.27 41.40
CA LYS D 221 -0.12 40.27 41.84
C LYS D 221 0.47 39.40 42.94
N ALA D 222 1.75 39.03 42.78
CA ALA D 222 2.49 38.29 43.79
C ALA D 222 2.65 39.09 45.08
N GLN D 223 2.85 40.40 44.92
CA GLN D 223 2.95 41.32 46.04
C GLN D 223 1.61 41.41 46.79
N ALA D 224 0.54 41.67 46.05
CA ALA D 224 -0.80 41.85 46.62
C ALA D 224 -1.39 40.59 47.24
N LEU D 225 -1.02 39.42 46.72
CA LEU D 225 -1.47 38.15 47.29
C LEU D 225 -0.77 37.80 48.61
N SER D 226 0.54 38.06 48.68
CA SER D 226 1.34 37.82 49.88
C SER D 226 1.05 38.85 50.99
N GLN D 227 0.51 40.01 50.61
CA GLN D 227 0.04 41.02 51.53
C GLN D 227 -1.28 40.65 52.21
N GLY D 228 -2.27 40.22 51.43
CA GLY D 228 -3.59 39.84 51.94
C GLY D 228 -4.51 40.99 52.29
N GLY D 229 -5.69 40.67 52.83
CA GLY D 229 -6.72 41.66 53.17
C GLY D 229 -7.73 41.88 52.05
N ILE D 230 -8.73 42.72 52.29
CA ILE D 230 -9.74 43.04 51.25
C ILE D 230 -9.19 43.96 50.16
N PHE D 231 -8.21 44.79 50.52
CA PHE D 231 -7.50 45.65 49.60
C PHE D 231 -6.12 45.97 50.16
N ASN D 232 -5.18 46.36 49.29
CA ASN D 232 -3.87 46.91 49.71
C ASN D 232 -3.24 47.73 48.58
N LEU D 233 -2.20 48.49 48.93
CA LEU D 233 -1.51 49.38 47.97
C LEU D 233 -0.97 48.68 46.71
N PRO D 234 -0.44 47.43 46.84
CA PRO D 234 -0.14 46.65 45.62
C PRO D 234 -1.36 46.32 44.75
N THR D 235 -2.52 46.07 45.37
CA THR D 235 -3.77 45.82 44.65
C THR D 235 -4.26 47.06 43.89
N LEU D 236 -3.92 48.25 44.42
CA LEU D 236 -4.13 49.49 43.67
C LEU D 236 -3.19 49.57 42.47
N GLY D 237 -2.01 48.98 42.61
CA GLY D 237 -1.05 48.86 41.50
C GLY D 237 -1.59 47.98 40.39
N VAL D 238 -2.00 46.76 40.75
CA VAL D 238 -2.62 45.80 39.82
C VAL D 238 -3.78 46.40 39.04
N MET D 239 -4.61 47.14 39.74
CA MET D 239 -5.73 47.88 39.14
C MET D 239 -5.30 48.76 37.95
N TYR D 240 -4.34 49.66 38.16
CA TYR D 240 -3.89 50.57 37.09
C TYR D 240 -3.12 49.86 35.98
N VAL D 241 -2.18 48.99 36.36
CA VAL D 241 -1.33 48.26 35.43
C VAL D 241 -2.18 47.38 34.50
N TYR D 242 -3.10 46.60 35.08
CA TYR D 242 -3.98 45.71 34.33
C TYR D 242 -4.85 46.49 33.33
N GLY D 243 -5.46 47.56 33.81
CA GLY D 243 -6.32 48.42 33.01
C GLY D 243 -5.66 48.89 31.73
N PHE D 244 -4.41 49.34 31.84
CA PHE D 244 -3.61 49.75 30.68
C PHE D 244 -3.26 48.60 29.75
N ASP D 245 -2.83 47.49 30.32
CA ASP D 245 -2.60 46.24 29.58
C ASP D 245 -3.85 45.79 28.79
N LEU D 246 -5.02 45.81 29.46
CA LEU D 246 -6.29 45.49 28.81
C LEU D 246 -6.56 46.44 27.65
N PHE D 247 -6.22 47.72 27.84
CA PHE D 247 -6.39 48.71 26.78
C PHE D 247 -5.44 48.47 25.61
N PHE D 248 -4.13 48.49 25.87
CA PHE D 248 -3.14 48.39 24.79
C PHE D 248 -3.24 47.12 23.96
N ASP D 249 -3.51 45.99 24.61
CA ASP D 249 -3.70 44.72 23.91
C ASP D 249 -4.95 44.74 23.02
N PHE D 250 -6.08 45.21 23.56
CA PHE D 250 -7.31 45.19 22.79
C PHE D 250 -7.38 46.25 21.68
N ALA D 251 -6.91 47.45 22.00
CA ALA D 251 -6.85 48.56 21.03
C ALA D 251 -5.82 48.31 19.92
N GLY D 252 -4.73 47.65 20.29
CA GLY D 252 -3.68 47.23 19.36
C GLY D 252 -4.18 46.19 18.38
N TYR D 253 -4.86 45.17 18.92
CA TYR D 253 -5.57 44.19 18.12
C TYR D 253 -6.53 44.87 17.14
N SER D 254 -7.34 45.79 17.67
CA SER D 254 -8.38 46.46 16.90
C SER D 254 -7.82 47.21 15.69
N MET D 255 -6.66 47.84 15.86
CA MET D 255 -5.98 48.55 14.78
C MET D 255 -5.50 47.62 13.68
N PHE D 256 -4.90 46.49 14.07
CA PHE D 256 -4.52 45.43 13.14
C PHE D 256 -5.72 45.02 12.28
N ALA D 257 -6.80 44.62 12.97
CA ALA D 257 -8.08 44.27 12.35
C ALA D 257 -8.56 45.37 11.38
N LEU D 258 -8.52 46.61 11.84
CA LEU D 258 -8.89 47.76 11.03
C LEU D 258 -8.03 47.93 9.80
N ALA D 259 -6.72 47.69 9.95
CA ALA D 259 -5.74 47.82 8.88
C ALA D 259 -5.90 46.74 7.80
N VAL D 260 -5.99 45.49 8.24
CA VAL D 260 -6.21 44.34 7.36
C VAL D 260 -7.54 44.47 6.63
N SER D 261 -8.58 44.84 7.35
CA SER D 261 -9.88 45.18 6.77
C SER D 261 -9.76 46.24 5.65
N ASN D 262 -8.89 47.23 5.87
CA ASN D 262 -8.66 48.31 4.90
C ASN D 262 -8.06 47.83 3.60
N LEU D 263 -7.13 46.87 3.69
CA LEU D 263 -6.49 46.28 2.51
C LEU D 263 -7.46 45.41 1.72
N MET D 264 -8.57 45.03 2.36
CA MET D 264 -9.67 44.34 1.69
C MET D 264 -10.72 45.31 1.18
N GLY D 265 -10.46 46.61 1.30
CA GLY D 265 -11.30 47.63 0.69
C GLY D 265 -12.53 48.08 1.47
N ILE D 266 -12.82 47.42 2.58
CA ILE D 266 -13.92 47.83 3.45
C ILE D 266 -13.39 48.46 4.75
N LYS D 267 -13.93 49.62 5.11
CA LYS D 267 -13.55 50.28 6.36
C LYS D 267 -14.54 49.91 7.48
N SER D 268 -14.13 48.92 8.28
CA SER D 268 -14.91 48.38 9.40
C SER D 268 -15.00 49.39 10.56
N PRO D 269 -15.98 49.24 11.49
CA PRO D 269 -16.18 50.16 12.63
C PRO D 269 -14.95 50.33 13.52
N ILE D 270 -14.80 51.50 14.15
CA ILE D 270 -13.70 51.73 15.08
C ILE D 270 -14.08 51.36 16.53
N ASN D 271 -13.08 50.92 17.31
CA ASN D 271 -13.30 50.39 18.66
C ASN D 271 -12.94 51.33 19.83
N PHE D 272 -11.94 52.18 19.65
CA PHE D 272 -11.52 53.09 20.72
C PHE D 272 -11.33 54.52 20.23
N ASP D 273 -11.57 55.49 21.11
CA ASP D 273 -11.38 56.91 20.82
C ASP D 273 -10.93 57.64 22.08
N LYS D 274 -9.63 57.57 22.36
CA LYS D 274 -9.01 58.15 23.58
C LYS D 274 -9.96 58.03 24.80
N PRO D 275 -10.22 56.80 25.27
CA PRO D 275 -11.30 56.61 26.24
C PRO D 275 -11.01 57.13 27.65
N PHE D 276 -9.74 57.41 27.95
CA PHE D 276 -9.35 57.81 29.30
C PHE D 276 -9.60 59.30 29.62
N ILE D 277 -9.53 60.15 28.59
CA ILE D 277 -9.79 61.59 28.75
C ILE D 277 -11.29 61.93 28.90
N SER D 278 -12.12 60.87 28.91
CA SER D 278 -13.56 61.00 29.12
C SER D 278 -13.83 61.47 30.55
N ARG D 279 -14.72 62.47 30.64
CA ARG D 279 -15.07 63.14 31.90
C ARG D 279 -16.29 62.50 32.55
N ASP D 280 -16.97 61.67 31.78
CA ASP D 280 -18.32 61.20 32.06
C ASP D 280 -18.38 59.68 31.80
N MET D 281 -19.21 58.97 32.57
CA MET D 281 -19.48 57.55 32.32
C MET D 281 -20.18 57.31 30.99
N LYS D 282 -21.13 58.18 30.66
CA LYS D 282 -21.81 58.19 29.38
C LYS D 282 -20.83 58.45 28.22
N GLU D 283 -19.84 59.30 28.46
CA GLU D 283 -18.80 59.61 27.46
C GLU D 283 -17.82 58.45 27.27
N PHE D 284 -17.44 57.79 28.37
CA PHE D 284 -16.58 56.59 28.34
C PHE D 284 -17.15 55.53 27.38
N TRP D 285 -18.46 55.30 27.48
CA TRP D 285 -19.11 54.32 26.62
C TRP D 285 -19.32 54.80 25.18
N ASN D 286 -19.00 56.06 24.91
CA ASN D 286 -18.91 56.52 23.53
C ASN D 286 -17.49 56.45 22.98
N ARG D 287 -16.59 55.89 23.80
CA ARG D 287 -15.15 55.90 23.50
C ARG D 287 -14.43 54.56 23.72
N TRP D 288 -15.04 53.67 24.52
CA TRP D 288 -14.46 52.35 24.81
C TRP D 288 -15.23 51.19 24.16
N HIS D 289 -14.50 50.23 23.58
CA HIS D 289 -15.04 49.06 22.85
C HIS D 289 -16.32 49.42 22.07
N MET D 290 -16.20 50.47 21.27
CA MET D 290 -17.34 51.15 20.68
C MET D 290 -18.25 50.28 19.83
N SER D 291 -17.68 49.40 19.01
CA SER D 291 -18.48 48.49 18.16
C SER D 291 -19.47 47.65 18.98
N LEU D 292 -19.00 47.09 20.10
CA LEU D 292 -19.83 46.38 21.08
C LEU D 292 -20.78 47.32 21.82
N SER D 293 -20.20 48.37 22.40
CA SER D 293 -20.92 49.40 23.14
C SER D 293 -22.14 49.91 22.37
N PHE D 294 -21.91 50.34 21.12
CA PHE D 294 -22.95 50.86 20.24
C PHE D 294 -23.93 49.78 19.80
N TRP D 295 -23.49 48.53 19.73
CA TRP D 295 -24.37 47.41 19.38
C TRP D 295 -25.41 47.20 20.47
N PHE D 296 -24.95 47.04 21.72
CA PHE D 296 -25.84 46.95 22.88
C PHE D 296 -26.75 48.16 23.03
N ARG D 297 -26.25 49.33 22.65
CA ARG D 297 -27.03 50.57 22.69
C ARG D 297 -28.27 50.50 21.80
N ASP D 298 -28.14 49.95 20.60
CA ASP D 298 -29.24 49.94 19.62
C ASP D 298 -30.06 48.66 19.59
N PHE D 299 -29.40 47.54 19.88
CA PHE D 299 -30.02 46.22 19.78
C PHE D 299 -30.43 45.61 21.10
N VAL D 300 -29.95 46.16 22.22
CA VAL D 300 -30.37 45.66 23.54
C VAL D 300 -31.09 46.76 24.33
N PHE D 301 -30.41 47.88 24.55
CA PHE D 301 -30.95 48.96 25.38
C PHE D 301 -32.16 49.63 24.73
N MET D 302 -31.96 50.21 23.54
CA MET D 302 -33.02 50.94 22.82
C MET D 302 -34.24 50.06 22.60
N ARG D 303 -34.00 48.77 22.41
CA ARG D 303 -35.05 47.80 22.15
C ARG D 303 -35.79 47.39 23.43
N LEU D 304 -35.10 47.49 24.56
CA LEU D 304 -35.73 47.26 25.87
C LEU D 304 -36.58 48.45 26.27
N VAL D 305 -36.05 49.66 26.12
CA VAL D 305 -36.79 50.90 26.39
C VAL D 305 -38.10 50.95 25.58
N ILE D 306 -38.02 50.61 24.29
CA ILE D 306 -39.18 50.58 23.39
C ILE D 306 -40.29 49.63 23.87
N VAL D 307 -39.92 48.44 24.35
CA VAL D 307 -40.93 47.49 24.83
C VAL D 307 -41.50 47.90 26.21
N LEU D 308 -40.72 48.62 27.01
CA LEU D 308 -41.22 49.16 28.28
C LEU D 308 -42.13 50.38 28.06
N MET D 309 -41.89 51.13 26.99
CA MET D 309 -42.79 52.21 26.55
C MET D 309 -44.12 51.64 26.03
N ARG D 310 -44.03 50.52 25.30
CA ARG D 310 -45.16 49.85 24.62
C ARG D 310 -46.29 49.46 25.59
N ASN D 311 -45.90 49.13 26.82
CA ASN D 311 -46.82 48.74 27.87
C ASN D 311 -47.01 49.84 28.91
N LYS D 312 -46.18 50.89 28.82
CA LYS D 312 -45.92 51.84 29.93
C LYS D 312 -45.99 51.15 31.31
N VAL D 313 -45.07 50.19 31.47
CA VAL D 313 -44.98 49.31 32.63
C VAL D 313 -44.54 50.07 33.90
N PHE D 314 -43.60 50.99 33.74
CA PHE D 314 -43.10 51.80 34.86
C PHE D 314 -43.76 53.18 34.93
N LYS D 315 -43.76 53.73 36.14
CA LYS D 315 -44.41 55.00 36.49
C LYS D 315 -43.98 56.19 35.61
N ASN D 316 -42.67 56.41 35.52
CA ASN D 316 -42.13 57.64 34.91
C ASN D 316 -40.95 57.40 33.96
N ARG D 317 -40.54 58.47 33.28
CA ARG D 317 -39.46 58.48 32.28
C ARG D 317 -38.09 58.05 32.83
N ASN D 318 -37.91 58.15 34.15
CA ASN D 318 -36.59 57.93 34.76
C ASN D 318 -36.32 56.50 35.22
N THR D 319 -37.36 55.79 35.66
CA THR D 319 -37.21 54.41 36.12
C THR D 319 -37.09 53.44 34.94
N THR D 320 -37.82 53.72 33.85
CA THR D 320 -37.72 52.93 32.59
C THR D 320 -36.30 52.94 32.02
N SER D 321 -35.62 54.09 32.09
CA SER D 321 -34.23 54.23 31.67
C SER D 321 -33.30 53.44 32.59
N ASN D 322 -33.44 53.70 33.89
CA ASN D 322 -32.54 53.18 34.91
C ASN D 322 -32.60 51.66 35.03
N VAL D 323 -33.79 51.09 34.83
CA VAL D 323 -33.95 49.64 34.72
C VAL D 323 -33.18 49.15 33.50
N ALA D 324 -33.45 49.75 32.33
CA ALA D 324 -32.84 49.36 31.07
C ALA D 324 -31.32 49.48 31.07
N TYR D 325 -30.78 50.50 31.73
CA TYR D 325 -29.34 50.64 31.96
C TYR D 325 -28.76 49.44 32.69
N ILE D 326 -29.41 49.09 33.81
CA ILE D 326 -28.98 47.98 34.67
C ILE D 326 -29.11 46.64 33.95
N ILE D 327 -30.20 46.46 33.20
CA ILE D 327 -30.41 45.23 32.41
C ILE D 327 -29.39 45.15 31.28
N ASN D 328 -29.27 46.22 30.49
CA ASN D 328 -28.33 46.29 29.36
C ASN D 328 -26.89 45.99 29.73
N MET D 329 -26.43 46.58 30.84
CA MET D 329 -25.06 46.40 31.30
C MET D 329 -24.83 45.04 31.96
N MET D 330 -25.89 44.48 32.52
CA MET D 330 -25.86 43.15 33.11
C MET D 330 -25.76 42.07 32.04
N VAL D 331 -26.54 42.22 30.96
CA VAL D 331 -26.49 41.33 29.78
C VAL D 331 -25.09 41.37 29.15
N MET D 332 -24.53 42.58 29.07
CA MET D 332 -23.14 42.76 28.61
C MET D 332 -22.16 41.99 29.49
N GLY D 333 -22.34 42.08 30.80
CA GLY D 333 -21.55 41.31 31.76
C GLY D 333 -21.68 39.82 31.53
N PHE D 334 -22.92 39.38 31.34
CA PHE D 334 -23.25 37.98 31.04
C PHE D 334 -22.55 37.49 29.78
N TRP D 335 -22.50 38.34 28.75
CA TRP D 335 -21.86 38.04 27.48
C TRP D 335 -20.37 37.73 27.62
N HIS D 336 -19.72 38.37 28.59
CA HIS D 336 -18.32 38.08 28.92
C HIS D 336 -18.11 36.71 29.55
N GLY D 337 -19.14 36.20 30.21
CA GLY D 337 -19.08 34.91 30.87
C GLY D 337 -19.94 34.92 32.12
N ILE D 338 -20.34 33.74 32.56
CA ILE D 338 -21.15 33.61 33.77
C ILE D 338 -20.20 33.33 34.93
N THR D 339 -19.56 34.39 35.41
CA THR D 339 -18.81 34.37 36.66
C THR D 339 -19.33 35.53 37.48
N TRP D 340 -19.19 35.43 38.81
CA TRP D 340 -19.64 36.49 39.71
C TRP D 340 -19.08 37.84 39.27
N TYR D 341 -17.78 37.88 39.00
CA TYR D 341 -17.06 39.12 38.72
C TYR D 341 -17.43 39.77 37.39
N TYR D 342 -17.81 38.98 36.39
CA TYR D 342 -18.33 39.54 35.14
C TYR D 342 -19.70 40.18 35.35
N ILE D 343 -20.58 39.47 36.04
CA ILE D 343 -21.91 40.00 36.40
C ILE D 343 -21.74 41.20 37.34
N ALA D 344 -20.73 41.13 38.22
CA ALA D 344 -20.38 42.25 39.11
C ALA D 344 -19.97 43.47 38.30
N TYR D 345 -19.01 43.29 37.39
CA TYR D 345 -18.60 44.30 36.41
C TYR D 345 -19.80 44.91 35.67
N GLY D 346 -20.80 44.08 35.40
CA GLY D 346 -22.05 44.48 34.74
C GLY D 346 -22.94 45.41 35.54
N ILE D 347 -23.34 44.96 36.74
CA ILE D 347 -24.18 45.77 37.65
C ILE D 347 -23.46 47.04 38.15
N PHE D 348 -22.13 47.00 38.19
CA PHE D 348 -21.28 48.13 38.55
C PHE D 348 -21.46 49.26 37.54
N HIS D 349 -21.32 48.94 36.26
CA HIS D 349 -21.48 49.94 35.19
C HIS D 349 -22.91 50.42 35.01
N GLY D 350 -23.86 49.61 35.50
CA GLY D 350 -25.28 49.95 35.51
C GLY D 350 -25.61 51.01 36.55
N ILE D 351 -25.30 50.71 37.81
CA ILE D 351 -25.43 51.68 38.91
C ILE D 351 -24.53 52.89 38.64
N GLY D 352 -23.36 52.64 38.04
CA GLY D 352 -22.44 53.68 37.60
C GLY D 352 -23.10 54.65 36.65
N LEU D 353 -23.82 54.11 35.66
CA LEU D 353 -24.53 54.95 34.69
C LEU D 353 -25.75 55.65 35.25
N VAL D 354 -26.49 54.96 36.14
CA VAL D 354 -27.69 55.58 36.73
C VAL D 354 -27.29 56.77 37.62
N ILE D 355 -26.24 56.60 38.43
CA ILE D 355 -25.67 57.67 39.25
C ILE D 355 -25.34 58.87 38.37
N ASN D 356 -24.63 58.59 37.27
CA ASN D 356 -24.21 59.60 36.32
C ASN D 356 -25.40 60.33 35.71
N ASP D 357 -26.39 59.57 35.24
CA ASP D 357 -27.55 60.11 34.53
C ASP D 357 -28.41 60.94 35.46
N ALA D 358 -28.46 60.52 36.72
CA ALA D 358 -29.18 61.20 37.81
C ALA D 358 -28.61 62.56 38.15
N TRP D 359 -27.28 62.64 38.24
CA TRP D 359 -26.57 63.91 38.46
C TRP D 359 -26.80 64.91 37.32
N LEU D 360 -26.80 64.41 36.08
CA LEU D 360 -27.05 65.24 34.91
C LEU D 360 -28.45 65.90 34.94
N ARG D 361 -29.44 65.13 35.38
CA ARG D 361 -30.80 65.63 35.60
C ARG D 361 -30.86 66.62 36.74
N LYS D 362 -30.16 66.31 37.84
CA LYS D 362 -30.07 67.16 39.03
C LYS D 362 -29.38 68.48 38.73
N LYS D 363 -28.22 68.40 38.05
CA LYS D 363 -27.45 69.59 37.66
C LYS D 363 -28.25 70.50 36.73
N LYS D 364 -29.08 69.89 35.89
CA LYS D 364 -29.97 70.62 34.97
C LYS D 364 -30.99 71.44 35.73
N THR D 365 -31.56 70.87 36.79
CA THR D 365 -32.58 71.54 37.60
C THR D 365 -31.99 72.56 38.59
N ILE D 366 -30.69 72.45 38.91
CA ILE D 366 -29.99 73.49 39.69
C ILE D 366 -29.75 74.74 38.82
N ASN D 367 -29.44 74.53 37.54
CA ASN D 367 -29.31 75.61 36.55
C ASN D 367 -30.64 76.25 36.22
N LYS D 368 -31.67 75.43 36.09
CA LYS D 368 -33.07 75.84 35.90
C LYS D 368 -33.50 76.77 37.05
N ASP D 369 -33.16 76.40 38.28
CA ASP D 369 -33.42 77.19 39.50
C ASP D 369 -32.62 78.50 39.52
N ARG D 370 -31.33 78.41 39.16
CA ARG D 370 -30.43 79.56 39.09
C ARG D 370 -30.86 80.62 38.06
N LYS D 371 -31.41 80.18 36.93
CA LYS D 371 -31.88 81.07 35.86
C LYS D 371 -33.03 81.93 36.35
N LYS D 372 -33.97 81.30 37.04
CA LYS D 372 -35.11 82.00 37.67
C LYS D 372 -34.66 82.85 38.84
N ALA D 373 -33.64 82.37 39.56
CA ALA D 373 -33.02 83.09 40.68
C ALA D 373 -32.18 84.30 40.25
N GLY D 374 -31.80 84.34 38.96
CA GLY D 374 -31.01 85.42 38.41
C GLY D 374 -29.49 85.24 38.48
N LEU D 375 -29.03 84.19 39.17
CA LEU D 375 -27.60 83.89 39.30
C LEU D 375 -27.00 83.37 37.99
N LYS D 376 -25.66 83.35 37.93
CA LYS D 376 -24.93 82.74 36.80
C LYS D 376 -25.03 81.19 36.84
N PRO D 377 -25.15 80.53 35.66
CA PRO D 377 -25.17 79.07 35.61
C PRO D 377 -23.92 78.42 36.21
N LEU D 378 -24.12 77.29 36.89
CA LEU D 378 -23.06 76.47 37.52
C LEU D 378 -21.71 76.43 36.76
N PRO D 379 -20.57 76.69 37.46
CA PRO D 379 -19.24 76.83 36.84
C PRO D 379 -18.82 75.65 35.94
N GLU D 380 -18.38 75.97 34.72
CA GLU D 380 -18.01 74.97 33.73
C GLU D 380 -16.70 75.38 33.06
N ASN D 381 -15.61 75.17 33.79
CA ASN D 381 -14.26 75.59 33.39
C ASN D 381 -13.34 74.38 33.16
N LYS D 382 -12.03 74.57 33.33
CA LYS D 382 -11.05 73.48 33.20
C LYS D 382 -10.89 72.63 34.46
N TRP D 383 -11.03 73.23 35.65
CA TRP D 383 -10.94 72.51 36.92
C TRP D 383 -12.07 71.52 37.11
N THR D 384 -13.28 71.91 36.69
CA THR D 384 -14.47 71.04 36.71
C THR D 384 -14.31 69.83 35.78
N LYS D 385 -13.83 70.09 34.56
CA LYS D 385 -13.45 69.04 33.59
C LYS D 385 -12.46 68.06 34.22
N ALA D 386 -11.36 68.60 34.76
CA ALA D 386 -10.30 67.84 35.40
C ALA D 386 -10.81 66.92 36.51
N LEU D 387 -11.74 67.44 37.31
CA LEU D 387 -12.36 66.69 38.39
C LEU D 387 -13.13 65.49 37.84
N GLY D 388 -13.98 65.74 36.84
CA GLY D 388 -14.79 64.71 36.17
C GLY D 388 -13.95 63.57 35.62
N ILE D 389 -12.85 63.93 34.96
CA ILE D 389 -11.85 62.98 34.48
C ILE D 389 -11.33 62.11 35.63
N PHE D 390 -10.93 62.76 36.73
CA PHE D 390 -10.41 62.04 37.90
C PHE D 390 -11.41 61.01 38.44
N ILE D 391 -12.68 61.39 38.52
CA ILE D 391 -13.77 60.51 38.97
C ILE D 391 -13.92 59.29 38.05
N THR D 392 -14.18 59.54 36.76
CA THR D 392 -14.45 58.47 35.80
C THR D 392 -13.24 57.57 35.57
N PHE D 393 -12.05 58.16 35.42
CA PHE D 393 -10.81 57.39 35.26
C PHE D 393 -10.66 56.36 36.39
N ASN D 394 -10.90 56.80 37.62
CA ASN D 394 -10.81 55.92 38.78
C ASN D 394 -11.97 54.93 38.93
N THR D 395 -13.18 55.38 38.59
CA THR D 395 -14.34 54.49 38.49
C THR D 395 -14.03 53.34 37.53
N VAL D 396 -13.55 53.72 36.34
CA VAL D 396 -13.32 52.82 35.23
C VAL D 396 -12.18 51.84 35.54
N MET D 397 -11.09 52.36 36.11
CA MET D 397 -9.96 51.50 36.52
C MET D 397 -10.40 50.48 37.56
N LEU D 398 -11.23 50.91 38.51
CA LEU D 398 -11.80 50.04 39.54
C LEU D 398 -12.65 48.93 38.93
N SER D 399 -13.48 49.30 37.95
CA SER D 399 -14.30 48.34 37.21
C SER D 399 -13.43 47.25 36.57
N PHE D 400 -12.28 47.64 36.00
CA PHE D 400 -11.35 46.70 35.38
C PHE D 400 -10.70 45.73 36.39
N LEU D 401 -10.51 46.19 37.63
CA LEU D 401 -10.04 45.32 38.70
C LEU D 401 -11.07 44.23 39.02
N ILE D 402 -12.36 44.60 39.02
CA ILE D 402 -13.46 43.63 39.17
C ILE D 402 -13.40 42.64 37.99
N PHE D 403 -13.30 43.19 36.79
CA PHE D 403 -13.37 42.46 35.51
C PHE D 403 -12.24 41.46 35.34
N SER D 404 -11.06 41.79 35.86
CA SER D 404 -9.90 40.90 35.80
C SER D 404 -10.11 39.62 36.60
N GLY D 405 -10.92 39.70 37.64
CA GLY D 405 -11.15 38.59 38.56
C GLY D 405 -9.94 38.33 39.43
N PHE D 406 -9.08 39.34 39.58
CA PHE D 406 -7.99 39.26 40.53
C PHE D 406 -8.53 39.33 41.95
N LEU D 407 -9.65 40.04 42.12
CA LEU D 407 -10.34 40.14 43.41
C LEU D 407 -10.83 38.78 43.88
N ASN D 408 -11.27 37.95 42.94
CA ASN D 408 -11.57 36.54 43.19
C ASN D 408 -10.35 35.77 43.71
N ASP D 409 -9.17 36.10 43.17
CA ASP D 409 -7.91 35.49 43.65
C ASP D 409 -7.52 35.99 45.03
N LEU D 410 -7.68 37.30 45.25
CA LEU D 410 -7.33 37.95 46.51
C LEU D 410 -8.23 37.55 47.67
N TRP D 411 -9.51 37.32 47.37
CA TRP D 411 -10.51 37.02 48.39
C TRP D 411 -10.83 35.52 48.54
N PHE D 412 -11.04 34.83 47.41
CA PHE D 412 -11.66 33.49 47.42
C PHE D 412 -10.77 32.26 47.15
N THR D 413 -9.47 32.47 46.89
CA THR D 413 -8.49 31.36 46.75
C THR D 413 -8.44 30.43 47.99
N LYS D 414 -9.04 30.88 49.09
CA LYS D 414 -9.29 30.08 50.30
C LYS D 414 -10.21 28.88 50.04
#